data_7M3I
#
_entry.id   7M3I
#
_cell.length_a   86.371
_cell.length_b   127.519
_cell.length_c   155.672
_cell.angle_alpha   90.000
_cell.angle_beta   90.000
_cell.angle_gamma   90.000
#
_symmetry.space_group_name_H-M   'P 21 21 21'
#
loop_
_entity.id
_entity.type
_entity.pdbx_description
1 polymer 'CV2-75 Fab Heavy chain'
2 polymer 'CV2-75 Fab Light chain'
3 polymer 'Spike protein S1'
4 non-polymer 2-acetamido-2-deoxy-beta-D-glucopyranose
5 water water
#
loop_
_entity_poly.entity_id
_entity_poly.type
_entity_poly.pdbx_seq_one_letter_code
_entity_poly.pdbx_strand_id
1 'polypeptide(L)'
;(PCA)VQLQESGPGLVKPSETLSLTCTVSGGSISSYYWSWIRQPPGKGLEWIGYVYYSGSTNYNPSLKSRVTISVDTSKN
EFSLKLSSVTAADTAVYYCASSQRPDGNLYYFDYWGQGTLVTVSSASTKGPSVFPLAPSSKSTSGGTAALGCLVKDYFPE
PVTVSWNSGALTSGVHTFPAVLQSSGLYSLSSVVTVPSSSLGTQTYICNVNHKPSNTKVDKKVEPKSCDKT
;
A,H
2 'polypeptide(L)'
;SYVLTQPPSVSVAPGQTARITCGGNNIGSKTVHWYQQKPGQAPVLVVYDDSDRPSGIPERFSGSNSGNTATLTISRVEAG
DEADYYCQVWDSSSDHYVFGTGTKVTVLGQPKAAPSVTLFPPSSEELQANKATLVCLISDFYPGAVTVAWKADSSPVKAG
VETTTPSKQSNNKYAASSYLSLTPEQWKSHRSYSCQVTHEGSTVEKTVAPTECS
;
B,L
3 'polypeptide(L)'
;RVQPTESIVRFPNITNLCPFGEVFNATRFASVYAWNRKRISNCVADYSVLYNSASFSTFKCYGVSPTKLNDLCFTNVYAD
SFVIRGDEVRQIAPGQTGKIADYNYKLPDDFTGCVIAWNSNNLDSKVGGNYNYLYRLFRKSNLKPFERDISTEIYQAGST
PCNGVEGFNCYFPLQSYGFQPTNGVGYQPYRVVVLSFELLHAPATVCGPKKSTNLVKNKCVNFNFNGLTGTGVLTESNKK
FLPFQQFGRDIADTTDAVRDPQTLEILDITPCS
;
C,R
#
loop_
_chem_comp.id
_chem_comp.type
_chem_comp.name
_chem_comp.formula
NAG D-saccharide, beta linking 2-acetamido-2-deoxy-beta-D-glucopyranose 'C8 H15 N O6'
#
# COMPACT_ATOMS: atom_id res chain seq x y z
N PCA A 1 34.03 -16.86 -24.71
CA PCA A 1 32.70 -16.75 -24.12
CB PCA A 1 32.59 -15.47 -23.31
CG PCA A 1 33.66 -14.54 -23.87
CD PCA A 1 34.57 -15.51 -24.57
OE PCA A 1 35.69 -15.18 -24.94
C PCA A 1 31.61 -16.78 -25.17
O PCA A 1 31.71 -17.45 -26.20
N VAL A 2 30.60 -15.92 -25.02
CA VAL A 2 29.51 -15.85 -25.97
C VAL A 2 29.91 -15.04 -27.21
N GLN A 3 29.78 -15.65 -28.38
CA GLN A 3 30.07 -14.98 -29.64
C GLN A 3 28.83 -15.13 -30.52
N LEU A 4 28.48 -14.07 -31.22
CA LEU A 4 27.33 -14.06 -32.12
C LEU A 4 27.78 -13.94 -33.56
N GLN A 5 27.11 -14.67 -34.46
CA GLN A 5 27.44 -14.66 -35.87
C GLN A 5 26.15 -14.59 -36.67
N GLU A 6 25.99 -13.51 -37.45
CA GLU A 6 24.82 -13.36 -38.30
C GLU A 6 24.96 -14.23 -39.56
N SER A 7 23.81 -14.49 -40.19
CA SER A 7 23.75 -15.17 -41.47
C SER A 7 22.48 -14.75 -42.19
N GLY A 8 22.55 -14.63 -43.50
CA GLY A 8 21.42 -14.22 -44.28
C GLY A 8 21.80 -13.81 -45.68
N PRO A 9 20.81 -13.60 -46.53
CA PRO A 9 21.11 -13.21 -47.92
C PRO A 9 21.62 -11.79 -47.97
N GLY A 10 22.49 -11.53 -48.94
CA GLY A 10 23.03 -10.20 -49.13
C GLY A 10 22.24 -9.34 -50.10
N LEU A 11 21.18 -9.87 -50.67
CA LEU A 11 20.40 -9.17 -51.69
C LEU A 11 18.92 -9.52 -51.53
N VAL A 12 18.07 -8.50 -51.56
CA VAL A 12 16.63 -8.64 -51.41
C VAL A 12 15.95 -7.78 -52.48
N LYS A 13 14.83 -8.26 -53.00
CA LYS A 13 14.11 -7.50 -54.01
C LYS A 13 13.32 -6.38 -53.35
N PRO A 14 13.06 -5.28 -54.07
CA PRO A 14 12.44 -4.10 -53.45
C PRO A 14 11.05 -4.29 -52.86
N SER A 15 10.57 -5.52 -52.75
CA SER A 15 9.24 -5.72 -52.19
C SER A 15 9.09 -7.05 -51.45
N GLU A 16 10.11 -7.90 -51.41
CA GLU A 16 10.02 -9.16 -50.70
C GLU A 16 10.42 -8.97 -49.24
N THR A 17 10.33 -10.05 -48.46
CA THR A 17 10.62 -10.00 -47.04
C THR A 17 12.05 -10.45 -46.77
N LEU A 18 12.71 -9.74 -45.86
CA LEU A 18 14.09 -10.03 -45.49
C LEU A 18 14.12 -11.01 -44.32
N SER A 19 14.98 -12.03 -44.42
CA SER A 19 15.10 -13.07 -43.41
C SER A 19 16.56 -13.15 -42.97
N LEU A 20 16.81 -12.99 -41.67
CA LEU A 20 18.14 -13.12 -41.11
C LEU A 20 18.13 -14.12 -39.96
N THR A 21 19.32 -14.59 -39.59
CA THR A 21 19.45 -15.52 -38.49
C THR A 21 20.76 -15.25 -37.76
N CYS A 22 20.70 -15.18 -36.44
CA CYS A 22 21.88 -14.97 -35.61
C CYS A 22 22.13 -16.26 -34.83
N THR A 23 23.25 -16.92 -35.11
CA THR A 23 23.60 -18.15 -34.43
C THR A 23 24.50 -17.80 -33.25
N VAL A 24 24.04 -18.10 -32.03
CA VAL A 24 24.81 -17.84 -30.82
C VAL A 24 25.56 -19.10 -30.44
N SER A 25 26.83 -18.95 -30.09
CA SER A 25 27.68 -20.05 -29.69
C SER A 25 28.44 -19.67 -28.43
N GLY A 26 28.98 -20.68 -27.75
CA GLY A 26 29.68 -20.47 -26.50
C GLY A 26 28.80 -20.32 -25.28
N GLY A 27 27.50 -20.12 -25.46
CA GLY A 27 26.61 -19.98 -24.32
C GLY A 27 25.21 -20.48 -24.61
N SER A 28 24.22 -19.97 -23.88
CA SER A 28 22.85 -20.39 -24.02
C SER A 28 21.95 -19.17 -24.28
N ILE A 29 20.79 -19.44 -24.87
CA ILE A 29 19.81 -18.40 -25.11
C ILE A 29 19.01 -18.08 -23.85
N SER A 30 18.92 -19.03 -22.92
CA SER A 30 17.98 -18.95 -21.81
C SER A 30 18.15 -17.66 -21.00
N SER A 31 17.04 -16.95 -20.80
CA SER A 31 16.91 -15.90 -19.79
C SER A 31 17.66 -14.62 -20.16
N TYR A 32 17.71 -14.28 -21.44
CA TYR A 32 18.33 -13.04 -21.87
C TYR A 32 17.51 -12.43 -23.00
N TYR A 33 17.81 -11.16 -23.30
CA TYR A 33 17.15 -10.41 -24.36
C TYR A 33 18.10 -10.30 -25.54
N TRP A 34 17.65 -10.78 -26.70
CA TRP A 34 18.48 -10.83 -27.90
C TRP A 34 17.93 -9.85 -28.92
N SER A 35 18.74 -8.87 -29.30
CA SER A 35 18.29 -7.73 -30.08
C SER A 35 18.84 -7.76 -31.50
N TRP A 36 18.22 -6.96 -32.37
CA TRP A 36 18.69 -6.71 -33.72
C TRP A 36 18.90 -5.22 -33.91
N ILE A 37 20.04 -4.85 -34.49
CA ILE A 37 20.42 -3.47 -34.72
C ILE A 37 20.95 -3.35 -36.14
N ARG A 38 20.58 -2.28 -36.83
CA ARG A 38 21.05 -2.07 -38.19
C ARG A 38 21.70 -0.71 -38.34
N GLN A 39 22.53 -0.59 -39.36
CA GLN A 39 23.24 0.65 -39.64
C GLN A 39 23.40 0.86 -41.13
N PRO A 40 22.67 1.80 -41.72
CA PRO A 40 22.84 2.10 -43.14
C PRO A 40 24.25 2.58 -43.43
N PRO A 41 24.73 2.41 -44.66
CA PRO A 41 26.12 2.79 -44.97
C PRO A 41 26.35 4.27 -44.70
N GLY A 42 27.36 4.56 -43.88
CA GLY A 42 27.72 5.93 -43.53
C GLY A 42 26.76 6.61 -42.58
N LYS A 43 25.76 5.91 -42.07
CA LYS A 43 24.76 6.47 -41.19
C LYS A 43 24.90 5.88 -39.79
N GLY A 44 23.95 6.21 -38.91
CA GLY A 44 24.02 5.83 -37.52
C GLY A 44 23.35 4.50 -37.24
N LEU A 45 23.47 4.08 -35.98
CA LEU A 45 22.87 2.83 -35.52
C LEU A 45 21.39 3.02 -35.23
N GLU A 46 20.61 1.99 -35.53
CA GLU A 46 19.16 2.01 -35.28
C GLU A 46 18.75 0.66 -34.70
N TRP A 47 18.17 0.70 -33.51
CA TRP A 47 17.67 -0.50 -32.85
C TRP A 47 16.37 -0.94 -33.51
N ILE A 48 16.24 -2.23 -33.77
CA ILE A 48 15.06 -2.80 -34.44
C ILE A 48 14.10 -3.42 -33.43
N GLY A 49 14.64 -4.24 -32.54
CA GLY A 49 13.81 -4.95 -31.57
C GLY A 49 14.60 -6.06 -30.93
N TYR A 50 13.95 -6.73 -29.97
CA TYR A 50 14.56 -7.86 -29.30
C TYR A 50 13.58 -9.03 -29.25
N VAL A 51 14.06 -10.16 -28.72
CA VAL A 51 13.22 -11.32 -28.45
C VAL A 51 13.66 -11.92 -27.11
N TYR A 52 12.71 -12.10 -26.21
CA TYR A 52 12.94 -12.75 -24.93
C TYR A 52 12.84 -14.25 -25.09
N TYR A 53 13.53 -14.98 -24.22
CA TYR A 53 13.56 -16.43 -24.39
C TYR A 53 12.19 -17.08 -24.22
N SER A 54 11.20 -16.37 -23.70
CA SER A 54 9.83 -16.86 -23.72
C SER A 54 9.18 -16.77 -25.09
N GLY A 55 9.71 -15.93 -25.96
CA GLY A 55 9.10 -15.64 -27.25
C GLY A 55 8.48 -14.27 -27.35
N SER A 56 8.37 -13.54 -26.24
CA SER A 56 7.83 -12.19 -26.27
C SER A 56 8.78 -11.24 -26.97
N THR A 57 8.21 -10.23 -27.64
CA THR A 57 8.97 -9.33 -28.48
C THR A 57 8.62 -7.88 -28.16
N ASN A 58 9.56 -6.99 -28.46
CA ASN A 58 9.35 -5.55 -28.43
C ASN A 58 10.11 -4.96 -29.59
N TYR A 59 9.45 -4.13 -30.40
CA TYR A 59 10.01 -3.63 -31.64
C TYR A 59 10.12 -2.11 -31.62
N ASN A 60 10.97 -1.61 -32.51
CA ASN A 60 11.01 -0.19 -32.80
C ASN A 60 9.63 0.26 -33.29
N PRO A 61 9.04 1.29 -32.69
CA PRO A 61 7.72 1.76 -33.17
C PRO A 61 7.71 2.13 -34.64
N SER A 62 8.84 2.57 -35.19
CA SER A 62 8.91 2.88 -36.60
C SER A 62 8.85 1.62 -37.46
N LEU A 63 9.28 0.48 -36.92
CA LEU A 63 9.36 -0.75 -37.70
C LEU A 63 8.44 -1.84 -37.16
N LYS A 64 7.47 -1.47 -36.33
CA LYS A 64 6.65 -2.47 -35.66
C LYS A 64 5.83 -3.29 -36.65
N SER A 65 5.31 -2.64 -37.69
CA SER A 65 4.42 -3.32 -38.63
C SER A 65 5.16 -4.26 -39.58
N ARG A 66 6.48 -4.12 -39.70
CA ARG A 66 7.25 -4.88 -40.67
C ARG A 66 8.23 -5.87 -40.06
N VAL A 67 8.42 -5.84 -38.74
CA VAL A 67 9.46 -6.64 -38.09
C VAL A 67 8.84 -7.85 -37.43
N THR A 68 9.48 -9.01 -37.58
CA THR A 68 9.16 -10.21 -36.83
C THR A 68 10.45 -10.83 -36.34
N ILE A 69 10.58 -10.99 -35.03
CA ILE A 69 11.76 -11.57 -34.40
C ILE A 69 11.34 -12.83 -33.65
N SER A 70 11.92 -13.97 -34.05
CA SER A 70 11.61 -15.25 -33.42
C SER A 70 12.85 -15.79 -32.74
N VAL A 71 12.65 -16.80 -31.89
CA VAL A 71 13.75 -17.44 -31.17
C VAL A 71 13.54 -18.96 -31.21
N ASP A 72 14.63 -19.70 -31.33
CA ASP A 72 14.61 -21.15 -31.32
C ASP A 72 15.61 -21.61 -30.26
N THR A 73 15.10 -21.96 -29.08
CA THR A 73 15.98 -22.37 -27.99
C THR A 73 16.65 -23.71 -28.27
N SER A 74 15.95 -24.62 -28.95
CA SER A 74 16.51 -25.94 -29.24
C SER A 74 17.58 -25.90 -30.33
N LYS A 75 17.78 -24.77 -30.99
CA LYS A 75 18.84 -24.62 -31.97
C LYS A 75 19.82 -23.50 -31.61
N ASN A 76 19.61 -22.83 -30.48
CA ASN A 76 20.50 -21.80 -29.97
C ASN A 76 20.67 -20.66 -30.97
N GLU A 77 19.54 -20.11 -31.43
CA GLU A 77 19.58 -19.03 -32.40
C GLU A 77 18.26 -18.28 -32.37
N PHE A 78 18.29 -17.04 -32.86
CA PHE A 78 17.08 -16.24 -33.04
C PHE A 78 17.15 -15.55 -34.39
N SER A 79 15.98 -15.34 -35.00
CA SER A 79 15.89 -14.89 -36.38
C SER A 79 15.15 -13.56 -36.48
N LEU A 80 15.21 -12.97 -37.68
CA LEU A 80 14.58 -11.69 -37.98
C LEU A 80 13.89 -11.77 -39.33
N LYS A 81 12.67 -11.24 -39.40
CA LYS A 81 11.92 -11.13 -40.65
C LYS A 81 11.44 -9.70 -40.81
N LEU A 82 11.78 -9.07 -41.93
CA LEU A 82 11.42 -7.69 -42.21
C LEU A 82 10.65 -7.65 -43.54
N SER A 83 9.35 -7.41 -43.46
CA SER A 83 8.50 -7.46 -44.64
C SER A 83 8.53 -6.13 -45.39
N SER A 84 8.13 -6.19 -46.67
CA SER A 84 7.93 -5.04 -47.54
C SER A 84 9.09 -4.04 -47.46
N VAL A 85 10.27 -4.52 -47.81
CA VAL A 85 11.48 -3.72 -47.68
C VAL A 85 11.49 -2.62 -48.74
N THR A 86 12.37 -1.65 -48.54
CA THR A 86 12.52 -0.52 -49.45
C THR A 86 14.00 -0.18 -49.54
N ALA A 87 14.32 0.76 -50.43
CA ALA A 87 15.71 1.19 -50.60
C ALA A 87 16.31 1.69 -49.28
N ALA A 88 15.50 2.31 -48.42
CA ALA A 88 16.00 2.80 -47.14
C ALA A 88 16.36 1.67 -46.17
N ASP A 89 16.14 0.41 -46.54
CA ASP A 89 16.43 -0.73 -45.68
C ASP A 89 17.79 -1.36 -45.96
N THR A 90 18.56 -0.81 -46.90
CA THR A 90 19.93 -1.26 -47.09
C THR A 90 20.76 -0.86 -45.89
N ALA A 91 21.34 -1.84 -45.20
CA ALA A 91 22.07 -1.58 -43.97
C ALA A 91 22.87 -2.82 -43.59
N VAL A 92 23.82 -2.61 -42.68
CA VAL A 92 24.53 -3.70 -42.03
C VAL A 92 23.74 -4.07 -40.79
N TYR A 93 23.26 -5.30 -40.73
CA TYR A 93 22.40 -5.76 -39.64
C TYR A 93 23.25 -6.51 -38.62
N TYR A 94 23.27 -6.02 -37.37
CA TYR A 94 23.97 -6.68 -36.29
C TYR A 94 22.96 -7.35 -35.36
N CYS A 95 23.39 -8.42 -34.70
CA CYS A 95 22.67 -8.95 -33.56
C CYS A 95 23.50 -8.71 -32.29
N ALA A 96 22.81 -8.32 -31.22
CA ALA A 96 23.50 -7.95 -30.00
C ALA A 96 22.66 -8.34 -28.79
N SER A 97 23.33 -8.51 -27.66
CA SER A 97 22.65 -8.86 -26.43
C SER A 97 23.58 -8.53 -25.26
N SER A 98 23.10 -8.81 -24.05
CA SER A 98 23.88 -8.63 -22.84
C SER A 98 23.24 -9.49 -21.74
N GLN A 99 23.79 -9.39 -20.54
CA GLN A 99 23.25 -10.08 -19.38
C GLN A 99 22.40 -9.17 -18.51
N ARG A 100 22.05 -7.96 -19.00
CA ARG A 100 21.31 -6.95 -18.28
C ARG A 100 19.81 -7.08 -18.50
N PRO A 101 18.99 -6.66 -17.52
CA PRO A 101 17.54 -6.73 -17.69
C PRO A 101 17.07 -5.73 -18.72
N ASP A 102 15.82 -5.94 -19.17
CA ASP A 102 15.18 -5.03 -20.10
C ASP A 102 14.96 -3.67 -19.46
N GLY A 103 15.45 -2.61 -20.10
CA GLY A 103 15.19 -1.26 -19.65
C GLY A 103 16.32 -0.61 -18.87
N ASN A 104 16.62 0.65 -19.20
CA ASN A 104 17.56 1.50 -18.45
C ASN A 104 18.96 0.89 -18.37
N LEU A 105 19.07 -0.27 -17.71
CA LEU A 105 20.35 -0.93 -17.54
C LEU A 105 20.76 -1.78 -18.73
N TYR A 106 19.88 -1.94 -19.72
CA TYR A 106 20.20 -2.78 -20.86
C TYR A 106 21.18 -2.07 -21.78
N TYR A 107 22.23 -2.80 -22.17
CA TYR A 107 23.21 -2.30 -23.15
C TYR A 107 23.53 -3.44 -24.12
N PHE A 108 24.50 -3.20 -25.00
CA PHE A 108 24.94 -4.19 -25.97
C PHE A 108 26.45 -4.37 -25.87
N ASP A 109 26.91 -5.41 -25.16
CA ASP A 109 28.33 -5.71 -25.13
C ASP A 109 28.71 -6.95 -25.91
N TYR A 110 27.75 -7.81 -26.25
CA TYR A 110 27.95 -8.93 -27.15
C TYR A 110 27.44 -8.52 -28.52
N TRP A 111 28.35 -8.37 -29.47
CA TRP A 111 27.98 -7.95 -30.82
C TRP A 111 28.39 -9.02 -31.82
N GLY A 112 27.67 -9.06 -32.94
CA GLY A 112 28.08 -9.88 -34.07
C GLY A 112 28.90 -9.09 -35.05
N GLN A 113 29.35 -9.77 -36.10
CA GLN A 113 30.18 -9.12 -37.11
C GLN A 113 29.34 -8.25 -38.04
N GLY A 114 28.08 -8.61 -38.25
CA GLY A 114 27.21 -7.84 -39.11
C GLY A 114 27.23 -8.31 -40.55
N THR A 115 26.05 -8.53 -41.12
CA THR A 115 25.89 -8.95 -42.50
C THR A 115 25.18 -7.84 -43.27
N LEU A 116 25.74 -7.46 -44.42
CA LEU A 116 25.16 -6.41 -45.24
C LEU A 116 24.02 -6.97 -46.08
N VAL A 117 22.89 -6.25 -46.09
CA VAL A 117 21.73 -6.60 -46.90
C VAL A 117 21.48 -5.44 -47.86
N THR A 118 21.40 -5.75 -49.15
CA THR A 118 21.17 -4.78 -50.19
C THR A 118 19.81 -5.01 -50.83
N VAL A 119 19.05 -3.94 -51.00
CA VAL A 119 17.76 -4.02 -51.67
C VAL A 119 17.95 -3.37 -53.05
N SER A 120 17.91 -4.20 -54.07
CA SER A 120 18.16 -3.78 -55.44
C SER A 120 17.09 -4.41 -56.33
N SER A 121 16.85 -3.74 -57.47
CA SER A 121 15.75 -4.16 -58.35
C SER A 121 16.03 -5.53 -58.96
N ALA A 122 17.29 -5.81 -59.34
CA ALA A 122 17.60 -7.07 -59.99
C ALA A 122 19.10 -7.24 -60.23
N SER A 123 19.44 -8.35 -60.91
CA SER A 123 20.76 -8.65 -61.45
C SER A 123 21.83 -8.92 -60.40
N THR A 124 21.77 -10.09 -59.77
CA THR A 124 22.88 -10.58 -58.97
C THR A 124 23.92 -11.20 -59.89
N LYS A 125 25.20 -10.97 -59.59
CA LYS A 125 26.26 -11.45 -60.47
C LYS A 125 27.54 -11.71 -59.69
N GLY A 126 28.22 -12.80 -60.03
CA GLY A 126 29.49 -13.16 -59.44
C GLY A 126 30.66 -12.43 -60.07
N PRO A 127 31.79 -12.41 -59.37
CA PRO A 127 32.95 -11.65 -59.85
C PRO A 127 33.84 -12.44 -60.79
N SER A 128 34.67 -11.70 -61.52
CA SER A 128 35.69 -12.28 -62.39
C SER A 128 37.04 -11.89 -61.81
N VAL A 129 37.88 -12.89 -61.53
CA VAL A 129 39.15 -12.66 -60.84
C VAL A 129 40.28 -12.70 -61.86
N PHE A 130 41.22 -11.77 -61.72
CA PHE A 130 42.36 -11.68 -62.60
C PHE A 130 43.62 -11.46 -61.78
N PRO A 131 44.72 -12.12 -62.13
CA PRO A 131 45.96 -11.97 -61.37
C PRO A 131 46.68 -10.67 -61.73
N LEU A 132 47.17 -9.98 -60.70
CA LEU A 132 47.96 -8.76 -60.87
C LEU A 132 49.42 -9.13 -60.71
N ALA A 133 50.09 -9.37 -61.83
CA ALA A 133 51.46 -9.86 -61.80
C ALA A 133 52.39 -8.86 -61.12
N PRO A 134 53.37 -9.33 -60.36
CA PRO A 134 54.26 -8.40 -59.67
C PRO A 134 55.18 -7.66 -60.63
N SER A 135 55.69 -6.53 -60.15
CA SER A 135 56.54 -5.67 -60.98
C SER A 135 57.80 -6.42 -61.41
N SER A 136 58.46 -5.89 -62.43
CA SER A 136 59.71 -6.45 -62.90
C SER A 136 60.71 -6.53 -61.75
N LYS A 137 61.26 -7.72 -61.52
CA LYS A 137 62.15 -7.97 -60.39
C LYS A 137 63.33 -7.00 -60.37
N SER A 138 63.24 -6.01 -59.49
CA SER A 138 64.31 -5.04 -59.27
C SER A 138 65.07 -5.28 -57.98
N THR A 139 64.36 -5.68 -56.91
CA THR A 139 64.97 -6.04 -55.63
C THR A 139 65.87 -4.93 -55.08
N SER A 140 65.50 -3.67 -55.35
CA SER A 140 66.22 -2.54 -54.77
C SER A 140 66.01 -2.54 -53.26
N GLY A 141 64.77 -2.33 -52.83
CA GLY A 141 64.38 -2.46 -51.46
C GLY A 141 63.91 -3.85 -51.06
N GLY A 142 63.88 -4.77 -52.02
CA GLY A 142 63.44 -6.13 -51.72
C GLY A 142 61.97 -6.26 -51.46
N THR A 143 61.16 -5.30 -51.90
CA THR A 143 59.71 -5.30 -51.68
C THR A 143 59.01 -5.24 -53.02
N ALA A 144 58.39 -6.35 -53.42
CA ALA A 144 57.59 -6.41 -54.64
C ALA A 144 56.14 -6.08 -54.28
N ALA A 145 55.24 -6.26 -55.24
CA ALA A 145 53.83 -5.96 -55.02
C ALA A 145 53.00 -6.77 -56.00
N LEU A 146 52.21 -7.70 -55.49
CA LEU A 146 51.33 -8.54 -56.30
C LEU A 146 49.94 -8.54 -55.69
N GLY A 147 48.94 -8.76 -56.54
CA GLY A 147 47.58 -8.73 -56.05
C GLY A 147 46.63 -9.46 -56.97
N CYS A 148 45.35 -9.35 -56.64
CA CYS A 148 44.26 -9.92 -57.42
C CYS A 148 43.25 -8.84 -57.73
N LEU A 149 42.59 -8.98 -58.88
CA LEU A 149 41.59 -8.03 -59.34
C LEU A 149 40.25 -8.74 -59.48
N VAL A 150 39.29 -8.40 -58.61
CA VAL A 150 37.93 -8.93 -58.70
C VAL A 150 37.08 -7.82 -59.30
N LYS A 151 36.59 -8.03 -60.51
CA LYS A 151 35.91 -6.98 -61.26
C LYS A 151 34.48 -7.39 -61.56
N ASP A 152 33.57 -6.40 -61.52
CA ASP A 152 32.20 -6.57 -61.97
C ASP A 152 31.47 -7.65 -61.18
N TYR A 153 31.07 -7.32 -59.95
CA TYR A 153 30.25 -8.22 -59.15
C TYR A 153 29.16 -7.42 -58.48
N PHE A 154 28.18 -8.13 -57.93
CA PHE A 154 27.07 -7.51 -57.23
C PHE A 154 26.29 -8.56 -56.44
N PRO A 155 25.92 -8.27 -55.19
CA PRO A 155 26.29 -7.03 -54.51
C PRO A 155 27.43 -7.24 -53.52
N GLU A 156 27.64 -6.26 -52.64
CA GLU A 156 28.59 -6.39 -51.56
C GLU A 156 28.15 -7.51 -50.61
N PRO A 157 29.10 -8.10 -49.86
CA PRO A 157 30.54 -7.83 -49.89
C PRO A 157 31.37 -8.93 -50.57
N VAL A 158 32.67 -8.69 -50.63
CA VAL A 158 33.64 -9.66 -51.12
C VAL A 158 34.75 -9.80 -50.08
N THR A 159 35.02 -11.05 -49.67
CA THR A 159 36.04 -11.35 -48.68
C THR A 159 37.19 -12.06 -49.37
N VAL A 160 38.37 -11.46 -49.34
CA VAL A 160 39.54 -12.02 -50.01
C VAL A 160 40.65 -12.26 -48.97
N SER A 161 41.29 -13.42 -49.06
CA SER A 161 42.43 -13.78 -48.22
C SER A 161 43.56 -14.25 -49.11
N TRP A 162 44.70 -14.57 -48.49
CA TRP A 162 45.88 -15.00 -49.23
C TRP A 162 46.45 -16.25 -48.60
N ASN A 163 46.72 -17.25 -49.44
CA ASN A 163 47.21 -18.56 -49.01
C ASN A 163 46.32 -19.17 -47.95
N SER A 164 45.02 -19.22 -48.26
CA SER A 164 44.00 -19.84 -47.40
C SER A 164 44.10 -19.38 -45.95
N GLY A 165 44.49 -18.12 -45.74
CA GLY A 165 44.65 -17.55 -44.43
C GLY A 165 46.06 -17.59 -43.88
N ALA A 166 47.00 -18.21 -44.57
CA ALA A 166 48.39 -18.23 -44.12
C ALA A 166 49.00 -16.85 -44.27
N LEU A 167 49.16 -16.38 -45.50
CA LEU A 167 49.78 -15.08 -45.76
C LEU A 167 48.84 -13.97 -45.29
N THR A 168 49.25 -13.27 -44.23
CA THR A 168 48.50 -12.14 -43.70
C THR A 168 49.34 -10.89 -43.52
N SER A 169 50.67 -10.99 -43.50
CA SER A 169 51.50 -9.82 -43.26
C SER A 169 51.56 -8.96 -44.51
N GLY A 170 51.43 -7.65 -44.31
CA GLY A 170 51.54 -6.71 -45.40
C GLY A 170 50.44 -6.78 -46.43
N VAL A 171 49.33 -7.47 -46.13
CA VAL A 171 48.22 -7.54 -47.07
C VAL A 171 47.35 -6.30 -46.89
N HIS A 172 46.81 -5.80 -48.00
CA HIS A 172 45.92 -4.64 -47.94
C HIS A 172 44.83 -4.83 -48.99
N THR A 173 43.59 -4.96 -48.55
CA THR A 173 42.43 -5.01 -49.45
C THR A 173 41.79 -3.63 -49.51
N PHE A 174 41.47 -3.21 -50.69
CA PHE A 174 40.92 -1.88 -50.88
C PHE A 174 39.40 -1.91 -50.99
N PRO A 175 38.74 -0.82 -50.64
CA PRO A 175 37.28 -0.75 -50.83
C PRO A 175 36.92 -0.77 -52.31
N ALA A 176 35.71 -1.25 -52.59
CA ALA A 176 35.24 -1.44 -53.95
C ALA A 176 34.82 -0.11 -54.57
N VAL A 177 34.70 -0.12 -55.90
CA VAL A 177 34.22 1.03 -56.66
C VAL A 177 32.81 0.74 -57.16
N LEU A 178 31.94 1.73 -57.10
CA LEU A 178 30.60 1.62 -57.65
C LEU A 178 30.68 2.13 -59.09
N GLN A 179 30.69 1.20 -60.03
CA GLN A 179 30.80 1.57 -61.44
C GLN A 179 29.49 2.15 -61.95
N SER A 180 29.57 2.82 -63.09
CA SER A 180 28.36 3.39 -63.71
C SER A 180 27.38 2.29 -64.08
N SER A 181 27.87 1.11 -64.46
CA SER A 181 26.99 0.00 -64.78
C SER A 181 26.18 -0.45 -63.58
N GLY A 182 26.71 -0.28 -62.37
CA GLY A 182 26.05 -0.73 -61.16
C GLY A 182 26.75 -1.88 -60.46
N LEU A 183 27.87 -2.34 -60.97
CA LEU A 183 28.61 -3.44 -60.37
C LEU A 183 29.83 -2.91 -59.62
N TYR A 184 30.28 -3.71 -58.65
CA TYR A 184 31.42 -3.33 -57.83
C TYR A 184 32.69 -4.02 -58.32
N SER A 185 33.83 -3.42 -57.98
CA SER A 185 35.14 -3.95 -58.32
C SER A 185 36.14 -3.45 -57.29
N LEU A 186 36.96 -4.37 -56.79
CA LEU A 186 37.99 -4.01 -55.83
C LEU A 186 39.28 -4.73 -56.17
N SER A 187 40.36 -4.27 -55.57
CA SER A 187 41.65 -4.91 -55.69
C SER A 187 42.15 -5.27 -54.30
N SER A 188 43.02 -6.28 -54.25
CA SER A 188 43.64 -6.72 -53.01
C SER A 188 45.09 -7.01 -53.32
N VAL A 189 46.00 -6.29 -52.66
CA VAL A 189 47.42 -6.39 -52.92
C VAL A 189 48.14 -6.62 -51.60
N VAL A 190 49.15 -7.48 -51.63
CA VAL A 190 50.04 -7.72 -50.51
C VAL A 190 51.46 -7.44 -50.96
N THR A 191 52.22 -6.69 -50.16
CA THR A 191 53.61 -6.46 -50.53
C THR A 191 54.39 -7.71 -50.16
N VAL A 192 55.30 -8.11 -51.05
CA VAL A 192 55.97 -9.40 -50.93
C VAL A 192 57.48 -9.23 -50.98
N PRO A 193 58.24 -9.89 -50.09
CA PRO A 193 59.69 -9.87 -50.24
C PRO A 193 60.10 -10.59 -51.51
N SER A 194 60.56 -9.82 -52.48
CA SER A 194 60.92 -10.27 -53.82
C SER A 194 61.95 -11.40 -53.85
N SER A 195 62.43 -11.85 -52.69
CA SER A 195 63.39 -12.94 -52.70
C SER A 195 62.72 -14.29 -52.86
N SER A 196 61.46 -14.42 -52.45
CA SER A 196 60.70 -15.64 -52.65
C SER A 196 59.68 -15.50 -53.77
N LEU A 197 60.01 -14.73 -54.81
CA LEU A 197 59.05 -14.52 -55.89
C LEU A 197 58.98 -15.68 -56.88
N GLY A 198 60.03 -16.51 -56.95
CA GLY A 198 60.05 -17.65 -57.85
C GLY A 198 59.93 -19.00 -57.20
N THR A 199 59.66 -19.05 -55.90
CA THR A 199 59.55 -20.28 -55.13
C THR A 199 58.27 -20.34 -54.30
N GLN A 200 57.87 -19.22 -53.69
CA GLN A 200 56.65 -19.18 -52.87
C GLN A 200 55.45 -18.93 -53.77
N THR A 201 54.59 -19.93 -53.92
CA THR A 201 53.34 -19.75 -54.66
C THR A 201 52.38 -18.85 -53.86
N TYR A 202 51.85 -17.83 -54.53
CA TYR A 202 50.95 -16.86 -53.93
C TYR A 202 49.55 -17.03 -54.51
N ILE A 203 48.62 -17.56 -53.72
CA ILE A 203 47.24 -17.75 -54.10
C ILE A 203 46.37 -16.74 -53.38
N CYS A 204 45.34 -16.23 -54.06
CA CYS A 204 44.35 -15.35 -53.45
C CYS A 204 43.00 -16.07 -53.43
N ASN A 205 42.34 -16.06 -52.29
CA ASN A 205 41.07 -16.74 -52.09
C ASN A 205 39.97 -15.68 -51.93
N VAL A 206 39.13 -15.54 -52.96
CA VAL A 206 38.03 -14.59 -52.97
C VAL A 206 36.72 -15.34 -52.79
N ASN A 207 35.80 -14.75 -52.03
CA ASN A 207 34.52 -15.37 -51.73
C ASN A 207 33.41 -14.36 -51.96
N HIS A 208 32.38 -14.76 -52.70
CA HIS A 208 31.21 -13.94 -52.94
C HIS A 208 29.98 -14.72 -52.47
N LYS A 209 29.55 -14.47 -51.24
CA LYS A 209 28.44 -15.22 -50.67
C LYS A 209 27.13 -15.08 -51.45
N PRO A 210 26.70 -13.88 -51.90
CA PRO A 210 25.43 -13.81 -52.64
C PRO A 210 25.42 -14.55 -53.96
N SER A 211 26.57 -15.01 -54.45
CA SER A 211 26.67 -15.74 -55.70
C SER A 211 27.29 -17.11 -55.57
N ASN A 212 27.84 -17.45 -54.39
CA ASN A 212 28.57 -18.69 -54.17
C ASN A 212 29.71 -18.83 -55.17
N THR A 213 30.56 -17.82 -55.21
CA THR A 213 31.74 -17.79 -56.07
C THR A 213 32.96 -17.89 -55.16
N LYS A 214 33.53 -19.09 -55.05
CA LYS A 214 34.70 -19.35 -54.22
C LYS A 214 35.84 -19.67 -55.18
N VAL A 215 36.48 -18.63 -55.68
CA VAL A 215 37.50 -18.74 -56.72
C VAL A 215 38.88 -18.51 -56.10
N ASP A 216 39.81 -19.41 -56.43
CA ASP A 216 41.21 -19.29 -56.04
C ASP A 216 42.03 -19.02 -57.29
N LYS A 217 43.03 -18.14 -57.16
CA LYS A 217 43.82 -17.75 -58.32
C LYS A 217 45.24 -17.42 -57.87
N LYS A 218 46.22 -18.00 -58.55
CA LYS A 218 47.63 -17.76 -58.23
C LYS A 218 48.20 -16.71 -59.16
N VAL A 219 49.22 -15.99 -58.67
CA VAL A 219 49.88 -14.92 -59.41
C VAL A 219 51.34 -15.26 -59.59
N GLU A 220 51.87 -15.01 -60.79
CA GLU A 220 53.27 -15.26 -61.12
C GLU A 220 53.69 -14.30 -62.22
N PRO A 221 54.96 -13.89 -62.27
CA PRO A 221 55.44 -12.94 -63.28
C PRO A 221 55.36 -13.48 -64.70
N SER B 1 8.91 10.42 -31.02
CA SER B 1 10.04 9.55 -30.71
C SER B 1 11.16 10.33 -30.02
N TYR B 2 11.87 9.67 -29.11
CA TYR B 2 12.95 10.33 -28.38
C TYR B 2 14.11 10.60 -29.31
N VAL B 3 14.83 11.69 -29.04
CA VAL B 3 15.91 12.16 -29.89
C VAL B 3 17.14 12.40 -29.03
N LEU B 4 18.26 11.76 -29.40
CA LEU B 4 19.56 12.03 -28.81
C LEU B 4 20.38 12.79 -29.84
N THR B 5 20.84 13.98 -29.48
CA THR B 5 21.54 14.87 -30.39
C THR B 5 23.02 14.91 -30.04
N GLN B 6 23.87 14.63 -31.01
CA GLN B 6 25.32 14.70 -30.89
C GLN B 6 25.90 15.55 -32.00
N PRO B 7 27.06 16.16 -31.77
CA PRO B 7 27.75 16.87 -32.85
C PRO B 7 28.33 15.88 -33.84
N PRO B 8 28.24 16.17 -35.14
CA PRO B 8 28.79 15.23 -36.14
C PRO B 8 30.27 14.97 -35.98
N SER B 9 31.06 15.99 -35.65
CA SER B 9 32.49 15.81 -35.55
C SER B 9 33.06 16.76 -34.51
N VAL B 10 34.06 16.28 -33.76
CA VAL B 10 34.88 17.12 -32.90
C VAL B 10 36.33 16.70 -33.09
N SER B 11 37.25 17.59 -32.70
CA SER B 11 38.67 17.37 -32.93
C SER B 11 39.45 17.79 -31.69
N VAL B 12 40.47 17.01 -31.35
CA VAL B 12 41.30 17.26 -30.17
C VAL B 12 42.76 16.96 -30.48
N ALA B 13 43.68 17.56 -29.66
CA ALA B 13 45.12 17.38 -29.75
C ALA B 13 45.57 16.14 -28.98
N PRO B 14 46.66 15.48 -29.42
CA PRO B 14 47.11 14.26 -28.75
C PRO B 14 47.60 14.49 -27.32
N GLY B 15 46.80 14.11 -26.34
CA GLY B 15 47.18 14.29 -24.95
C GLY B 15 46.11 14.95 -24.12
N GLN B 16 45.29 15.78 -24.74
CA GLN B 16 44.22 16.49 -24.04
C GLN B 16 43.05 15.54 -23.80
N THR B 17 41.95 16.09 -23.27
CA THR B 17 40.78 15.32 -22.89
C THR B 17 39.64 15.66 -23.85
N ALA B 18 39.28 14.71 -24.71
CA ALA B 18 38.19 14.91 -25.65
C ALA B 18 36.85 14.72 -24.96
N ARG B 19 35.87 15.54 -25.35
CA ARG B 19 34.55 15.50 -24.73
C ARG B 19 33.49 15.45 -25.82
N ILE B 20 32.60 14.45 -25.75
CA ILE B 20 31.51 14.28 -26.69
C ILE B 20 30.20 14.51 -25.94
N THR B 21 29.42 15.48 -26.41
CA THR B 21 28.17 15.85 -25.76
C THR B 21 26.99 15.11 -26.40
N CYS B 22 26.10 14.60 -25.56
CA CYS B 22 24.91 13.86 -25.98
C CYS B 22 23.69 14.50 -25.36
N GLY B 23 22.87 15.17 -26.17
CA GLY B 23 21.76 15.97 -25.69
C GLY B 23 20.43 15.25 -25.77
N GLY B 24 19.61 15.44 -24.74
CA GLY B 24 18.28 14.85 -24.70
C GLY B 24 17.42 15.48 -23.64
N ASN B 25 16.12 15.64 -23.90
CA ASN B 25 15.21 16.29 -22.97
C ASN B 25 15.14 15.53 -21.65
N ASN B 26 15.66 16.12 -20.59
CA ASN B 26 15.74 15.51 -19.26
C ASN B 26 16.39 14.13 -19.35
N ILE B 27 17.60 14.12 -19.93
CA ILE B 27 18.36 12.88 -20.05
C ILE B 27 19.00 12.47 -18.74
N GLY B 28 19.05 13.37 -17.75
CA GLY B 28 19.61 13.02 -16.45
C GLY B 28 18.76 12.05 -15.67
N SER B 29 17.50 11.87 -16.06
CA SER B 29 16.65 10.84 -15.48
C SER B 29 16.69 9.55 -16.27
N LYS B 30 17.67 9.40 -17.17
CA LYS B 30 17.84 8.20 -17.95
C LYS B 30 19.29 7.74 -17.83
N THR B 31 19.51 6.45 -18.09
CA THR B 31 20.83 5.84 -18.01
C THR B 31 21.45 5.80 -19.39
N VAL B 32 22.57 6.50 -19.56
CA VAL B 32 23.24 6.64 -20.85
C VAL B 32 24.37 5.63 -20.96
N HIS B 33 24.46 4.97 -22.12
CA HIS B 33 25.56 4.09 -22.46
C HIS B 33 26.25 4.60 -23.71
N TRP B 34 27.54 4.28 -23.84
CA TRP B 34 28.37 4.76 -24.93
C TRP B 34 28.99 3.60 -25.69
N TYR B 35 29.14 3.78 -27.00
CA TYR B 35 29.69 2.77 -27.88
C TYR B 35 30.75 3.39 -28.79
N GLN B 36 31.86 2.68 -28.95
CA GLN B 36 32.92 3.08 -29.86
C GLN B 36 32.87 2.18 -31.08
N GLN B 37 32.98 2.77 -32.26
CA GLN B 37 32.96 2.03 -33.51
C GLN B 37 34.09 2.53 -34.40
N LYS B 38 35.01 1.65 -34.74
CA LYS B 38 36.11 1.95 -35.62
C LYS B 38 35.82 1.43 -37.03
N PRO B 39 36.46 1.98 -38.06
CA PRO B 39 36.01 1.70 -39.43
C PRO B 39 36.11 0.22 -39.75
N GLY B 40 35.06 -0.30 -40.39
CA GLY B 40 35.01 -1.71 -40.75
C GLY B 40 34.84 -2.67 -39.59
N GLN B 41 34.45 -2.18 -38.43
CA GLN B 41 34.29 -3.00 -37.24
C GLN B 41 32.93 -2.73 -36.61
N ALA B 42 32.51 -3.66 -35.76
CA ALA B 42 31.26 -3.47 -35.03
C ALA B 42 31.47 -2.54 -33.84
N PRO B 43 30.43 -1.84 -33.41
CA PRO B 43 30.56 -1.00 -32.21
C PRO B 43 30.87 -1.85 -30.97
N VAL B 44 31.67 -1.27 -30.07
CA VAL B 44 32.05 -1.92 -28.83
C VAL B 44 31.66 -1.03 -27.67
N LEU B 45 31.04 -1.62 -26.64
CA LEU B 45 30.68 -0.88 -25.45
C LEU B 45 31.93 -0.39 -24.74
N VAL B 46 31.97 0.91 -24.45
CA VAL B 46 33.13 1.51 -23.79
C VAL B 46 32.74 2.12 -22.45
N VAL B 47 31.50 2.59 -22.34
CA VAL B 47 30.99 3.18 -21.10
C VAL B 47 29.57 2.71 -20.88
N TYR B 48 29.29 2.18 -19.69
CA TYR B 48 27.94 1.76 -19.32
C TYR B 48 27.59 2.36 -17.97
N ASP B 49 26.28 2.48 -17.73
CA ASP B 49 25.76 3.05 -16.49
C ASP B 49 26.31 4.45 -16.24
N ASP B 50 26.12 5.33 -17.23
CA ASP B 50 26.51 6.73 -17.16
C ASP B 50 28.03 6.92 -17.13
N SER B 51 28.72 6.19 -16.24
CA SER B 51 30.14 6.46 -15.99
C SER B 51 31.02 5.24 -15.82
N ASP B 52 30.49 4.02 -15.81
CA ASP B 52 31.33 2.86 -15.61
C ASP B 52 31.94 2.40 -16.93
N ARG B 53 33.02 1.62 -16.82
CA ARG B 53 33.71 1.07 -17.98
C ARG B 53 33.86 -0.43 -17.83
N PRO B 54 33.84 -1.17 -18.95
CA PRO B 54 34.11 -2.61 -18.88
C PRO B 54 35.56 -2.87 -18.51
N SER B 55 35.86 -4.16 -18.26
CA SER B 55 37.18 -4.53 -17.76
C SER B 55 38.28 -4.26 -18.78
N GLY B 56 37.97 -4.34 -20.07
CA GLY B 56 38.99 -4.14 -21.08
C GLY B 56 39.27 -2.69 -21.39
N ILE B 57 38.27 -1.84 -21.28
CA ILE B 57 38.44 -0.42 -21.63
C ILE B 57 39.35 0.25 -20.61
N PRO B 58 40.32 1.06 -21.04
CA PRO B 58 41.24 1.71 -20.10
C PRO B 58 40.54 2.78 -19.29
N GLU B 59 41.17 3.15 -18.17
CA GLU B 59 40.59 4.10 -17.24
C GLU B 59 40.57 5.53 -17.75
N ARG B 60 41.11 5.80 -18.95
CA ARG B 60 41.02 7.14 -19.50
C ARG B 60 39.64 7.46 -20.08
N PHE B 61 38.78 6.46 -20.27
CA PHE B 61 37.41 6.67 -20.69
C PHE B 61 36.51 6.90 -19.47
N SER B 62 35.68 7.93 -19.55
CA SER B 62 34.77 8.26 -18.46
C SER B 62 33.53 8.92 -19.04
N GLY B 63 32.46 8.90 -18.26
CA GLY B 63 31.18 9.43 -18.72
C GLY B 63 30.49 10.23 -17.64
N SER B 64 29.66 11.16 -18.09
CA SER B 64 28.89 12.01 -17.20
C SER B 64 27.49 12.20 -17.77
N ASN B 65 26.54 12.52 -16.88
CA ASN B 65 25.15 12.71 -17.29
C ASN B 65 24.48 13.64 -16.29
N SER B 66 24.16 14.85 -16.71
CA SER B 66 23.54 15.83 -15.80
C SER B 66 22.85 16.92 -16.59
N GLY B 67 21.54 17.05 -16.41
CA GLY B 67 20.81 18.18 -16.96
C GLY B 67 20.80 18.31 -18.47
N ASN B 68 20.02 17.47 -19.15
CA ASN B 68 19.90 17.47 -20.61
C ASN B 68 21.25 17.39 -21.32
N THR B 69 22.28 16.87 -20.67
CA THR B 69 23.60 16.79 -21.28
C THR B 69 24.36 15.61 -20.70
N ALA B 70 24.69 14.66 -21.55
CA ALA B 70 25.59 13.57 -21.21
C ALA B 70 26.90 13.76 -21.97
N THR B 71 28.02 13.56 -21.27
CA THR B 71 29.33 13.85 -21.84
C THR B 71 30.21 12.61 -21.72
N LEU B 72 30.85 12.24 -22.83
CA LEU B 72 31.86 11.19 -22.86
C LEU B 72 33.24 11.84 -22.89
N THR B 73 34.02 11.62 -21.83
CA THR B 73 35.34 12.21 -21.68
C THR B 73 36.40 11.15 -21.94
N ILE B 74 37.28 11.40 -22.91
CA ILE B 74 38.41 10.54 -23.21
C ILE B 74 39.68 11.33 -22.91
N SER B 75 40.41 10.92 -21.88
CA SER B 75 41.61 11.61 -21.47
C SER B 75 42.84 10.96 -22.11
N ARG B 76 43.91 11.75 -22.24
CA ARG B 76 45.14 11.32 -22.88
C ARG B 76 44.86 10.76 -24.28
N VAL B 77 44.21 11.59 -25.09
CA VAL B 77 43.76 11.18 -26.42
C VAL B 77 44.95 10.72 -27.24
N GLU B 78 44.87 9.50 -27.77
CA GLU B 78 45.89 8.91 -28.61
C GLU B 78 45.37 8.82 -30.05
N ALA B 79 46.28 8.49 -30.97
CA ALA B 79 45.89 8.32 -32.36
C ALA B 79 44.90 7.17 -32.55
N GLY B 80 45.05 6.09 -31.77
CA GLY B 80 44.22 4.91 -31.91
C GLY B 80 42.81 5.04 -31.38
N ASP B 81 42.41 6.21 -30.89
CA ASP B 81 41.05 6.46 -30.45
C ASP B 81 40.20 7.16 -31.50
N GLU B 82 40.78 7.50 -32.66
CA GLU B 82 40.04 8.17 -33.72
C GLU B 82 38.97 7.23 -34.29
N ALA B 83 37.71 7.50 -33.96
CA ALA B 83 36.63 6.58 -34.32
C ALA B 83 35.30 7.31 -34.27
N ASP B 84 34.20 6.54 -34.22
CA ASP B 84 32.84 7.06 -34.17
C ASP B 84 32.20 6.64 -32.86
N TYR B 85 31.71 7.60 -32.10
CA TYR B 85 31.11 7.32 -30.80
C TYR B 85 29.62 7.65 -30.81
N TYR B 86 28.83 6.72 -30.25
CA TYR B 86 27.38 6.82 -30.18
C TYR B 86 26.93 6.68 -28.73
N CYS B 87 25.99 7.53 -28.32
CA CYS B 87 25.31 7.37 -27.04
C CYS B 87 24.01 6.62 -27.26
N GLN B 88 23.64 5.81 -26.27
CA GLN B 88 22.43 4.98 -26.38
C GLN B 88 21.69 5.01 -25.06
N VAL B 89 20.37 5.21 -25.12
CA VAL B 89 19.55 5.26 -23.92
C VAL B 89 18.23 4.56 -24.18
N TRP B 90 17.61 4.08 -23.10
CA TRP B 90 16.28 3.49 -23.16
C TRP B 90 15.25 4.54 -22.76
N ASP B 91 14.21 4.69 -23.58
CA ASP B 91 13.13 5.62 -23.31
C ASP B 91 12.04 4.93 -22.51
N SER B 92 11.62 5.55 -21.41
CA SER B 92 10.61 4.93 -20.56
C SER B 92 9.22 5.03 -21.16
N SER B 93 8.86 6.21 -21.69
CA SER B 93 7.48 6.43 -22.14
C SER B 93 7.17 5.63 -23.40
N SER B 94 8.14 5.54 -24.32
CA SER B 94 7.93 4.82 -25.56
C SER B 94 8.40 3.37 -25.50
N ASP B 95 9.13 2.97 -24.45
CA ASP B 95 9.69 1.64 -24.32
C ASP B 95 10.54 1.28 -25.55
N HIS B 96 11.53 2.14 -25.81
CA HIS B 96 12.33 2.06 -27.01
C HIS B 96 13.78 2.41 -26.69
N TYR B 97 14.70 1.86 -27.48
CA TYR B 97 16.13 2.12 -27.36
C TYR B 97 16.57 3.01 -28.50
N VAL B 98 17.13 4.17 -28.17
CA VAL B 98 17.50 5.19 -29.14
C VAL B 98 19.01 5.37 -29.12
N PHE B 99 19.58 5.64 -30.29
CA PHE B 99 21.01 5.91 -30.43
C PHE B 99 21.23 7.38 -30.79
N GLY B 100 22.41 7.88 -30.42
CA GLY B 100 22.79 9.21 -30.84
C GLY B 100 23.07 9.29 -32.33
N THR B 101 23.10 10.53 -32.83
CA THR B 101 23.34 10.75 -34.24
C THR B 101 24.75 10.32 -34.65
N GLY B 102 25.70 10.37 -33.74
CA GLY B 102 27.07 9.95 -34.03
C GLY B 102 28.04 11.11 -34.01
N THR B 103 29.24 10.85 -33.50
CA THR B 103 30.31 11.85 -33.42
C THR B 103 31.62 11.22 -33.89
N LYS B 104 32.25 11.86 -34.88
CA LYS B 104 33.52 11.39 -35.43
C LYS B 104 34.66 12.23 -34.85
N VAL B 105 35.37 11.67 -33.87
CA VAL B 105 36.45 12.38 -33.21
C VAL B 105 37.75 12.15 -33.99
N THR B 106 38.35 13.23 -34.48
CA THR B 106 39.59 13.18 -35.23
C THR B 106 40.69 13.81 -34.40
N VAL B 107 41.83 13.14 -34.29
CA VAL B 107 42.96 13.67 -33.55
C VAL B 107 43.71 14.68 -34.40
N LEU B 108 43.91 15.88 -33.85
CA LEU B 108 44.56 16.97 -34.55
C LEU B 108 46.08 16.82 -34.48
N GLY B 109 46.76 17.18 -35.56
CA GLY B 109 48.20 17.25 -35.55
C GLY B 109 48.91 16.00 -36.00
N GLN B 110 48.19 14.95 -36.39
CA GLN B 110 48.84 13.77 -36.93
C GLN B 110 49.71 14.19 -38.12
N PRO B 111 50.86 13.55 -38.32
CA PRO B 111 51.81 14.09 -39.31
C PRO B 111 51.27 13.94 -40.72
N LYS B 112 51.85 14.72 -41.62
CA LYS B 112 51.51 14.62 -43.03
C LYS B 112 52.23 13.43 -43.64
N ALA B 113 51.51 12.64 -44.43
CA ALA B 113 52.07 11.46 -45.06
C ALA B 113 51.89 11.54 -46.57
N ALA B 114 52.87 11.02 -47.29
CA ALA B 114 52.88 11.02 -48.75
C ALA B 114 52.30 9.72 -49.29
N PRO B 115 51.49 9.80 -50.36
CA PRO B 115 50.82 8.60 -50.86
C PRO B 115 51.78 7.69 -51.62
N SER B 116 51.68 6.39 -51.34
CA SER B 116 52.42 5.37 -52.06
C SER B 116 51.53 4.78 -53.16
N VAL B 117 52.04 4.81 -54.39
CA VAL B 117 51.26 4.45 -55.58
C VAL B 117 51.86 3.20 -56.23
N THR B 118 51.00 2.24 -56.56
CA THR B 118 51.39 1.05 -57.31
C THR B 118 50.44 0.88 -58.50
N LEU B 119 50.93 1.15 -59.71
CA LEU B 119 50.16 1.01 -60.94
C LEU B 119 50.41 -0.35 -61.58
N PHE B 120 49.32 -1.10 -61.84
CA PHE B 120 49.39 -2.44 -62.44
C PHE B 120 48.87 -2.45 -63.87
N PRO B 121 49.60 -3.05 -64.80
CA PRO B 121 49.08 -3.21 -66.18
C PRO B 121 47.93 -4.20 -66.24
N PRO B 122 47.20 -4.24 -67.35
CA PRO B 122 46.15 -5.25 -67.49
C PRO B 122 46.70 -6.66 -67.56
N SER B 123 46.07 -7.58 -66.82
CA SER B 123 46.48 -8.97 -66.84
C SER B 123 46.22 -9.58 -68.21
N SER B 124 47.16 -10.40 -68.69
CA SER B 124 47.01 -11.03 -69.99
C SER B 124 45.75 -11.90 -70.05
N GLU B 125 45.33 -12.46 -68.91
CA GLU B 125 44.07 -13.20 -68.89
C GLU B 125 42.89 -12.30 -69.21
N GLU B 126 42.97 -11.02 -68.84
CA GLU B 126 41.88 -10.09 -69.12
C GLU B 126 41.86 -9.70 -70.60
N LEU B 127 43.03 -9.55 -71.21
CA LEU B 127 43.08 -9.24 -72.64
C LEU B 127 42.48 -10.37 -73.46
N GLN B 128 42.69 -11.61 -73.03
CA GLN B 128 42.06 -12.75 -73.69
C GLN B 128 40.53 -12.71 -73.55
N ALA B 129 40.02 -12.02 -72.53
CA ALA B 129 38.59 -11.81 -72.35
C ALA B 129 38.10 -10.54 -73.03
N ASN B 130 38.90 -9.98 -73.95
CA ASN B 130 38.52 -8.79 -74.71
C ASN B 130 38.24 -7.59 -73.79
N LYS B 131 38.97 -7.50 -72.68
CA LYS B 131 38.85 -6.39 -71.74
C LYS B 131 40.22 -6.01 -71.25
N ALA B 132 40.32 -4.81 -70.68
CA ALA B 132 41.58 -4.31 -70.14
C ALA B 132 41.28 -3.26 -69.08
N THR B 133 41.88 -3.43 -67.90
CA THR B 133 41.65 -2.52 -66.78
C THR B 133 42.97 -2.19 -66.12
N LEU B 134 43.37 -0.93 -66.18
CA LEU B 134 44.49 -0.44 -65.39
C LEU B 134 44.05 -0.25 -63.95
N VAL B 135 44.97 -0.51 -63.03
CA VAL B 135 44.68 -0.45 -61.60
C VAL B 135 45.73 0.41 -60.92
N CYS B 136 45.29 1.52 -60.33
CA CYS B 136 46.14 2.44 -59.58
C CYS B 136 45.71 2.41 -58.12
N LEU B 137 46.63 2.03 -57.24
CA LEU B 137 46.34 1.87 -55.82
C LEU B 137 47.14 2.88 -55.01
N ILE B 138 46.48 3.49 -54.04
CA ILE B 138 47.05 4.56 -53.22
C ILE B 138 46.75 4.28 -51.76
N SER B 139 47.76 4.44 -50.91
CA SER B 139 47.59 4.21 -49.49
C SER B 139 48.65 4.97 -48.70
N ASP B 140 48.47 4.98 -47.38
CA ASP B 140 49.45 5.55 -46.43
C ASP B 140 49.66 7.04 -46.65
N PHE B 141 48.55 7.78 -46.73
CA PHE B 141 48.61 9.22 -46.87
C PHE B 141 47.66 9.88 -45.88
N TYR B 142 48.05 11.08 -45.43
CA TYR B 142 47.29 11.88 -44.48
C TYR B 142 47.63 13.34 -44.77
N PRO B 143 46.63 14.24 -44.86
CA PRO B 143 45.18 14.03 -44.72
C PRO B 143 44.58 13.10 -45.76
N GLY B 144 43.38 12.59 -45.49
CA GLY B 144 42.71 11.68 -46.40
C GLY B 144 41.94 12.35 -47.53
N ALA B 145 42.63 13.19 -48.29
CA ALA B 145 42.07 13.84 -49.47
C ALA B 145 43.07 13.69 -50.61
N VAL B 146 42.63 13.12 -51.72
CA VAL B 146 43.54 12.84 -52.84
C VAL B 146 42.87 13.19 -54.16
N THR B 147 43.69 13.35 -55.19
CA THR B 147 43.23 13.64 -56.55
C THR B 147 44.03 12.82 -57.53
N VAL B 148 43.36 11.99 -58.33
CA VAL B 148 44.02 11.12 -59.29
C VAL B 148 43.72 11.62 -60.70
N ALA B 149 44.75 11.62 -61.54
CA ALA B 149 44.59 11.99 -62.94
C ALA B 149 45.36 11.00 -63.80
N TRP B 150 44.84 10.72 -64.98
CA TRP B 150 45.43 9.77 -65.91
C TRP B 150 45.83 10.49 -67.19
N LYS B 151 46.76 9.88 -67.92
CA LYS B 151 47.24 10.45 -69.17
C LYS B 151 47.68 9.33 -70.10
N ALA B 152 47.41 9.51 -71.39
CA ALA B 152 47.75 8.53 -72.43
C ALA B 152 48.70 9.23 -73.40
N ASP B 153 49.99 9.15 -73.09
CA ASP B 153 51.06 9.79 -73.85
C ASP B 153 50.85 11.30 -73.72
N SER B 154 50.57 12.02 -74.81
CA SER B 154 50.40 13.46 -74.77
C SER B 154 48.94 13.89 -74.70
N SER B 155 48.06 13.03 -74.19
CA SER B 155 46.64 13.36 -74.11
C SER B 155 45.99 12.74 -72.88
N PRO B 156 45.55 13.55 -71.91
CA PRO B 156 44.92 12.99 -70.71
C PRO B 156 43.60 12.32 -71.02
N VAL B 157 43.17 11.47 -70.08
CA VAL B 157 42.00 10.63 -70.24
C VAL B 157 41.05 10.86 -69.07
N LYS B 158 39.75 10.85 -69.34
CA LYS B 158 38.74 10.98 -68.30
C LYS B 158 37.53 10.09 -68.50
N ALA B 159 37.23 9.63 -69.72
CA ALA B 159 36.03 8.85 -69.99
C ALA B 159 36.10 7.40 -69.53
N GLY B 160 37.22 6.96 -68.94
CA GLY B 160 37.32 5.60 -68.47
C GLY B 160 37.78 5.47 -67.03
N VAL B 161 37.84 6.60 -66.31
CA VAL B 161 38.38 6.65 -64.96
C VAL B 161 37.25 6.49 -63.94
N GLU B 162 37.54 5.71 -62.89
CA GLU B 162 36.61 5.51 -61.78
C GLU B 162 37.42 5.49 -60.49
N THR B 163 37.11 6.41 -59.58
CA THR B 163 37.86 6.59 -58.35
C THR B 163 36.95 6.46 -57.14
N THR B 164 37.55 6.01 -56.03
CA THR B 164 36.84 5.88 -54.76
C THR B 164 37.09 7.08 -53.87
N THR B 165 36.28 7.18 -52.83
CA THR B 165 36.56 8.14 -51.79
C THR B 165 37.59 7.54 -50.84
N PRO B 166 38.44 8.37 -50.23
CA PRO B 166 39.45 7.83 -49.31
C PRO B 166 38.81 7.08 -48.16
N SER B 167 39.53 6.09 -47.65
CA SER B 167 39.01 5.21 -46.61
C SER B 167 40.03 5.05 -45.50
N LYS B 168 39.55 5.04 -44.26
CA LYS B 168 40.42 4.90 -43.10
C LYS B 168 40.94 3.47 -43.04
N GLN B 169 42.27 3.32 -43.03
CA GLN B 169 42.88 2.01 -42.85
C GLN B 169 43.22 1.77 -41.38
N SER B 170 43.70 0.56 -41.09
CA SER B 170 43.88 0.11 -39.71
C SER B 170 44.94 0.90 -38.95
N ASN B 171 45.92 1.48 -39.65
CA ASN B 171 47.01 2.20 -39.00
C ASN B 171 46.76 3.71 -38.95
N ASN B 172 45.49 4.11 -38.92
CA ASN B 172 45.09 5.51 -38.80
C ASN B 172 45.65 6.35 -39.95
N LYS B 173 45.43 5.87 -41.17
CA LYS B 173 45.78 6.57 -42.40
C LYS B 173 44.69 6.28 -43.41
N TYR B 174 44.83 6.84 -44.62
CA TYR B 174 43.79 6.73 -45.63
C TYR B 174 44.34 6.09 -46.90
N ALA B 175 43.43 5.50 -47.67
CA ALA B 175 43.78 4.80 -48.90
C ALA B 175 42.66 4.96 -49.91
N ALA B 176 43.03 4.99 -51.19
CA ALA B 176 42.09 5.19 -52.28
C ALA B 176 42.48 4.30 -53.45
N SER B 177 41.54 4.13 -54.38
CA SER B 177 41.74 3.30 -55.55
C SER B 177 41.20 4.00 -56.78
N SER B 178 41.87 3.81 -57.91
CA SER B 178 41.42 4.35 -59.19
C SER B 178 41.61 3.30 -60.26
N TYR B 179 40.65 3.22 -61.18
CA TYR B 179 40.64 2.22 -62.23
C TYR B 179 40.39 2.86 -63.58
N LEU B 180 41.11 2.40 -64.59
CA LEU B 180 40.95 2.85 -65.96
C LEU B 180 40.63 1.65 -66.84
N SER B 181 39.47 1.69 -67.49
CA SER B 181 39.01 0.60 -68.33
C SER B 181 39.00 1.04 -69.78
N LEU B 182 39.41 0.15 -70.66
CA LEU B 182 39.50 0.45 -72.07
C LEU B 182 39.63 -0.85 -72.86
N THR B 183 39.41 -0.74 -74.17
CA THR B 183 39.46 -1.92 -75.03
C THR B 183 40.91 -2.35 -75.26
N PRO B 184 41.15 -3.63 -75.53
CA PRO B 184 42.53 -4.09 -75.73
C PRO B 184 43.23 -3.43 -76.91
N GLU B 185 42.47 -2.95 -77.91
CA GLU B 185 43.12 -2.26 -79.02
C GLU B 185 43.55 -0.85 -78.62
N GLN B 186 42.84 -0.21 -77.69
CA GLN B 186 43.30 1.08 -77.20
C GLN B 186 44.52 0.93 -76.29
N TRP B 187 44.64 -0.20 -75.59
CA TRP B 187 45.78 -0.41 -74.72
C TRP B 187 47.08 -0.50 -75.50
N LYS B 188 47.10 -1.32 -76.56
CA LYS B 188 48.29 -1.47 -77.39
C LYS B 188 48.55 -0.29 -78.31
N SER B 189 47.58 0.63 -78.47
CA SER B 189 47.76 1.77 -79.36
C SER B 189 48.56 2.92 -78.74
N HIS B 190 48.68 2.96 -77.43
CA HIS B 190 49.44 4.00 -76.75
C HIS B 190 50.75 3.42 -76.23
N ARG B 191 51.84 4.18 -76.39
CA ARG B 191 53.14 3.67 -75.96
C ARG B 191 53.32 3.73 -74.44
N SER B 192 52.62 4.61 -73.73
CA SER B 192 52.75 4.68 -72.29
C SER B 192 51.46 5.20 -71.66
N TYR B 193 51.30 4.92 -70.36
CA TYR B 193 50.20 5.44 -69.56
C TYR B 193 50.76 5.95 -68.25
N SER B 194 49.94 6.74 -67.54
CA SER B 194 50.45 7.41 -66.35
C SER B 194 49.31 7.61 -65.36
N CYS B 195 49.57 7.32 -64.09
CA CYS B 195 48.66 7.60 -62.99
C CYS B 195 49.31 8.68 -62.15
N GLN B 196 48.70 9.87 -62.12
CA GLN B 196 49.24 11.01 -61.39
C GLN B 196 48.40 11.24 -60.15
N VAL B 197 49.04 11.13 -58.99
CA VAL B 197 48.38 11.27 -57.69
C VAL B 197 48.87 12.55 -57.04
N THR B 198 47.95 13.46 -56.77
CA THR B 198 48.25 14.75 -56.14
C THR B 198 47.72 14.73 -54.72
N HIS B 199 48.54 15.20 -53.78
CA HIS B 199 48.18 15.20 -52.36
C HIS B 199 48.81 16.42 -51.70
N GLU B 200 47.96 17.35 -51.25
CA GLU B 200 48.38 18.53 -50.49
C GLU B 200 49.47 19.31 -51.23
N GLY B 201 49.35 19.38 -52.55
CA GLY B 201 50.32 20.12 -53.34
C GLY B 201 51.34 19.24 -54.01
N SER B 202 52.02 18.38 -53.24
CA SER B 202 53.01 17.49 -53.81
C SER B 202 52.35 16.40 -54.66
N THR B 203 53.09 15.89 -55.64
CA THR B 203 52.57 14.92 -56.59
C THR B 203 53.43 13.65 -56.60
N VAL B 204 52.79 12.52 -56.82
CA VAL B 204 53.44 11.23 -56.96
C VAL B 204 52.92 10.56 -58.23
N GLU B 205 53.83 10.15 -59.11
CA GLU B 205 53.46 9.62 -60.42
C GLU B 205 54.21 8.33 -60.70
N LYS B 206 53.48 7.31 -61.15
CA LYS B 206 54.05 6.08 -61.66
C LYS B 206 53.45 5.80 -63.02
N THR B 207 54.19 5.06 -63.85
CA THR B 207 53.77 4.84 -65.22
C THR B 207 53.89 3.37 -65.60
N VAL B 208 53.14 2.99 -66.64
CA VAL B 208 53.14 1.63 -67.17
C VAL B 208 53.14 1.72 -68.69
N ALA B 209 53.82 0.77 -69.34
CA ALA B 209 53.88 0.75 -70.80
C ALA B 209 53.58 -0.64 -71.33
N PRO B 210 52.79 -0.75 -72.40
CA PRO B 210 52.51 -2.07 -73.00
C PRO B 210 53.75 -2.65 -73.65
N THR B 211 54.18 -3.80 -73.14
CA THR B 211 55.38 -4.45 -73.66
C THR B 211 55.21 -5.97 -73.66
N GLN C 3 19.78 17.95 -5.08
CA GLN C 3 20.71 18.74 -4.28
C GLN C 3 20.33 18.75 -2.81
N PRO C 4 20.50 17.61 -2.11
CA PRO C 4 20.23 17.57 -0.65
C PRO C 4 21.40 18.15 0.14
N THR C 5 21.59 19.46 -0.03
CA THR C 5 22.73 20.20 0.50
C THR C 5 24.05 19.56 0.04
N GLU C 6 24.26 19.63 -1.28
CA GLU C 6 25.48 19.12 -1.89
C GLU C 6 26.35 20.23 -2.48
N SER C 7 26.10 21.49 -2.11
CA SER C 7 27.06 22.55 -2.39
C SER C 7 28.44 22.18 -1.85
N ILE C 8 28.46 21.69 -0.61
CA ILE C 8 29.54 20.88 -0.08
C ILE C 8 28.89 19.69 0.62
N VAL C 9 29.59 18.56 0.65
CA VAL C 9 28.96 17.28 1.00
C VAL C 9 28.36 17.37 2.40
N ARG C 10 27.04 17.13 2.49
CA ARG C 10 26.32 17.22 3.75
C ARG C 10 25.09 16.32 3.66
N PHE C 11 25.18 15.14 4.26
CA PHE C 11 24.12 14.15 4.29
C PHE C 11 23.83 13.72 5.71
N PRO C 12 22.67 13.11 5.96
CA PRO C 12 22.31 12.67 7.31
C PRO C 12 23.36 11.73 7.92
N ASN C 13 23.50 11.81 9.25
CA ASN C 13 24.45 11.02 10.01
C ASN C 13 23.90 9.64 10.37
N ILE C 14 22.92 9.13 9.62
CA ILE C 14 22.30 7.84 9.94
C ILE C 14 23.20 6.70 9.48
N THR C 15 23.02 5.53 10.11
CA THR C 15 23.86 4.37 9.82
C THR C 15 23.10 3.07 9.53
N ASN C 16 21.84 2.95 9.94
CA ASN C 16 21.12 1.69 9.72
C ASN C 16 20.74 1.52 8.25
N LEU C 17 20.93 0.31 7.75
CA LEU C 17 20.65 0.02 6.34
C LEU C 17 19.18 -0.28 6.12
N CYS C 18 18.68 0.12 4.96
CA CYS C 18 17.28 -0.13 4.64
C CYS C 18 17.07 -1.61 4.36
N PRO C 19 15.97 -2.19 4.81
CA PRO C 19 15.75 -3.64 4.67
C PRO C 19 15.12 -4.02 3.34
N PHE C 20 15.86 -3.80 2.25
CA PHE C 20 15.39 -4.27 0.95
C PHE C 20 15.34 -5.79 0.88
N GLY C 21 16.22 -6.46 1.64
CA GLY C 21 16.23 -7.92 1.61
C GLY C 21 14.92 -8.53 2.07
N GLU C 22 14.29 -7.92 3.09
CA GLU C 22 13.02 -8.45 3.59
C GLU C 22 11.92 -8.40 2.53
N VAL C 23 12.07 -7.58 1.51
CA VAL C 23 11.10 -7.51 0.40
C VAL C 23 11.54 -8.38 -0.76
N PHE C 24 12.78 -8.21 -1.22
CA PHE C 24 13.26 -8.97 -2.38
C PHE C 24 13.43 -10.44 -2.03
N ASN C 25 14.07 -10.72 -0.89
CA ASN C 25 14.38 -12.09 -0.48
C ASN C 25 13.32 -12.67 0.45
N ALA C 26 12.06 -12.25 0.30
CA ALA C 26 10.99 -12.81 1.10
C ALA C 26 10.66 -14.23 0.65
N THR C 27 10.42 -15.11 1.61
CA THR C 27 10.15 -16.50 1.27
C THR C 27 8.82 -16.63 0.54
N ARG C 28 7.82 -15.83 0.89
CA ARG C 28 6.50 -15.90 0.29
C ARG C 28 6.08 -14.52 -0.20
N PHE C 29 5.41 -14.48 -1.34
CA PHE C 29 4.86 -13.25 -1.88
C PHE C 29 3.33 -13.32 -1.87
N ALA C 30 2.72 -12.17 -2.08
CA ALA C 30 1.27 -12.04 -2.04
C ALA C 30 0.65 -12.14 -3.44
N SER C 31 -0.62 -12.53 -3.46
CA SER C 31 -1.38 -12.45 -4.69
C SER C 31 -1.44 -10.99 -5.15
N VAL C 32 -1.53 -10.81 -6.47
CA VAL C 32 -1.51 -9.47 -7.03
C VAL C 32 -2.74 -8.68 -6.58
N TYR C 33 -3.89 -9.35 -6.44
CA TYR C 33 -5.07 -8.66 -5.95
C TYR C 33 -4.92 -8.17 -4.52
N ALA C 34 -4.05 -8.82 -3.73
CA ALA C 34 -3.84 -8.45 -2.33
C ALA C 34 -2.37 -8.10 -2.11
N TRP C 35 -1.81 -7.29 -3.00
CA TRP C 35 -0.38 -7.00 -2.96
C TRP C 35 0.00 -6.31 -1.65
N ASN C 36 1.21 -6.60 -1.18
CA ASN C 36 1.76 -6.04 0.04
C ASN C 36 2.54 -4.77 -0.29
N ARG C 37 2.68 -3.91 0.71
CA ARG C 37 3.49 -2.71 0.59
C ARG C 37 4.33 -2.60 1.86
N LYS C 38 5.60 -2.26 1.69
CA LYS C 38 6.48 -1.96 2.81
C LYS C 38 6.96 -0.54 2.68
N ARG C 39 6.85 0.23 3.77
CA ARG C 39 7.37 1.58 3.80
C ARG C 39 8.81 1.54 4.29
N ILE C 40 9.71 2.14 3.51
CA ILE C 40 11.12 2.21 3.83
C ILE C 40 11.44 3.64 4.25
N SER C 41 11.91 3.82 5.47
CA SER C 41 12.20 5.15 5.98
C SER C 41 13.26 5.06 7.07
N ASN C 42 13.89 6.21 7.33
CA ASN C 42 14.89 6.36 8.38
C ASN C 42 15.99 5.30 8.25
N CYS C 43 16.67 5.34 7.12
CA CYS C 43 17.73 4.37 6.83
C CYS C 43 18.49 4.82 5.60
N VAL C 44 19.70 4.29 5.45
CA VAL C 44 20.53 4.55 4.28
C VAL C 44 20.30 3.42 3.28
N ALA C 45 19.95 3.79 2.05
CA ALA C 45 19.58 2.84 1.01
C ALA C 45 20.74 2.68 0.02
N ASP C 46 21.41 1.54 0.08
CA ASP C 46 22.46 1.22 -0.88
C ASP C 46 21.79 0.57 -2.09
N TYR C 47 21.53 1.37 -3.13
CA TYR C 47 20.89 0.85 -4.33
C TYR C 47 21.84 0.08 -5.23
N SER C 48 23.15 0.17 -4.99
CA SER C 48 24.10 -0.61 -5.78
C SER C 48 23.87 -2.10 -5.59
N VAL C 49 23.39 -2.51 -4.42
CA VAL C 49 23.09 -3.92 -4.17
C VAL C 49 21.89 -4.41 -4.96
N LEU C 50 21.17 -3.52 -5.64
CA LEU C 50 20.03 -3.95 -6.44
C LEU C 50 20.40 -4.11 -7.91
N TYR C 51 20.71 -2.99 -8.59
CA TYR C 51 20.91 -3.03 -10.03
C TYR C 51 22.16 -3.81 -10.45
N ASN C 52 23.16 -3.94 -9.58
CA ASN C 52 24.37 -4.69 -9.92
C ASN C 52 24.39 -6.10 -9.36
N SER C 53 23.49 -6.45 -8.45
CA SER C 53 23.42 -7.79 -7.91
C SER C 53 22.20 -8.52 -8.44
N ALA C 54 22.18 -9.84 -8.20
CA ALA C 54 21.10 -10.72 -8.62
C ALA C 54 20.89 -10.69 -10.13
N SER C 55 19.84 -11.36 -10.60
CA SER C 55 19.51 -11.39 -12.02
C SER C 55 18.03 -11.08 -12.17
N PHE C 56 17.73 -9.90 -12.71
CA PHE C 56 16.38 -9.45 -12.92
C PHE C 56 16.02 -9.54 -14.40
N SER C 57 14.76 -9.83 -14.67
CA SER C 57 14.29 -9.86 -16.05
C SER C 57 13.85 -8.48 -16.51
N THR C 58 13.34 -7.66 -15.60
CA THR C 58 12.85 -6.34 -15.94
C THR C 58 13.28 -5.37 -14.86
N PHE C 59 13.87 -4.25 -15.28
CA PHE C 59 14.30 -3.18 -14.38
C PHE C 59 14.04 -1.87 -15.12
N LYS C 60 12.81 -1.39 -15.05
CA LYS C 60 12.38 -0.21 -15.80
C LYS C 60 12.04 0.89 -14.81
N CYS C 61 12.81 1.98 -14.83
CA CYS C 61 12.59 3.12 -13.96
C CYS C 61 11.96 4.27 -14.76
N TYR C 62 10.94 4.90 -14.16
CA TYR C 62 10.20 5.98 -14.78
C TYR C 62 10.39 7.25 -13.98
N GLY C 63 10.85 8.31 -14.65
CA GLY C 63 11.04 9.60 -14.01
C GLY C 63 12.36 9.79 -13.30
N VAL C 64 13.18 8.75 -13.21
CA VAL C 64 14.47 8.84 -12.51
C VAL C 64 15.37 7.74 -13.05
N SER C 65 16.65 8.06 -13.16
CA SER C 65 17.63 7.06 -13.61
C SER C 65 18.07 6.21 -12.43
N PRO C 66 18.11 4.88 -12.56
CA PRO C 66 18.54 4.05 -11.43
C PRO C 66 19.98 4.26 -11.02
N THR C 67 20.83 4.78 -11.91
CA THR C 67 22.23 5.02 -11.58
C THR C 67 22.45 6.28 -10.76
N LYS C 68 21.40 7.07 -10.51
CA LYS C 68 21.49 8.26 -9.68
C LYS C 68 20.80 8.10 -8.33
N LEU C 69 20.29 6.90 -8.02
CA LEU C 69 19.57 6.72 -6.77
C LEU C 69 20.49 6.86 -5.56
N ASN C 70 21.73 6.39 -5.68
CA ASN C 70 22.71 6.53 -4.61
C ASN C 70 23.10 7.99 -4.35
N ASP C 71 22.62 8.92 -5.16
CA ASP C 71 22.94 10.34 -5.02
C ASP C 71 21.74 11.19 -4.66
N LEU C 72 20.55 10.60 -4.50
CA LEU C 72 19.33 11.35 -4.23
C LEU C 72 18.79 11.00 -2.85
N CYS C 73 17.91 11.88 -2.35
CA CYS C 73 17.24 11.70 -1.07
C CYS C 73 15.73 11.84 -1.25
N PHE C 74 14.98 11.08 -0.46
CA PHE C 74 13.53 11.11 -0.55
C PHE C 74 12.92 11.11 0.84
N THR C 75 11.71 11.68 0.94
CA THR C 75 11.04 11.67 2.23
C THR C 75 10.49 10.28 2.55
N ASN C 76 10.11 9.52 1.53
CA ASN C 76 9.61 8.16 1.71
C ASN C 76 9.91 7.35 0.46
N VAL C 77 10.05 6.04 0.65
CA VAL C 77 10.17 5.10 -0.46
C VAL C 77 9.34 3.87 -0.11
N TYR C 78 8.45 3.48 -1.01
CA TYR C 78 7.55 2.35 -0.81
C TYR C 78 7.91 1.21 -1.75
N ALA C 79 7.79 -0.01 -1.27
CA ALA C 79 8.10 -1.22 -2.03
C ALA C 79 6.87 -2.10 -2.06
N ASP C 80 6.22 -2.18 -3.22
CA ASP C 80 5.06 -3.03 -3.42
C ASP C 80 5.51 -4.30 -4.12
N SER C 81 5.16 -5.46 -3.56
CA SER C 81 5.60 -6.76 -4.09
C SER C 81 4.39 -7.65 -4.33
N PHE C 82 4.46 -8.46 -5.38
CA PHE C 82 3.40 -9.39 -5.76
C PHE C 82 3.97 -10.36 -6.80
N VAL C 83 3.08 -11.21 -7.32
CA VAL C 83 3.45 -12.23 -8.31
C VAL C 83 2.41 -12.22 -9.41
N ILE C 84 2.88 -12.21 -10.67
CA ILE C 84 2.02 -12.27 -11.84
C ILE C 84 2.68 -13.17 -12.88
N ARG C 85 2.04 -13.28 -14.04
CA ARG C 85 2.62 -14.02 -15.17
C ARG C 85 3.72 -13.20 -15.81
N GLY C 86 4.64 -13.90 -16.47
CA GLY C 86 5.72 -13.22 -17.16
C GLY C 86 5.21 -12.27 -18.24
N ASP C 87 4.21 -12.71 -19.00
CA ASP C 87 3.62 -11.87 -20.02
C ASP C 87 2.89 -10.67 -19.41
N GLU C 88 2.39 -10.81 -18.18
CA GLU C 88 1.63 -9.73 -17.55
C GLU C 88 2.52 -8.64 -16.96
N VAL C 89 3.84 -8.84 -16.89
CA VAL C 89 4.71 -7.82 -16.31
C VAL C 89 4.66 -6.54 -17.12
N ARG C 90 4.42 -6.64 -18.43
CA ARG C 90 4.33 -5.44 -19.26
C ARG C 90 3.19 -4.52 -18.85
N GLN C 91 2.22 -5.03 -18.09
CA GLN C 91 1.14 -4.18 -17.61
C GLN C 91 1.55 -3.32 -16.42
N ILE C 92 2.65 -3.65 -15.77
CA ILE C 92 3.09 -2.90 -14.58
C ILE C 92 3.87 -1.68 -15.06
N ALA C 93 3.17 -0.72 -15.64
CA ALA C 93 3.77 0.49 -16.16
C ALA C 93 2.69 1.55 -16.29
N PRO C 94 3.06 2.82 -16.27
CA PRO C 94 2.05 3.87 -16.46
C PRO C 94 1.36 3.75 -17.80
N GLY C 95 0.06 4.03 -17.82
CA GLY C 95 -0.74 4.06 -19.03
C GLY C 95 -1.04 2.72 -19.64
N GLN C 96 -0.79 1.63 -18.91
CA GLN C 96 -1.02 0.30 -19.46
C GLN C 96 -2.45 -0.14 -19.14
N THR C 97 -2.90 -1.15 -19.89
CA THR C 97 -4.24 -1.71 -19.72
C THR C 97 -4.13 -3.23 -19.56
N GLY C 98 -5.24 -3.86 -19.22
CA GLY C 98 -5.28 -5.29 -18.98
C GLY C 98 -5.85 -5.62 -17.61
N LYS C 99 -6.16 -6.91 -17.44
CA LYS C 99 -6.82 -7.32 -16.20
C LYS C 99 -5.93 -7.09 -14.98
N ILE C 100 -4.61 -7.08 -15.15
CA ILE C 100 -3.74 -6.76 -14.04
C ILE C 100 -3.71 -5.25 -13.81
N ALA C 101 -3.53 -4.48 -14.89
CA ALA C 101 -3.46 -3.03 -14.75
C ALA C 101 -4.78 -2.44 -14.27
N ASP C 102 -5.91 -3.00 -14.73
CA ASP C 102 -7.22 -2.42 -14.43
C ASP C 102 -7.83 -2.95 -13.14
N TYR C 103 -7.61 -4.23 -12.82
CA TYR C 103 -8.33 -4.85 -11.72
C TYR C 103 -7.48 -5.25 -10.54
N ASN C 104 -6.16 -5.08 -10.61
CA ASN C 104 -5.30 -5.59 -9.55
C ASN C 104 -4.25 -4.58 -9.11
N TYR C 105 -3.52 -3.98 -10.05
CA TYR C 105 -2.48 -3.04 -9.67
C TYR C 105 -2.31 -1.99 -10.78
N LYS C 106 -2.62 -0.74 -10.46
CA LYS C 106 -2.52 0.35 -11.43
C LYS C 106 -1.55 1.42 -10.92
N LEU C 107 -0.60 1.78 -11.77
CA LEU C 107 0.35 2.87 -11.59
C LEU C 107 -0.21 4.18 -12.14
N PRO C 108 0.14 5.30 -11.54
CA PRO C 108 -0.33 6.59 -12.05
C PRO C 108 0.48 7.03 -13.27
N ASP C 109 -0.11 7.97 -14.03
CA ASP C 109 0.60 8.49 -15.19
C ASP C 109 1.86 9.26 -14.79
N ASP C 110 1.82 9.95 -13.66
CA ASP C 110 3.00 10.67 -13.16
C ASP C 110 3.88 9.81 -12.27
N PHE C 111 4.02 8.53 -12.60
CA PHE C 111 4.77 7.60 -11.75
C PHE C 111 6.26 7.94 -11.74
N THR C 112 6.84 7.92 -10.54
CA THR C 112 8.27 8.17 -10.32
C THR C 112 8.83 7.01 -9.50
N GLY C 113 9.36 6.00 -10.18
CA GLY C 113 9.90 4.84 -9.48
C GLY C 113 10.47 3.83 -10.45
N CYS C 114 10.59 2.60 -9.96
CA CYS C 114 11.20 1.53 -10.74
C CYS C 114 10.38 0.25 -10.61
N VAL C 115 10.17 -0.42 -11.72
CA VAL C 115 9.52 -1.72 -11.76
C VAL C 115 10.58 -2.79 -11.91
N ILE C 116 10.67 -3.69 -10.94
CA ILE C 116 11.69 -4.73 -10.94
C ILE C 116 10.99 -6.09 -10.94
N ALA C 117 11.45 -6.99 -11.80
CA ALA C 117 10.81 -8.29 -11.92
C ALA C 117 11.84 -9.34 -12.29
N TRP C 118 11.59 -10.57 -11.84
CA TRP C 118 12.48 -11.68 -12.16
C TRP C 118 11.68 -12.97 -12.17
N ASN C 119 12.14 -13.92 -12.97
CA ASN C 119 11.47 -15.21 -13.06
C ASN C 119 11.56 -15.93 -11.72
N SER C 120 10.42 -16.43 -11.24
CA SER C 120 10.34 -17.10 -9.95
C SER C 120 9.69 -18.47 -10.07
N ASN C 121 9.85 -19.12 -11.23
CA ASN C 121 9.21 -20.40 -11.46
C ASN C 121 9.73 -21.49 -10.52
N ASN C 122 11.01 -21.42 -10.14
CA ASN C 122 11.55 -22.50 -9.33
C ASN C 122 11.08 -22.45 -7.87
N LEU C 123 10.45 -21.36 -7.43
CA LEU C 123 10.01 -21.25 -6.05
C LEU C 123 8.51 -21.00 -5.88
N ASP C 124 7.86 -20.34 -6.84
CA ASP C 124 6.44 -20.04 -6.72
C ASP C 124 5.56 -20.97 -7.55
N SER C 125 6.04 -22.17 -7.88
CA SER C 125 5.25 -23.11 -8.65
C SER C 125 5.50 -24.52 -8.12
N LYS C 126 4.44 -25.32 -8.05
CA LYS C 126 4.51 -26.68 -7.54
C LYS C 126 4.08 -27.66 -8.61
N VAL C 127 4.38 -28.94 -8.37
CA VAL C 127 4.12 -29.98 -9.37
C VAL C 127 2.64 -30.01 -9.75
N GLY C 128 1.77 -30.18 -8.76
CA GLY C 128 0.35 -30.20 -9.04
C GLY C 128 -0.26 -28.87 -9.42
N GLY C 129 0.53 -27.80 -9.39
CA GLY C 129 0.01 -26.48 -9.68
C GLY C 129 -0.18 -25.67 -8.41
N ASN C 130 0.37 -24.46 -8.40
CA ASN C 130 0.25 -23.57 -7.24
C ASN C 130 -1.01 -22.74 -7.39
N TYR C 131 -2.01 -23.04 -6.57
CA TYR C 131 -3.29 -22.34 -6.61
C TYR C 131 -3.42 -21.32 -5.49
N ASN C 132 -2.31 -20.97 -4.84
CA ASN C 132 -2.35 -19.98 -3.76
C ASN C 132 -2.22 -18.56 -4.28
N TYR C 133 -1.68 -18.36 -5.47
CA TYR C 133 -1.57 -17.04 -6.06
C TYR C 133 -2.83 -16.77 -6.88
N LEU C 134 -3.53 -15.69 -6.55
CA LEU C 134 -4.80 -15.36 -7.19
C LEU C 134 -4.68 -14.02 -7.88
N TYR C 135 -5.74 -13.70 -8.64
CA TYR C 135 -5.85 -12.41 -9.31
C TYR C 135 -7.32 -12.09 -9.46
N ARG C 136 -7.63 -10.81 -9.58
CA ARG C 136 -9.01 -10.38 -9.74
C ARG C 136 -9.39 -10.48 -11.21
N LEU C 137 -10.43 -11.24 -11.50
CA LEU C 137 -10.88 -11.44 -12.87
C LEU C 137 -12.00 -10.50 -13.29
N PHE C 138 -12.85 -10.08 -12.37
CA PHE C 138 -13.99 -9.22 -12.67
C PHE C 138 -14.04 -8.05 -11.70
N ARG C 139 -14.44 -6.88 -12.20
CA ARG C 139 -14.63 -5.73 -11.34
C ARG C 139 -15.49 -4.71 -12.06
N LYS C 140 -16.30 -3.96 -11.30
CA LYS C 140 -17.26 -3.06 -11.92
C LYS C 140 -16.59 -1.85 -12.58
N SER C 141 -15.35 -1.53 -12.21
CA SER C 141 -14.65 -0.40 -12.80
C SER C 141 -13.16 -0.61 -12.60
N ASN C 142 -12.37 0.24 -13.26
CA ASN C 142 -10.92 0.13 -13.15
C ASN C 142 -10.46 0.70 -11.82
N LEU C 143 -9.34 0.18 -11.34
CA LEU C 143 -8.77 0.67 -10.09
C LEU C 143 -8.19 2.07 -10.29
N LYS C 144 -8.24 2.87 -9.22
CA LYS C 144 -7.50 4.12 -9.16
C LYS C 144 -6.03 3.82 -8.90
N PRO C 145 -5.13 4.73 -9.26
CA PRO C 145 -3.71 4.46 -9.04
C PRO C 145 -3.42 4.10 -7.59
N PHE C 146 -2.73 2.97 -7.41
CA PHE C 146 -2.33 2.45 -6.10
C PHE C 146 -3.52 2.02 -5.25
N GLU C 147 -4.68 1.77 -5.85
CA GLU C 147 -5.76 1.15 -5.10
C GLU C 147 -5.45 -0.31 -4.82
N ARG C 148 -6.08 -0.85 -3.78
CA ARG C 148 -5.89 -2.23 -3.36
C ARG C 148 -7.25 -2.80 -2.97
N ASP C 149 -7.86 -3.56 -3.88
CA ASP C 149 -9.16 -4.17 -3.65
C ASP C 149 -8.99 -5.61 -3.20
N ILE C 150 -9.54 -5.95 -2.04
CA ILE C 150 -9.45 -7.30 -1.50
C ILE C 150 -10.83 -7.90 -1.28
N SER C 151 -11.87 -7.28 -1.82
CA SER C 151 -13.22 -7.78 -1.60
C SER C 151 -13.48 -9.00 -2.46
N THR C 152 -14.40 -9.84 -1.98
CA THR C 152 -14.83 -11.05 -2.66
C THR C 152 -16.33 -11.01 -2.90
N GLU C 153 -16.83 -9.83 -3.25
CA GLU C 153 -18.24 -9.69 -3.57
C GLU C 153 -18.52 -10.40 -4.90
N ILE C 154 -19.64 -11.12 -4.95
CA ILE C 154 -20.00 -11.85 -6.16
C ILE C 154 -20.29 -10.85 -7.27
N TYR C 155 -19.61 -11.02 -8.40
CA TYR C 155 -19.71 -10.09 -9.51
C TYR C 155 -20.97 -10.39 -10.31
N GLN C 156 -21.81 -9.37 -10.49
CA GLN C 156 -23.06 -9.51 -11.24
C GLN C 156 -22.78 -9.21 -12.72
N ALA C 157 -22.77 -10.25 -13.54
CA ALA C 157 -22.55 -10.08 -14.97
C ALA C 157 -23.84 -10.04 -15.77
N GLY C 158 -24.97 -10.43 -15.17
CA GLY C 158 -26.23 -10.48 -15.85
C GLY C 158 -27.23 -9.47 -15.33
N SER C 159 -28.48 -9.63 -15.80
CA SER C 159 -29.55 -8.71 -15.41
C SER C 159 -30.07 -9.00 -14.01
N THR C 160 -30.08 -10.27 -13.59
CA THR C 160 -30.66 -10.57 -12.29
C THR C 160 -29.66 -10.26 -11.18
N PRO C 161 -30.12 -9.75 -10.04
CA PRO C 161 -29.20 -9.47 -8.94
C PRO C 161 -28.73 -10.76 -8.26
N CYS C 162 -27.48 -10.74 -7.79
CA CYS C 162 -26.87 -11.93 -7.22
C CYS C 162 -27.23 -12.12 -5.75
N ASN C 163 -27.34 -11.01 -5.00
CA ASN C 163 -27.61 -11.05 -3.57
C ASN C 163 -26.52 -11.81 -2.81
N GLY C 164 -25.31 -11.84 -3.35
CA GLY C 164 -24.18 -12.47 -2.69
C GLY C 164 -24.13 -13.98 -2.76
N VAL C 165 -24.79 -14.59 -3.74
CA VAL C 165 -24.72 -16.03 -3.94
C VAL C 165 -24.26 -16.31 -5.36
N GLU C 166 -23.35 -17.28 -5.50
CA GLU C 166 -22.79 -17.61 -6.80
C GLU C 166 -23.82 -18.39 -7.63
N GLY C 167 -23.90 -18.07 -8.91
CA GLY C 167 -24.88 -18.71 -9.77
C GLY C 167 -24.81 -18.26 -11.22
N PHE C 168 -25.95 -18.30 -11.90
CA PHE C 168 -25.99 -17.91 -13.31
C PHE C 168 -25.66 -16.43 -13.44
N ASN C 169 -24.59 -16.13 -14.19
CA ASN C 169 -24.10 -14.76 -14.39
C ASN C 169 -23.74 -14.08 -13.07
N CYS C 170 -23.28 -14.87 -12.10
CA CYS C 170 -22.87 -14.36 -10.79
C CYS C 170 -21.60 -15.11 -10.39
N TYR C 171 -20.45 -14.48 -10.60
CA TYR C 171 -19.16 -15.14 -10.49
C TYR C 171 -18.38 -14.68 -9.27
N PHE C 172 -17.61 -15.61 -8.71
CA PHE C 172 -16.59 -15.26 -7.72
C PHE C 172 -15.52 -14.45 -8.43
N PRO C 173 -15.20 -13.25 -7.95
CA PRO C 173 -14.37 -12.33 -8.76
C PRO C 173 -12.91 -12.73 -8.88
N LEU C 174 -12.41 -13.61 -8.02
CA LEU C 174 -11.01 -14.01 -8.03
C LEU C 174 -10.85 -15.35 -8.75
N GLN C 175 -9.67 -15.55 -9.35
CA GLN C 175 -9.31 -16.80 -10.00
C GLN C 175 -7.87 -17.14 -9.67
N SER C 176 -7.57 -18.43 -9.67
CA SER C 176 -6.25 -18.91 -9.28
C SER C 176 -5.35 -19.09 -10.49
N TYR C 177 -4.11 -18.62 -10.37
CA TYR C 177 -3.09 -18.99 -11.35
C TYR C 177 -2.82 -20.48 -11.27
N GLY C 178 -2.39 -21.04 -12.40
CA GLY C 178 -1.99 -22.42 -12.40
C GLY C 178 -0.62 -22.58 -11.77
N PHE C 179 0.38 -21.95 -12.39
CA PHE C 179 1.77 -21.97 -11.94
C PHE C 179 2.26 -23.41 -11.74
N GLN C 180 2.47 -24.07 -12.88
CA GLN C 180 3.12 -25.36 -12.92
C GLN C 180 4.53 -25.21 -13.46
N PRO C 181 5.50 -26.00 -12.97
CA PRO C 181 6.89 -25.81 -13.42
C PRO C 181 7.09 -26.06 -14.90
N THR C 182 6.19 -26.80 -15.54
CA THR C 182 6.29 -27.07 -16.97
C THR C 182 5.42 -26.13 -17.81
N ASN C 183 4.85 -25.11 -17.20
CA ASN C 183 4.08 -24.13 -17.97
C ASN C 183 5.00 -23.36 -18.91
N GLY C 184 4.42 -22.87 -20.00
CA GLY C 184 5.19 -22.05 -20.92
C GLY C 184 5.76 -20.83 -20.23
N VAL C 185 6.94 -20.41 -20.68
CA VAL C 185 7.69 -19.38 -19.95
C VAL C 185 6.89 -18.10 -19.79
N GLY C 186 6.07 -17.76 -20.79
CA GLY C 186 5.23 -16.58 -20.70
C GLY C 186 4.16 -16.67 -19.62
N TYR C 187 3.78 -17.88 -19.22
CA TYR C 187 2.76 -18.06 -18.21
C TYR C 187 3.34 -18.42 -16.85
N GLN C 188 4.67 -18.41 -16.71
CA GLN C 188 5.35 -18.75 -15.47
C GLN C 188 5.34 -17.57 -14.49
N PRO C 189 5.40 -17.85 -13.18
CA PRO C 189 5.29 -16.76 -12.19
C PRO C 189 6.55 -15.91 -12.14
N TYR C 190 6.35 -14.60 -12.17
CA TYR C 190 7.44 -13.64 -11.99
C TYR C 190 7.14 -12.83 -10.74
N ARG C 191 8.13 -12.74 -9.85
CA ARG C 191 8.02 -11.89 -8.68
C ARG C 191 8.35 -10.46 -9.09
N VAL C 192 7.43 -9.55 -8.83
CA VAL C 192 7.59 -8.15 -9.19
C VAL C 192 7.65 -7.33 -7.91
N VAL C 193 8.50 -6.32 -7.90
CA VAL C 193 8.53 -5.32 -6.83
C VAL C 193 8.61 -3.94 -7.44
N VAL C 194 7.75 -3.03 -6.98
CA VAL C 194 7.67 -1.67 -7.48
C VAL C 194 8.11 -0.71 -6.38
N LEU C 195 9.15 0.07 -6.65
CA LEU C 195 9.63 1.09 -5.73
C LEU C 195 9.03 2.43 -6.13
N SER C 196 8.40 3.12 -5.18
CA SER C 196 7.90 4.47 -5.39
C SER C 196 8.73 5.45 -4.58
N PHE C 197 9.20 6.51 -5.25
CA PHE C 197 10.05 7.52 -4.62
C PHE C 197 9.19 8.77 -4.37
N GLU C 198 8.79 8.95 -3.12
CA GLU C 198 7.91 10.04 -2.70
C GLU C 198 8.72 11.18 -2.11
N LEU C 199 8.44 12.40 -2.57
CA LEU C 199 9.05 13.62 -2.06
C LEU C 199 7.95 14.55 -1.53
N LEU C 200 8.00 14.87 -0.25
CA LEU C 200 7.10 15.81 0.37
C LEU C 200 7.87 17.04 0.84
N HIS C 201 7.13 18.02 1.37
CA HIS C 201 7.76 19.16 2.04
C HIS C 201 8.08 18.74 3.48
N ALA C 202 9.18 18.00 3.61
CA ALA C 202 9.58 17.44 4.89
C ALA C 202 11.04 17.00 4.78
N PRO C 203 11.77 16.95 5.89
CA PRO C 203 13.17 16.49 5.81
C PRO C 203 13.27 15.10 5.25
N ALA C 204 14.27 14.89 4.39
CA ALA C 204 14.46 13.59 3.77
C ALA C 204 14.88 12.55 4.81
N THR C 205 14.42 11.32 4.61
CA THR C 205 14.71 10.24 5.53
C THR C 205 15.44 9.06 4.90
N VAL C 206 15.48 8.96 3.58
CA VAL C 206 16.16 7.88 2.87
C VAL C 206 17.11 8.49 1.86
N CYS C 207 18.39 8.13 1.96
CA CYS C 207 19.43 8.65 1.07
C CYS C 207 20.39 7.52 0.73
N GLY C 208 21.28 7.79 -0.23
CA GLY C 208 22.33 6.85 -0.55
C GLY C 208 23.51 7.03 0.37
N PRO C 209 24.44 6.06 0.31
CA PRO C 209 25.61 6.15 1.19
C PRO C 209 26.57 7.24 0.74
N LYS C 210 26.68 8.28 1.57
CA LYS C 210 27.54 9.41 1.27
C LYS C 210 28.26 9.81 2.56
N LYS C 211 29.24 10.71 2.43
CA LYS C 211 29.90 11.21 3.63
C LYS C 211 29.36 12.60 3.97
N SER C 212 30.18 13.41 4.63
CA SER C 212 29.77 14.76 5.01
C SER C 212 31.02 15.56 5.34
N THR C 213 30.88 16.87 5.29
CA THR C 213 31.96 17.80 5.64
C THR C 213 31.56 18.52 6.92
N ASN C 214 31.60 19.85 6.98
CA ASN C 214 31.17 20.55 8.20
C ASN C 214 30.74 21.98 7.89
N LEU C 215 30.56 22.31 6.61
CA LEU C 215 29.99 23.60 6.21
C LEU C 215 30.90 24.80 6.48
N VAL C 216 30.86 25.79 5.58
CA VAL C 216 31.61 27.03 5.72
C VAL C 216 30.65 28.21 5.61
N LYS C 217 31.13 29.38 6.07
CA LYS C 217 30.38 30.63 5.92
C LYS C 217 31.01 31.44 4.79
N ASN C 218 31.24 30.79 3.65
CA ASN C 218 31.94 31.39 2.53
C ASN C 218 31.32 30.98 1.19
N LYS C 219 32.05 30.17 0.43
CA LYS C 219 31.59 29.67 -0.87
C LYS C 219 31.89 28.18 -1.00
N PCA D 1 -6.02 8.12 49.22
CA PCA D 1 -7.09 7.54 48.41
CB PCA D 1 -8.13 6.88 49.31
CG PCA D 1 -7.96 7.52 50.67
CD PCA D 1 -6.59 8.11 50.57
OE PCA D 1 -5.98 8.51 51.57
C PCA D 1 -7.76 8.60 47.56
O PCA D 1 -7.10 9.52 47.09
N VAL D 2 -8.67 8.16 46.68
CA VAL D 2 -9.43 9.08 45.85
C VAL D 2 -10.89 8.98 46.27
N GLN D 3 -11.50 10.11 46.61
CA GLN D 3 -12.88 10.14 47.06
C GLN D 3 -13.69 11.11 46.22
N LEU D 4 -14.90 10.68 45.84
CA LEU D 4 -15.86 11.51 45.12
C LEU D 4 -17.06 11.75 46.01
N GLN D 5 -17.58 12.98 46.00
CA GLN D 5 -18.71 13.34 46.85
C GLN D 5 -19.70 14.18 46.06
N GLU D 6 -20.92 13.66 45.90
CA GLU D 6 -21.98 14.40 45.24
C GLU D 6 -22.55 15.45 46.18
N SER D 7 -23.22 16.45 45.59
CA SER D 7 -23.90 17.48 46.35
C SER D 7 -25.02 18.05 45.49
N GLY D 8 -26.10 18.48 46.15
CA GLY D 8 -27.25 18.99 45.46
C GLY D 8 -28.44 19.14 46.36
N PRO D 9 -29.52 19.74 45.84
CA PRO D 9 -30.70 20.01 46.68
C PRO D 9 -31.45 18.75 47.10
N GLY D 10 -31.72 17.86 46.16
CA GLY D 10 -32.44 16.64 46.45
C GLY D 10 -33.93 16.71 46.20
N LEU D 11 -34.45 17.87 45.80
CA LEU D 11 -35.86 18.04 45.48
C LEU D 11 -35.98 19.09 44.38
N VAL D 12 -36.67 18.74 43.29
CA VAL D 12 -36.84 19.64 42.16
C VAL D 12 -38.27 19.56 41.67
N LYS D 13 -38.85 20.70 41.30
CA LYS D 13 -40.18 20.67 40.73
C LYS D 13 -40.11 20.32 39.24
N PRO D 14 -41.18 19.76 38.68
CA PRO D 14 -41.14 19.39 37.26
C PRO D 14 -41.00 20.61 36.36
N SER D 15 -40.36 20.38 35.21
CA SER D 15 -40.02 21.34 34.16
C SER D 15 -38.81 22.19 34.53
N GLU D 16 -38.26 22.06 35.73
CA GLU D 16 -37.06 22.79 36.11
C GLU D 16 -35.81 21.97 35.77
N THR D 17 -34.65 22.60 35.95
CA THR D 17 -33.38 21.95 35.64
C THR D 17 -32.74 21.42 36.92
N LEU D 18 -32.17 20.23 36.82
CA LEU D 18 -31.50 19.58 37.95
C LEU D 18 -30.02 19.97 37.94
N SER D 19 -29.51 20.36 39.11
CA SER D 19 -28.13 20.80 39.24
C SER D 19 -27.45 19.99 40.33
N LEU D 20 -26.38 19.29 39.97
CA LEU D 20 -25.56 18.54 40.92
C LEU D 20 -24.10 18.90 40.72
N THR D 21 -23.29 18.58 41.74
CA THR D 21 -21.86 18.85 41.69
C THR D 21 -21.11 17.76 42.42
N CYS D 22 -20.06 17.23 41.79
CA CYS D 22 -19.25 16.15 42.36
C CYS D 22 -17.88 16.71 42.71
N THR D 23 -17.58 16.74 44.01
CA THR D 23 -16.31 17.27 44.51
C THR D 23 -15.30 16.13 44.67
N VAL D 24 -14.19 16.21 43.95
CA VAL D 24 -13.11 15.23 44.04
C VAL D 24 -12.10 15.75 45.05
N SER D 25 -11.62 14.87 45.91
CA SER D 25 -10.73 15.32 46.98
C SER D 25 -9.44 14.52 47.09
N GLY D 26 -9.50 13.21 46.88
CA GLY D 26 -8.32 12.38 47.05
C GLY D 26 -7.27 12.51 45.97
N GLY D 27 -7.61 13.15 44.86
CA GLY D 27 -6.70 13.29 43.74
C GLY D 27 -6.97 14.56 42.99
N SER D 28 -6.63 14.56 41.70
CA SER D 28 -6.79 15.69 40.82
C SER D 28 -7.67 15.30 39.64
N ILE D 29 -8.26 16.32 39.01
CA ILE D 29 -9.14 16.10 37.87
C ILE D 29 -8.36 15.85 36.57
N SER D 30 -7.13 16.33 36.48
CA SER D 30 -6.42 16.38 35.21
C SER D 30 -6.34 15.02 34.53
N SER D 31 -6.71 15.00 33.24
CA SER D 31 -6.41 13.92 32.30
C SER D 31 -7.25 12.66 32.53
N TYR D 32 -8.51 12.80 32.96
CA TYR D 32 -9.38 11.65 33.13
C TYR D 32 -10.79 11.99 32.67
N TYR D 33 -11.61 10.96 32.53
CA TYR D 33 -13.00 11.10 32.12
C TYR D 33 -13.91 10.93 33.33
N TRP D 34 -14.72 11.95 33.61
CA TRP D 34 -15.55 12.00 34.81
C TRP D 34 -17.01 11.92 34.39
N SER D 35 -17.70 10.89 34.86
CA SER D 35 -19.05 10.56 34.39
C SER D 35 -20.10 10.84 35.46
N TRP D 36 -21.34 10.87 35.01
CA TRP D 36 -22.52 10.95 35.88
C TRP D 36 -23.40 9.74 35.61
N ILE D 37 -23.88 9.10 36.67
CA ILE D 37 -24.72 7.91 36.58
C ILE D 37 -25.90 8.07 37.54
N ARG D 38 -27.08 7.66 37.08
CA ARG D 38 -28.28 7.71 37.91
C ARG D 38 -28.94 6.34 37.93
N GLN D 39 -29.76 6.12 38.96
CA GLN D 39 -30.47 4.86 39.13
C GLN D 39 -31.82 5.12 39.78
N PRO D 40 -32.92 4.96 39.04
CA PRO D 40 -34.23 5.12 39.66
C PRO D 40 -34.42 4.08 40.76
N PRO D 41 -35.28 4.37 41.74
CA PRO D 41 -35.43 3.45 42.88
C PRO D 41 -35.86 2.07 42.43
N GLY D 42 -35.07 1.06 42.83
CA GLY D 42 -35.37 -0.31 42.50
C GLY D 42 -35.13 -0.70 41.06
N LYS D 43 -34.59 0.18 40.25
CA LYS D 43 -34.36 -0.08 38.85
C LYS D 43 -32.86 -0.15 38.57
N GLY D 44 -32.49 -0.20 37.30
CA GLY D 44 -31.12 -0.39 36.91
C GLY D 44 -30.35 0.90 36.75
N LEU D 45 -29.05 0.74 36.49
CA LEU D 45 -28.16 1.88 36.29
C LEU D 45 -28.27 2.41 34.87
N GLU D 46 -28.14 3.72 34.73
CA GLU D 46 -28.19 4.40 33.44
C GLU D 46 -27.09 5.45 33.37
N TRP D 47 -26.21 5.31 32.40
CA TRP D 47 -25.13 6.28 32.19
C TRP D 47 -25.69 7.56 31.59
N ILE D 48 -25.27 8.70 32.14
CA ILE D 48 -25.74 10.01 31.70
C ILE D 48 -24.77 10.66 30.72
N GLY D 49 -23.49 10.66 31.07
CA GLY D 49 -22.49 11.28 30.23
C GLY D 49 -21.22 11.52 31.03
N TYR D 50 -20.20 12.01 30.33
CA TYR D 50 -18.94 12.35 30.98
C TYR D 50 -18.51 13.75 30.53
N VAL D 51 -17.43 14.22 31.14
CA VAL D 51 -16.76 15.45 30.72
C VAL D 51 -15.26 15.21 30.84
N TYR D 52 -14.54 15.49 29.76
CA TYR D 52 -13.09 15.40 29.75
C TYR D 52 -12.50 16.69 30.30
N TYR D 53 -11.29 16.60 30.85
CA TYR D 53 -10.69 17.77 31.47
C TYR D 53 -10.42 18.90 30.48
N SER D 54 -10.50 18.63 29.17
CA SER D 54 -10.47 19.71 28.19
C SER D 54 -11.78 20.46 28.12
N GLY D 55 -12.87 19.86 28.60
CA GLY D 55 -14.19 20.40 28.46
C GLY D 55 -15.06 19.65 27.47
N SER D 56 -14.50 18.73 26.69
CA SER D 56 -15.29 17.97 25.74
C SER D 56 -16.23 17.03 26.46
N THR D 57 -17.40 16.80 25.86
CA THR D 57 -18.45 16.04 26.50
C THR D 57 -18.98 14.96 25.56
N ASN D 58 -19.53 13.90 26.16
CA ASN D 58 -20.27 12.88 25.44
C ASN D 58 -21.41 12.45 26.34
N TYR D 59 -22.63 12.43 25.80
CA TYR D 59 -23.83 12.22 26.60
C TYR D 59 -24.57 10.97 26.14
N ASN D 60 -25.41 10.46 27.04
CA ASN D 60 -26.36 9.41 26.68
C ASN D 60 -27.25 9.93 25.55
N PRO D 61 -27.40 9.20 24.45
CA PRO D 61 -28.27 9.68 23.36
C PRO D 61 -29.71 9.93 23.78
N SER D 62 -30.21 9.22 24.81
CA SER D 62 -31.57 9.44 25.26
C SER D 62 -31.74 10.79 25.96
N LEU D 63 -30.67 11.30 26.58
CA LEU D 63 -30.72 12.55 27.33
C LEU D 63 -29.80 13.61 26.75
N LYS D 64 -29.38 13.45 25.49
CA LYS D 64 -28.36 14.34 24.94
C LYS D 64 -28.84 15.79 24.88
N SER D 65 -30.12 16.00 24.54
CA SER D 65 -30.63 17.35 24.38
C SER D 65 -30.88 18.05 25.72
N ARG D 66 -30.92 17.31 26.84
CA ARG D 66 -31.26 17.90 28.13
C ARG D 66 -30.10 17.93 29.10
N VAL D 67 -28.98 17.30 28.77
CA VAL D 67 -27.88 17.15 29.71
C VAL D 67 -26.78 18.15 29.38
N THR D 68 -26.23 18.78 30.42
CA THR D 68 -25.02 19.58 30.32
C THR D 68 -24.10 19.21 31.46
N ILE D 69 -22.90 18.75 31.12
CA ILE D 69 -21.89 18.36 32.10
C ILE D 69 -20.69 19.26 31.91
N SER D 70 -20.34 20.02 32.94
CA SER D 70 -19.23 20.94 32.93
C SER D 70 -18.15 20.49 33.90
N VAL D 71 -16.97 21.08 33.75
CA VAL D 71 -15.84 20.78 34.63
C VAL D 71 -15.15 22.06 35.03
N ASP D 72 -14.67 22.11 36.27
CA ASP D 72 -13.92 23.25 36.80
C ASP D 72 -12.63 22.70 37.39
N THR D 73 -11.53 22.81 36.65
CA THR D 73 -10.26 22.23 37.11
C THR D 73 -9.71 22.98 38.31
N SER D 74 -9.95 24.29 38.40
CA SER D 74 -9.44 25.07 39.52
C SER D 74 -10.21 24.82 40.81
N LYS D 75 -11.29 24.04 40.76
CA LYS D 75 -12.05 23.71 41.96
C LYS D 75 -12.10 22.21 42.23
N ASN D 76 -11.48 21.38 41.38
CA ASN D 76 -11.43 19.93 41.57
C ASN D 76 -12.83 19.33 41.63
N GLU D 77 -13.66 19.69 40.67
CA GLU D 77 -15.05 19.23 40.67
C GLU D 77 -15.63 19.39 39.27
N PHE D 78 -16.68 18.63 39.01
CA PHE D 78 -17.44 18.71 37.76
C PHE D 78 -18.93 18.65 38.11
N SER D 79 -19.74 19.31 37.30
CA SER D 79 -21.15 19.51 37.62
C SER D 79 -22.04 18.88 36.55
N LEU D 80 -23.33 18.82 36.87
CA LEU D 80 -24.33 18.21 35.99
C LEU D 80 -25.56 19.09 35.94
N LYS D 81 -26.09 19.29 34.73
CA LYS D 81 -27.33 20.02 34.54
C LYS D 81 -28.28 19.19 33.69
N LEU D 82 -29.47 18.92 34.21
CA LEU D 82 -30.49 18.12 33.53
C LEU D 82 -31.76 18.95 33.43
N SER D 83 -32.06 19.44 32.22
CA SER D 83 -33.18 20.34 32.04
C SER D 83 -34.50 19.58 31.90
N SER D 84 -35.59 20.31 32.11
CA SER D 84 -36.96 19.83 31.90
C SER D 84 -37.18 18.46 32.54
N VAL D 85 -37.03 18.42 33.86
CA VAL D 85 -37.16 17.15 34.57
C VAL D 85 -38.62 16.72 34.61
N THR D 86 -38.82 15.44 34.93
CA THR D 86 -40.15 14.87 35.03
C THR D 86 -40.16 13.88 36.19
N ALA D 87 -41.35 13.35 36.48
CA ALA D 87 -41.47 12.36 37.55
C ALA D 87 -40.57 11.16 37.30
N ALA D 88 -40.39 10.77 36.04
CA ALA D 88 -39.54 9.64 35.70
C ALA D 88 -38.05 9.91 35.92
N ASP D 89 -37.68 11.12 36.31
CA ASP D 89 -36.28 11.44 36.53
C ASP D 89 -35.84 11.32 37.98
N THR D 90 -36.75 10.95 38.89
CA THR D 90 -36.35 10.74 40.28
C THR D 90 -35.43 9.51 40.36
N ALA D 91 -34.23 9.71 40.89
CA ALA D 91 -33.24 8.66 40.91
C ALA D 91 -32.12 9.06 41.86
N VAL D 92 -31.31 8.07 42.21
CA VAL D 92 -30.08 8.30 42.96
C VAL D 92 -28.96 8.55 41.95
N TYR D 93 -28.37 9.74 42.00
CA TYR D 93 -27.36 10.15 41.04
C TYR D 93 -25.97 9.94 41.62
N TYR D 94 -25.17 9.12 40.95
CA TYR D 94 -23.77 8.90 41.30
C TYR D 94 -22.86 9.63 40.32
N CYS D 95 -21.68 9.98 40.78
CA CYS D 95 -20.57 10.37 39.91
C CYS D 95 -19.49 9.30 40.00
N ALA D 96 -18.92 8.95 38.84
CA ALA D 96 -17.96 7.86 38.79
C ALA D 96 -16.90 8.17 37.74
N SER D 97 -15.74 7.54 37.90
CA SER D 97 -14.62 7.75 36.99
C SER D 97 -13.62 6.61 37.14
N SER D 98 -12.56 6.69 36.34
CA SER D 98 -11.46 5.72 36.41
C SER D 98 -10.26 6.35 35.72
N GLN D 99 -9.18 5.57 35.67
CA GLN D 99 -7.97 5.99 34.96
C GLN D 99 -7.89 5.40 33.56
N ARG D 100 -8.95 4.82 33.10
CA ARG D 100 -8.95 4.11 31.84
C ARG D 100 -9.35 5.05 30.70
N PRO D 101 -8.87 4.80 29.48
CA PRO D 101 -9.20 5.69 28.35
C PRO D 101 -10.66 5.56 27.95
N ASP D 102 -11.12 6.54 27.18
CA ASP D 102 -12.48 6.55 26.66
C ASP D 102 -12.69 5.38 25.73
N GLY D 103 -13.71 4.57 26.00
CA GLY D 103 -14.07 3.50 25.10
C GLY D 103 -13.58 2.12 25.48
N ASN D 104 -14.47 1.12 25.39
CA ASN D 104 -14.13 -0.28 25.54
C ASN D 104 -13.50 -0.59 26.90
N LEU D 105 -12.32 -0.03 27.15
CA LEU D 105 -11.58 -0.28 28.38
C LEU D 105 -12.03 0.61 29.53
N TYR D 106 -12.95 1.54 29.29
CA TYR D 106 -13.41 2.43 30.34
C TYR D 106 -14.35 1.69 31.30
N TYR D 107 -14.12 1.87 32.59
CA TYR D 107 -15.01 1.35 33.61
C TYR D 107 -15.17 2.40 34.69
N PHE D 108 -15.86 2.04 35.77
CA PHE D 108 -16.10 2.95 36.89
C PHE D 108 -15.61 2.26 38.16
N ASP D 109 -14.40 2.62 38.63
CA ASP D 109 -13.92 2.08 39.90
C ASP D 109 -13.89 3.11 41.01
N TYR D 110 -13.96 4.40 40.70
CA TYR D 110 -14.13 5.46 41.69
C TYR D 110 -15.59 5.90 41.67
N TRP D 111 -16.31 5.65 42.76
CA TRP D 111 -17.71 6.00 42.85
C TRP D 111 -17.96 6.94 44.04
N GLY D 112 -19.02 7.74 43.94
CA GLY D 112 -19.48 8.54 45.05
C GLY D 112 -20.55 7.82 45.86
N GLN D 113 -21.00 8.49 46.91
CA GLN D 113 -22.00 7.91 47.79
C GLN D 113 -23.39 7.94 47.17
N GLY D 114 -23.66 8.90 46.29
CA GLY D 114 -24.95 9.01 45.65
C GLY D 114 -25.92 9.91 46.39
N THR D 115 -26.52 10.86 45.68
CA THR D 115 -27.51 11.77 46.25
C THR D 115 -28.85 11.51 45.59
N LEU D 116 -29.89 11.35 46.41
CA LEU D 116 -31.23 11.11 45.90
C LEU D 116 -31.87 12.42 45.49
N VAL D 117 -32.46 12.46 44.30
CA VAL D 117 -33.19 13.62 43.82
C VAL D 117 -34.62 13.20 43.50
N THR D 118 -35.58 13.89 44.09
CA THR D 118 -37.00 13.61 43.89
C THR D 118 -37.62 14.76 43.11
N VAL D 119 -38.42 14.41 42.10
CA VAL D 119 -39.12 15.40 41.29
C VAL D 119 -40.61 15.32 41.62
N SER D 120 -41.13 16.32 42.32
CA SER D 120 -42.53 16.34 42.71
C SER D 120 -43.13 17.72 42.50
N SER D 121 -44.40 17.74 42.12
CA SER D 121 -45.10 18.99 41.85
C SER D 121 -45.48 19.73 43.13
N ALA D 122 -45.94 18.99 44.15
CA ALA D 122 -46.46 19.58 45.36
C ALA D 122 -45.34 19.90 46.34
N SER D 123 -45.72 20.39 47.52
CA SER D 123 -44.76 20.62 48.61
C SER D 123 -45.26 20.18 49.98
N THR D 124 -46.56 20.13 50.25
CA THR D 124 -47.07 19.52 51.47
C THR D 124 -48.55 19.20 51.32
N LYS D 125 -48.95 18.00 51.73
CA LYS D 125 -50.34 17.58 51.66
C LYS D 125 -50.57 16.46 52.65
N GLY D 126 -51.72 16.47 53.32
CA GLY D 126 -52.08 15.40 54.21
C GLY D 126 -52.67 14.23 53.45
N PRO D 127 -52.66 13.05 54.06
CA PRO D 127 -53.12 11.85 53.37
C PRO D 127 -54.62 11.60 53.51
N SER D 128 -55.15 10.80 52.59
CA SER D 128 -56.53 10.33 52.62
C SER D 128 -56.53 8.81 52.77
N VAL D 129 -57.25 8.33 53.79
CA VAL D 129 -57.25 6.91 54.15
C VAL D 129 -58.52 6.25 53.63
N PHE D 130 -58.37 5.04 53.09
CA PHE D 130 -59.48 4.26 52.58
C PHE D 130 -59.37 2.82 53.08
N PRO D 131 -60.49 2.21 53.51
CA PRO D 131 -60.48 0.84 54.02
C PRO D 131 -60.38 -0.21 52.91
N CYS D 148 -55.25 -0.99 55.40
CA CYS D 148 -55.51 0.41 55.12
C CYS D 148 -54.72 0.91 53.91
N LEU D 149 -55.30 1.88 53.20
CA LEU D 149 -54.70 2.48 52.01
C LEU D 149 -54.51 3.97 52.28
N VAL D 150 -53.25 4.40 52.34
CA VAL D 150 -52.90 5.80 52.55
C VAL D 150 -52.51 6.39 51.19
N LYS D 151 -53.32 7.33 50.69
CA LYS D 151 -53.16 7.86 49.34
C LYS D 151 -52.88 9.35 49.35
N ASP D 152 -52.00 9.78 48.43
CA ASP D 152 -51.77 11.18 48.13
C ASP D 152 -51.28 11.99 49.32
N TYR D 153 -49.99 11.86 49.65
CA TYR D 153 -49.37 12.68 50.68
C TYR D 153 -47.99 13.12 50.21
N PHE D 154 -47.38 14.04 50.95
CA PHE D 154 -46.05 14.55 50.64
C PHE D 154 -45.51 15.25 51.87
N PRO D 155 -44.22 15.06 52.22
CA PRO D 155 -43.25 14.22 51.52
C PRO D 155 -43.00 12.85 52.17
N GLU D 156 -42.13 12.78 53.17
CA GLU D 156 -41.87 11.58 53.95
C GLU D 156 -41.63 12.00 55.40
N PRO D 157 -41.90 11.10 56.37
CA PRO D 157 -42.49 9.78 56.22
C PRO D 157 -43.96 9.73 56.68
N VAL D 158 -44.56 8.54 56.57
CA VAL D 158 -45.90 8.29 57.08
C VAL D 158 -45.84 7.09 58.01
N THR D 159 -46.32 7.26 59.24
CA THR D 159 -46.29 6.22 60.26
C THR D 159 -47.71 5.72 60.51
N VAL D 160 -47.95 4.44 60.20
CA VAL D 160 -49.26 3.82 60.35
C VAL D 160 -49.15 2.67 61.34
N SER D 161 -50.13 2.58 62.24
CA SER D 161 -50.23 1.48 63.19
C SER D 161 -51.63 0.92 63.14
N TRP D 162 -51.86 -0.16 63.89
CA TRP D 162 -53.15 -0.83 63.96
C TRP D 162 -53.49 -1.11 65.41
N ASN D 163 -54.68 -0.68 65.83
CA ASN D 163 -55.16 -0.87 67.20
C ASN D 163 -54.12 -0.39 68.22
N SER D 164 -53.72 0.87 68.05
CA SER D 164 -52.75 1.51 68.94
C SER D 164 -53.02 1.19 70.41
N GLY D 165 -51.99 0.66 71.07
CA GLY D 165 -52.10 0.23 72.44
C GLY D 165 -52.36 -1.25 72.63
N ALA D 166 -52.56 -2.00 71.54
CA ALA D 166 -52.78 -3.44 71.65
C ALA D 166 -52.06 -4.23 70.57
N LEU D 167 -52.54 -4.16 69.32
CA LEU D 167 -51.97 -4.93 68.22
C LEU D 167 -50.59 -4.39 67.86
N THR D 168 -49.54 -5.17 68.17
CA THR D 168 -48.18 -4.81 67.79
C THR D 168 -47.39 -5.95 67.15
N SER D 169 -47.79 -7.21 67.34
CA SER D 169 -47.02 -8.34 66.85
C SER D 169 -47.24 -8.59 65.36
N GLY D 170 -46.14 -8.86 64.65
CA GLY D 170 -46.23 -9.28 63.26
C GLY D 170 -46.74 -8.25 62.29
N VAL D 171 -46.73 -6.97 62.64
CA VAL D 171 -47.23 -5.93 61.75
C VAL D 171 -46.15 -5.58 60.73
N HIS D 172 -46.59 -5.27 59.51
CA HIS D 172 -45.69 -4.91 58.42
C HIS D 172 -46.30 -3.80 57.59
N THR D 173 -45.62 -2.66 57.52
CA THR D 173 -46.00 -1.54 56.67
C THR D 173 -45.21 -1.60 55.37
N PHE D 174 -45.90 -1.32 54.24
CA PHE D 174 -45.26 -1.42 52.94
C PHE D 174 -44.69 -0.07 52.52
N PRO D 175 -43.62 -0.08 51.72
CA PRO D 175 -43.04 1.18 51.25
C PRO D 175 -43.95 1.91 50.27
N ALA D 176 -43.80 3.23 50.23
CA ALA D 176 -44.65 4.04 49.38
C ALA D 176 -44.14 4.04 47.94
N VAL D 177 -45.05 4.37 47.02
CA VAL D 177 -44.73 4.54 45.61
C VAL D 177 -44.82 6.01 45.26
N LEU D 178 -43.88 6.48 44.44
CA LEU D 178 -43.89 7.86 43.95
C LEU D 178 -44.67 7.89 42.64
N GLN D 179 -45.91 8.38 42.71
CA GLN D 179 -46.73 8.47 41.51
C GLN D 179 -46.25 9.59 40.60
N SER D 180 -46.72 9.55 39.35
CA SER D 180 -46.35 10.60 38.39
C SER D 180 -46.82 11.97 38.83
N SER D 181 -47.95 12.06 39.55
CA SER D 181 -48.45 13.35 40.01
C SER D 181 -47.48 14.03 40.97
N GLY D 182 -46.68 13.24 41.71
CA GLY D 182 -45.75 13.78 42.67
C GLY D 182 -46.09 13.47 44.11
N LEU D 183 -47.18 12.76 44.37
CA LEU D 183 -47.58 12.38 45.72
C LEU D 183 -47.31 10.90 45.95
N TYR D 184 -47.16 10.55 47.22
CA TYR D 184 -46.85 9.20 47.64
C TYR D 184 -48.12 8.46 48.07
N SER D 185 -48.04 7.13 48.05
CA SER D 185 -49.16 6.29 48.46
C SER D 185 -48.61 4.97 48.97
N LEU D 186 -49.10 4.51 50.12
CA LEU D 186 -48.66 3.25 50.69
C LEU D 186 -49.85 2.48 51.21
N SER D 187 -49.62 1.19 51.47
CA SER D 187 -50.59 0.33 52.11
C SER D 187 -49.95 -0.31 53.33
N SER D 188 -50.78 -0.69 54.29
CA SER D 188 -50.29 -1.39 55.49
C SER D 188 -51.27 -2.48 55.86
N VAL D 189 -50.82 -3.73 55.83
CA VAL D 189 -51.68 -4.88 56.09
C VAL D 189 -50.98 -5.82 57.06
N VAL D 190 -51.78 -6.45 57.92
CA VAL D 190 -51.32 -7.48 58.84
C VAL D 190 -52.04 -8.78 58.49
N THR D 191 -51.71 -9.87 59.19
CA THR D 191 -52.29 -11.18 58.92
C THR D 191 -53.72 -11.26 59.46
N VAL D 192 -54.55 -12.02 58.75
CA VAL D 192 -55.98 -12.12 59.02
C VAL D 192 -56.31 -13.58 59.27
N PRO D 193 -57.02 -13.90 60.36
CA PRO D 193 -57.43 -15.30 60.58
C PRO D 193 -58.51 -15.80 59.63
N SER D 194 -59.24 -14.90 58.95
CA SER D 194 -60.37 -15.18 58.06
C SER D 194 -61.57 -15.78 58.79
N SER D 195 -61.42 -16.13 60.06
CA SER D 195 -62.53 -16.58 60.89
C SER D 195 -63.01 -15.54 61.90
N SER D 196 -62.18 -14.55 62.21
CA SER D 196 -62.49 -13.51 63.19
C SER D 196 -63.08 -12.26 62.55
N LEU D 197 -63.98 -12.44 61.57
CA LEU D 197 -64.56 -11.30 60.88
C LEU D 197 -65.57 -10.57 61.74
N GLY D 198 -66.06 -11.19 62.81
CA GLY D 198 -67.00 -10.56 63.71
C GLY D 198 -66.42 -10.21 65.06
N THR D 199 -65.09 -10.30 65.23
CA THR D 199 -64.44 -10.03 66.50
C THR D 199 -63.32 -9.02 66.31
N GLN D 200 -63.13 -8.19 67.34
CA GLN D 200 -62.11 -7.14 67.38
C GLN D 200 -62.11 -6.30 66.11
N THR D 201 -62.67 -5.10 66.20
CA THR D 201 -62.64 -4.17 65.09
C THR D 201 -61.22 -3.67 64.86
N TYR D 202 -60.79 -3.65 63.60
CA TYR D 202 -59.42 -3.32 63.27
C TYR D 202 -59.37 -1.90 62.74
N ILE D 203 -58.84 -1.00 63.56
CA ILE D 203 -58.68 0.41 63.21
C ILE D 203 -57.20 0.64 62.95
N CYS D 204 -56.90 1.50 61.97
CA CYS D 204 -55.53 1.88 61.67
C CYS D 204 -55.34 3.35 61.99
N ASN D 205 -54.28 3.65 62.75
CA ASN D 205 -53.96 5.02 63.17
C ASN D 205 -52.71 5.44 62.40
N VAL D 206 -52.91 6.29 61.39
CA VAL D 206 -51.83 6.78 60.54
C VAL D 206 -51.57 8.24 60.89
N ASN D 207 -50.30 8.63 60.89
CA ASN D 207 -49.88 9.96 61.27
C ASN D 207 -48.89 10.49 60.25
N HIS D 208 -49.10 11.72 59.79
CA HIS D 208 -48.23 12.40 58.84
C HIS D 208 -47.67 13.63 59.53
N LYS D 209 -46.45 13.51 60.05
CA LYS D 209 -45.86 14.60 60.81
C LYS D 209 -45.75 15.91 60.04
N PRO D 210 -45.35 15.96 58.76
CA PRO D 210 -45.29 17.26 58.07
C PRO D 210 -46.65 17.93 57.90
N SER D 211 -47.76 17.24 58.16
CA SER D 211 -49.08 17.88 58.07
C SER D 211 -49.90 17.79 59.34
N ASN D 212 -49.53 16.95 60.30
CA ASN D 212 -50.25 16.79 61.57
C ASN D 212 -51.74 16.55 61.34
N THR D 213 -52.03 15.40 60.73
CA THR D 213 -53.41 15.04 60.41
C THR D 213 -54.03 14.09 61.42
N LYS D 214 -53.34 12.99 61.74
CA LYS D 214 -53.83 12.00 62.70
C LYS D 214 -55.25 11.56 62.34
N VAL D 215 -55.37 10.70 61.34
CA VAL D 215 -56.66 10.22 60.86
C VAL D 215 -56.78 8.75 61.21
N ASP D 216 -57.91 8.37 61.81
CA ASP D 216 -58.19 6.99 62.16
C ASP D 216 -59.33 6.45 61.30
N LYS D 217 -59.20 5.18 60.90
CA LYS D 217 -60.16 4.54 60.02
C LYS D 217 -60.23 3.06 60.33
N LYS D 218 -61.44 2.55 60.56
CA LYS D 218 -61.67 1.14 60.81
C LYS D 218 -62.12 0.45 59.53
N VAL D 219 -61.88 -0.85 59.46
CA VAL D 219 -62.20 -1.66 58.30
C VAL D 219 -63.24 -2.69 58.70
N GLU D 220 -64.21 -2.92 57.80
CA GLU D 220 -65.32 -3.83 58.04
C GLU D 220 -65.78 -4.38 56.70
N PRO D 221 -66.29 -5.62 56.66
CA PRO D 221 -66.75 -6.24 55.40
C PRO D 221 -67.97 -5.55 54.80
N SER E 1 -30.24 1.94 20.01
CA SER E 1 -29.35 1.76 21.15
C SER E 1 -29.11 0.28 21.46
N TYR E 2 -27.91 -0.03 21.94
CA TYR E 2 -27.55 -1.40 22.29
C TYR E 2 -28.31 -1.86 23.53
N VAL E 3 -28.58 -3.16 23.59
CA VAL E 3 -29.39 -3.74 24.66
C VAL E 3 -28.64 -4.93 25.24
N LEU E 4 -28.42 -4.90 26.56
CA LEU E 4 -27.90 -6.03 27.32
C LEU E 4 -29.03 -6.62 28.13
N THR E 5 -29.34 -7.89 27.91
CA THR E 5 -30.44 -8.56 28.57
C THR E 5 -29.91 -9.54 29.60
N GLN E 6 -30.41 -9.42 30.82
CA GLN E 6 -30.07 -10.30 31.93
C GLN E 6 -31.33 -10.88 32.54
N PRO E 7 -31.24 -12.05 33.18
CA PRO E 7 -32.38 -12.59 33.89
C PRO E 7 -32.67 -11.78 35.15
N PRO E 8 -33.94 -11.54 35.47
CA PRO E 8 -34.25 -10.73 36.67
C PRO E 8 -33.71 -11.33 37.96
N SER E 9 -33.80 -12.64 38.12
CA SER E 9 -33.35 -13.28 39.36
C SER E 9 -32.87 -14.69 39.09
N VAL E 10 -31.83 -15.10 39.81
CA VAL E 10 -31.40 -16.49 39.86
C VAL E 10 -31.11 -16.81 41.33
N SER E 11 -31.11 -18.10 41.64
CA SER E 11 -30.97 -18.51 43.03
C SER E 11 -30.08 -19.74 43.12
N VAL E 12 -29.21 -19.76 44.14
CA VAL E 12 -28.29 -20.87 44.36
C VAL E 12 -28.19 -21.12 45.86
N ALA E 13 -27.74 -22.36 46.21
CA ALA E 13 -27.51 -22.78 47.58
C ALA E 13 -26.13 -22.33 48.04
N PRO E 14 -25.95 -22.07 49.35
CA PRO E 14 -24.65 -21.58 49.83
C PRO E 14 -23.54 -22.61 49.62
N GLY E 15 -22.69 -22.37 48.63
CA GLY E 15 -21.62 -23.29 48.33
C GLY E 15 -21.52 -23.62 46.85
N GLN E 16 -22.63 -23.53 46.15
CA GLN E 16 -22.65 -23.84 44.72
C GLN E 16 -22.06 -22.68 43.92
N THR E 17 -22.09 -22.80 42.59
CA THR E 17 -21.50 -21.82 41.69
C THR E 17 -22.62 -21.12 40.94
N ALA E 18 -22.86 -19.85 41.27
CA ALA E 18 -23.88 -19.08 40.59
C ALA E 18 -23.35 -18.49 39.28
N ARG E 19 -24.22 -18.46 38.27
CA ARG E 19 -23.84 -17.96 36.95
C ARG E 19 -24.88 -16.94 36.49
N ILE E 20 -24.41 -15.75 36.12
CA ILE E 20 -25.27 -14.67 35.67
C ILE E 20 -25.00 -14.43 34.19
N THR E 21 -26.04 -14.59 33.37
CA THR E 21 -25.91 -14.46 31.93
C THR E 21 -26.21 -13.04 31.49
N CYS E 22 -25.38 -12.52 30.59
CA CYS E 22 -25.52 -11.17 30.07
C CYS E 22 -25.59 -11.29 28.54
N GLY E 23 -26.78 -11.08 27.99
CA GLY E 23 -27.03 -11.36 26.59
C GLY E 23 -26.96 -10.09 25.75
N GLY E 24 -26.34 -10.22 24.58
CA GLY E 24 -26.22 -9.13 23.63
C GLY E 24 -25.79 -9.62 22.26
N ASN E 25 -26.32 -9.02 21.20
CA ASN E 25 -26.00 -9.43 19.84
C ASN E 25 -24.51 -9.26 19.58
N ASN E 26 -23.79 -10.36 19.42
CA ASN E 26 -22.34 -10.37 19.23
C ASN E 26 -21.62 -9.58 20.33
N ILE E 27 -21.86 -10.02 21.57
CA ILE E 27 -21.22 -9.40 22.73
C ILE E 27 -19.76 -9.82 22.87
N GLY E 28 -19.34 -10.86 22.16
CA GLY E 28 -17.96 -11.29 22.21
C GLY E 28 -16.99 -10.34 21.57
N SER E 29 -17.48 -9.40 20.75
CA SER E 29 -16.65 -8.36 20.18
C SER E 29 -16.65 -7.08 21.02
N LYS E 30 -17.10 -7.16 22.27
CA LYS E 30 -17.12 -6.03 23.18
C LYS E 30 -16.46 -6.43 24.48
N THR E 31 -16.00 -5.44 25.23
CA THR E 31 -15.33 -5.65 26.51
C THR E 31 -16.36 -5.46 27.62
N VAL E 32 -16.61 -6.52 28.39
CA VAL E 32 -17.63 -6.53 29.43
C VAL E 32 -16.98 -6.26 30.78
N HIS E 33 -17.62 -5.40 31.57
CA HIS E 33 -17.24 -5.18 32.96
C HIS E 33 -18.43 -5.50 33.85
N TRP E 34 -18.15 -5.89 35.09
CA TRP E 34 -19.17 -6.33 36.02
C TRP E 34 -19.12 -5.51 37.30
N TYR E 35 -20.29 -5.26 37.88
CA TYR E 35 -20.39 -4.45 39.08
C TYR E 35 -21.31 -5.12 40.10
N GLN E 36 -20.91 -5.08 41.37
CA GLN E 36 -21.71 -5.57 42.48
C GLN E 36 -22.28 -4.38 43.24
N GLN E 37 -23.57 -4.47 43.57
CA GLN E 37 -24.24 -3.39 44.28
C GLN E 37 -25.03 -3.96 45.45
N LYS E 38 -24.70 -3.50 46.65
CA LYS E 38 -25.37 -3.84 47.90
C LYS E 38 -26.31 -2.72 48.33
N PRO E 39 -27.34 -3.02 49.14
CA PRO E 39 -28.43 -2.04 49.32
C PRO E 39 -27.92 -0.76 49.99
N GLY E 40 -28.36 0.37 49.44
CA GLY E 40 -27.94 1.65 49.97
C GLY E 40 -26.49 1.97 49.74
N GLN E 41 -25.84 1.26 48.82
CA GLN E 41 -24.42 1.45 48.55
C GLN E 41 -24.22 1.61 47.06
N ALA E 42 -23.07 2.17 46.70
CA ALA E 42 -22.73 2.34 45.31
C ALA E 42 -22.23 1.02 44.71
N PRO E 43 -22.40 0.82 43.40
CA PRO E 43 -21.84 -0.37 42.77
C PRO E 43 -20.32 -0.39 42.88
N VAL E 44 -19.76 -1.58 42.98
CA VAL E 44 -18.32 -1.77 43.05
C VAL E 44 -17.89 -2.67 41.89
N LEU E 45 -16.84 -2.25 41.18
CA LEU E 45 -16.29 -3.07 40.10
C LEU E 45 -15.67 -4.34 40.68
N VAL E 46 -16.09 -5.50 40.15
CA VAL E 46 -15.58 -6.77 40.64
C VAL E 46 -14.85 -7.52 39.53
N VAL E 47 -15.26 -7.31 38.28
CA VAL E 47 -14.61 -7.96 37.14
C VAL E 47 -14.51 -6.93 36.02
N TYR E 48 -13.29 -6.76 35.49
CA TYR E 48 -13.04 -5.84 34.38
C TYR E 48 -12.28 -6.58 33.28
N ASP E 49 -12.40 -6.05 32.06
CA ASP E 49 -11.77 -6.62 30.87
C ASP E 49 -12.13 -8.10 30.72
N ASP E 50 -13.45 -8.35 30.68
CA ASP E 50 -14.02 -9.68 30.47
C ASP E 50 -13.77 -10.64 31.62
N SER E 51 -12.53 -10.76 32.10
CA SER E 51 -12.17 -11.80 33.04
C SER E 51 -11.22 -11.42 34.16
N ASP E 52 -10.67 -10.20 34.16
CA ASP E 52 -9.74 -9.82 35.22
C ASP E 52 -10.48 -9.32 36.45
N ARG E 53 -9.78 -9.30 37.58
CA ARG E 53 -10.33 -8.86 38.84
C ARG E 53 -9.42 -7.79 39.45
N PRO E 54 -10.00 -6.80 40.13
CA PRO E 54 -9.17 -5.84 40.87
C PRO E 54 -8.61 -6.46 42.15
N SER E 55 -7.69 -5.73 42.76
CA SER E 55 -7.05 -6.21 43.98
C SER E 55 -8.06 -6.19 45.13
N GLY E 56 -8.17 -7.33 45.83
CA GLY E 56 -9.09 -7.49 46.93
C GLY E 56 -10.22 -8.46 46.62
N ILE E 57 -10.66 -8.51 45.38
CA ILE E 57 -11.74 -9.44 45.01
C ILE E 57 -11.19 -10.86 45.03
N PRO E 58 -11.89 -11.82 45.64
CA PRO E 58 -11.35 -13.18 45.72
C PRO E 58 -11.35 -13.87 44.37
N GLU E 59 -10.53 -14.92 44.26
CA GLU E 59 -10.38 -15.63 43.00
C GLU E 59 -11.58 -16.51 42.68
N ARG E 60 -12.58 -16.59 43.56
CA ARG E 60 -13.78 -17.35 43.26
C ARG E 60 -14.69 -16.62 42.28
N PHE E 61 -14.47 -15.32 42.05
CA PHE E 61 -15.16 -14.56 41.02
C PHE E 61 -14.42 -14.73 39.70
N SER E 62 -15.18 -14.98 38.63
CA SER E 62 -14.59 -15.18 37.31
C SER E 62 -15.57 -14.69 36.26
N GLY E 63 -15.04 -14.39 35.08
CA GLY E 63 -15.85 -13.87 34.00
C GLY E 63 -15.48 -14.49 32.67
N SER E 64 -16.47 -14.56 31.79
CA SER E 64 -16.27 -15.08 30.44
C SER E 64 -17.09 -14.24 29.47
N ASN E 65 -16.68 -14.27 28.20
CA ASN E 65 -17.33 -13.48 27.16
C ASN E 65 -17.09 -14.21 25.84
N SER E 66 -18.17 -14.71 25.24
CA SER E 66 -18.05 -15.54 24.04
C SER E 66 -19.35 -15.44 23.25
N GLY E 67 -19.23 -14.99 22.00
CA GLY E 67 -20.36 -14.95 21.10
C GLY E 67 -21.43 -13.98 21.50
N ASN E 68 -22.60 -14.50 21.89
CA ASN E 68 -23.74 -13.66 22.27
C ASN E 68 -24.11 -13.78 23.74
N THR E 69 -23.17 -14.21 24.58
CA THR E 69 -23.45 -14.40 26.00
C THR E 69 -22.18 -14.24 26.82
N ALA E 70 -22.19 -13.26 27.73
CA ALA E 70 -21.12 -13.09 28.71
C ALA E 70 -21.64 -13.50 30.08
N THR E 71 -20.84 -14.28 30.81
CA THR E 71 -21.26 -14.86 32.07
C THR E 71 -20.30 -14.46 33.17
N LEU E 72 -20.86 -14.04 34.30
CA LEU E 72 -20.10 -13.79 35.52
C LEU E 72 -20.30 -15.01 36.41
N THR E 73 -19.23 -15.76 36.66
CA THR E 73 -19.29 -16.99 37.45
C THR E 73 -18.69 -16.71 38.82
N ILE E 74 -19.47 -16.93 39.86
CA ILE E 74 -19.01 -16.81 41.24
C ILE E 74 -19.08 -18.21 41.84
N SER E 75 -17.92 -18.79 42.13
CA SER E 75 -17.85 -20.14 42.64
C SER E 75 -17.84 -20.13 44.17
N ARG E 76 -18.29 -21.24 44.76
CA ARG E 76 -18.40 -21.40 46.20
C ARG E 76 -19.18 -20.23 46.81
N VAL E 77 -20.40 -20.02 46.28
CA VAL E 77 -21.21 -18.88 46.69
C VAL E 77 -21.48 -18.96 48.18
N GLU E 78 -21.04 -17.95 48.91
CA GLU E 78 -21.24 -17.86 50.35
C GLU E 78 -22.16 -16.72 50.69
N ALA E 79 -22.60 -16.71 51.94
CA ALA E 79 -23.37 -15.59 52.46
C ALA E 79 -22.48 -14.36 52.52
N GLY E 80 -22.88 -13.29 51.84
CA GLY E 80 -22.05 -12.11 51.75
C GLY E 80 -21.70 -11.73 50.33
N ASP E 81 -22.15 -12.50 49.34
CA ASP E 81 -22.05 -12.14 47.94
C ASP E 81 -23.35 -11.50 47.45
N GLU E 82 -24.36 -11.46 48.32
CA GLU E 82 -25.67 -10.86 48.09
C GLU E 82 -26.19 -11.02 46.67
N ALA E 83 -26.49 -9.90 46.01
CA ALA E 83 -27.20 -9.89 44.75
C ALA E 83 -26.91 -8.58 44.02
N ASP E 84 -27.76 -8.26 43.05
CA ASP E 84 -27.66 -7.08 42.21
C ASP E 84 -26.28 -7.00 41.55
N TYR E 85 -26.13 -7.67 40.41
CA TYR E 85 -24.93 -7.61 39.60
C TYR E 85 -25.30 -7.09 38.21
N TYR E 86 -24.48 -6.20 37.68
CA TYR E 86 -24.73 -5.58 36.39
C TYR E 86 -23.53 -5.79 35.47
N CYS E 87 -23.80 -6.12 34.22
CA CYS E 87 -22.78 -6.09 33.18
C CYS E 87 -22.85 -4.75 32.47
N GLN E 88 -21.69 -4.25 32.04
CA GLN E 88 -21.61 -2.94 31.39
C GLN E 88 -20.64 -3.04 30.24
N VAL E 89 -21.03 -2.49 29.08
CA VAL E 89 -20.21 -2.49 27.88
C VAL E 89 -20.32 -1.13 27.20
N TRP E 90 -19.30 -0.82 26.40
CA TRP E 90 -19.27 0.39 25.59
C TRP E 90 -19.71 0.04 24.17
N ASP E 91 -20.65 0.81 23.65
CA ASP E 91 -21.13 0.63 22.30
C ASP E 91 -20.28 1.46 21.34
N SER E 92 -19.78 0.82 20.29
CA SER E 92 -18.93 1.54 19.35
C SER E 92 -19.75 2.42 18.40
N SER E 93 -20.87 1.89 17.91
CA SER E 93 -21.65 2.61 16.90
C SER E 93 -22.37 3.82 17.50
N SER E 94 -22.86 3.71 18.72
CA SER E 94 -23.54 4.80 19.39
C SER E 94 -22.60 5.64 20.25
N ASP E 95 -21.39 5.16 20.50
CA ASP E 95 -20.44 5.82 21.39
C ASP E 95 -21.10 6.11 22.74
N HIS E 96 -21.62 5.03 23.34
CA HIS E 96 -22.42 5.11 24.54
C HIS E 96 -22.09 3.95 25.46
N TYR E 97 -22.26 4.16 26.76
CA TYR E 97 -22.02 3.13 27.76
C TYR E 97 -23.35 2.63 28.29
N VAL E 98 -23.60 1.32 28.14
CA VAL E 98 -24.88 0.75 28.50
C VAL E 98 -24.68 -0.27 29.62
N PHE E 99 -25.68 -0.34 30.50
CA PHE E 99 -25.70 -1.27 31.61
C PHE E 99 -26.72 -2.37 31.36
N GLY E 100 -26.49 -3.53 31.98
CA GLY E 100 -27.46 -4.60 31.91
C GLY E 100 -28.73 -4.27 32.69
N THR E 101 -29.78 -5.03 32.42
CA THR E 101 -31.05 -4.80 33.11
C THR E 101 -30.93 -5.06 34.60
N GLY E 102 -30.02 -5.95 35.00
CA GLY E 102 -29.80 -6.22 36.41
C GLY E 102 -30.29 -7.61 36.74
N THR E 103 -29.53 -8.30 37.58
CA THR E 103 -29.86 -9.65 38.02
C THR E 103 -29.68 -9.72 39.52
N LYS E 104 -30.74 -10.12 40.23
CA LYS E 104 -30.73 -10.23 41.68
C LYS E 104 -30.59 -11.71 42.03
N VAL E 105 -29.36 -12.13 42.31
CA VAL E 105 -29.07 -13.51 42.66
C VAL E 105 -29.16 -13.65 44.17
N THR E 106 -30.07 -14.49 44.64
CA THR E 106 -30.27 -14.65 46.07
C THR E 106 -29.72 -15.98 46.53
N VAL E 107 -28.88 -15.94 47.56
CA VAL E 107 -28.36 -17.15 48.19
C VAL E 107 -29.43 -17.67 49.13
N LEU E 108 -29.77 -18.95 48.98
CA LEU E 108 -30.89 -19.50 49.74
C LEU E 108 -30.49 -19.81 51.17
N GLY E 109 -31.40 -19.52 52.10
CA GLY E 109 -31.27 -19.87 53.50
C GLY E 109 -32.65 -20.13 54.06
N GLN E 110 -33.65 -20.00 53.17
CA GLN E 110 -35.05 -20.30 53.43
C GLN E 110 -35.66 -20.79 52.14
N PRO E 111 -36.61 -21.72 52.21
CA PRO E 111 -37.09 -22.42 51.01
C PRO E 111 -37.91 -21.53 50.09
N LYS E 112 -38.22 -22.09 48.92
CA LYS E 112 -39.03 -21.41 47.92
C LYS E 112 -40.49 -21.35 48.37
N ALA E 113 -41.11 -20.19 48.17
CA ALA E 113 -42.50 -19.95 48.53
C ALA E 113 -43.28 -19.49 47.31
N ALA E 114 -44.56 -19.88 47.25
CA ALA E 114 -45.44 -19.53 46.15
C ALA E 114 -46.24 -18.27 46.48
N PRO E 115 -46.39 -17.35 45.53
CA PRO E 115 -47.02 -16.05 45.84
C PRO E 115 -48.53 -16.16 45.99
N SER E 116 -49.05 -15.57 47.06
CA SER E 116 -50.48 -15.43 47.28
C SER E 116 -50.90 -14.03 46.84
N VAL E 117 -51.94 -13.95 46.01
CA VAL E 117 -52.37 -12.70 45.41
C VAL E 117 -53.69 -12.30 46.04
N THR E 118 -53.76 -11.05 46.51
CA THR E 118 -54.99 -10.48 47.07
C THR E 118 -55.25 -9.18 46.31
N LEU E 119 -56.20 -9.23 45.39
CA LEU E 119 -56.61 -8.05 44.62
C LEU E 119 -57.81 -7.43 45.32
N PHE E 120 -57.71 -6.16 45.67
CA PHE E 120 -58.78 -5.50 46.39
C PHE E 120 -59.50 -4.55 45.45
N PRO E 121 -60.83 -4.58 45.40
CA PRO E 121 -61.57 -3.64 44.57
C PRO E 121 -61.45 -2.25 45.14
N PRO E 122 -61.82 -1.22 44.38
CA PRO E 122 -61.81 0.14 44.94
C PRO E 122 -62.85 0.25 46.04
N SER E 123 -62.45 0.83 47.16
CA SER E 123 -63.35 0.99 48.29
C SER E 123 -64.50 1.93 47.92
N SER E 124 -65.71 1.56 48.35
CA SER E 124 -66.89 2.39 48.05
C SER E 124 -66.74 3.79 48.60
N GLU E 125 -65.99 3.95 49.70
CA GLU E 125 -65.69 5.28 50.22
C GLU E 125 -64.88 6.09 49.22
N GLU E 126 -64.03 5.43 48.44
CA GLU E 126 -63.22 6.11 47.42
C GLU E 126 -64.06 6.49 46.20
N LEU E 127 -65.04 5.66 45.83
CA LEU E 127 -65.89 5.99 44.69
C LEU E 127 -66.69 7.26 44.96
N GLN E 128 -67.13 7.47 46.21
CA GLN E 128 -67.77 8.72 46.56
C GLN E 128 -66.81 9.90 46.46
N ALA E 129 -65.50 9.64 46.56
CA ALA E 129 -64.48 10.65 46.35
C ALA E 129 -64.06 10.76 44.90
N ASN E 130 -64.85 10.20 43.97
CA ASN E 130 -64.62 10.29 42.54
C ASN E 130 -63.26 9.70 42.14
N LYS E 131 -62.81 8.65 42.84
CA LYS E 131 -61.57 7.99 42.53
C LYS E 131 -61.72 6.49 42.72
N ALA E 132 -60.78 5.74 42.16
CA ALA E 132 -60.77 4.29 42.26
C ALA E 132 -59.33 3.79 42.13
N THR E 133 -58.90 2.98 43.08
CA THR E 133 -57.53 2.46 43.10
C THR E 133 -57.55 0.97 43.43
N LEU E 134 -57.08 0.14 42.50
CA LEU E 134 -56.87 -1.26 42.78
C LEU E 134 -55.58 -1.44 43.57
N VAL E 135 -55.59 -2.41 44.49
CA VAL E 135 -54.46 -2.68 45.38
C VAL E 135 -54.17 -4.17 45.33
N CYS E 136 -52.97 -4.51 44.86
CA CYS E 136 -52.52 -5.91 44.79
C CYS E 136 -51.33 -6.07 45.73
N LEU E 137 -51.50 -6.91 46.76
CA LEU E 137 -50.50 -7.10 47.79
C LEU E 137 -50.01 -8.54 47.83
N ILE E 138 -48.70 -8.72 47.97
CA ILE E 138 -48.07 -10.03 48.00
C ILE E 138 -47.06 -10.06 49.15
N SER E 139 -47.05 -11.15 49.92
CA SER E 139 -46.11 -11.29 51.02
C SER E 139 -45.88 -12.75 51.37
N ASP E 140 -45.90 -13.63 50.38
CA ASP E 140 -45.60 -15.05 50.55
C ASP E 140 -44.67 -15.53 49.45
N PHE E 141 -43.61 -14.78 49.20
CA PHE E 141 -42.59 -15.11 48.22
C PHE E 141 -41.22 -14.91 48.85
N TYR E 142 -40.22 -15.61 48.32
CA TYR E 142 -38.89 -15.49 48.90
C TYR E 142 -37.76 -15.56 47.87
N PRO E 143 -37.84 -16.40 46.81
CA PRO E 143 -36.82 -16.31 45.76
C PRO E 143 -36.83 -14.99 45.04
N GLY E 144 -35.97 -14.06 45.47
CA GLY E 144 -35.87 -12.77 44.82
C GLY E 144 -37.14 -11.93 44.93
N ALA E 145 -37.67 -11.53 43.78
CA ALA E 145 -38.87 -10.73 43.72
C ALA E 145 -39.85 -11.37 42.73
N VAL E 146 -40.74 -10.55 42.18
CA VAL E 146 -41.85 -11.01 41.34
C VAL E 146 -42.01 -10.07 40.15
N THR E 147 -42.90 -10.47 39.24
CA THR E 147 -43.20 -9.70 38.03
C THR E 147 -44.72 -9.60 37.94
N VAL E 148 -45.23 -8.37 37.97
CA VAL E 148 -46.66 -8.10 37.99
C VAL E 148 -47.10 -7.54 36.63
N ALA E 149 -48.22 -8.04 36.13
CA ALA E 149 -48.83 -7.56 34.90
C ALA E 149 -50.34 -7.42 35.10
N TRP E 150 -50.94 -6.44 34.43
CA TRP E 150 -52.36 -6.18 34.57
C TRP E 150 -53.08 -6.39 33.24
N LYS E 151 -54.39 -6.59 33.32
CA LYS E 151 -55.23 -6.82 32.14
C LYS E 151 -56.63 -6.28 32.41
N ALA E 152 -57.22 -5.65 31.37
CA ALA E 152 -58.58 -5.10 31.45
C ALA E 152 -59.42 -5.69 30.30
N ASP E 153 -59.86 -6.94 30.47
CA ASP E 153 -60.73 -7.62 29.52
C ASP E 153 -60.15 -7.67 28.10
N SER E 154 -59.31 -8.67 27.85
CA SER E 154 -58.64 -8.89 26.56
C SER E 154 -57.81 -7.70 26.11
N SER E 155 -57.43 -6.81 27.03
CA SER E 155 -56.55 -5.70 26.68
C SER E 155 -55.72 -5.32 27.89
N PRO E 156 -54.42 -5.64 27.91
CA PRO E 156 -53.59 -5.30 29.07
C PRO E 156 -53.39 -3.80 29.20
N VAL E 157 -53.01 -3.39 30.40
CA VAL E 157 -52.86 -1.98 30.76
C VAL E 157 -51.49 -1.79 31.41
N LYS E 158 -50.90 -0.63 31.15
CA LYS E 158 -49.64 -0.25 31.78
C LYS E 158 -49.61 1.20 32.24
N ALA E 159 -50.41 2.09 31.65
CA ALA E 159 -50.45 3.50 32.04
C ALA E 159 -51.25 3.61 33.34
N GLY E 160 -50.56 3.64 34.46
CA GLY E 160 -51.21 3.75 35.76
C GLY E 160 -50.76 2.70 36.76
N VAL E 161 -49.74 1.93 36.40
CA VAL E 161 -49.22 0.87 37.25
C VAL E 161 -48.05 1.40 38.06
N GLU E 162 -48.02 1.07 39.35
CA GLU E 162 -46.92 1.47 40.22
C GLU E 162 -46.61 0.33 41.18
N THR E 163 -45.37 -0.17 41.12
CA THR E 163 -44.93 -1.28 41.94
C THR E 163 -43.72 -0.85 42.76
N THR E 164 -43.60 -1.40 43.96
CA THR E 164 -42.49 -1.11 44.85
C THR E 164 -41.47 -2.24 44.86
N THR E 165 -40.30 -1.96 45.43
CA THR E 165 -39.26 -2.93 45.72
C THR E 165 -39.55 -3.64 47.05
N PRO E 166 -39.13 -4.91 47.17
CA PRO E 166 -39.36 -5.64 48.42
C PRO E 166 -38.67 -4.96 49.60
N SER E 167 -39.24 -5.19 50.80
CA SER E 167 -38.79 -4.52 52.02
C SER E 167 -38.58 -5.53 53.14
N LYS E 168 -37.52 -5.29 53.92
CA LYS E 168 -37.16 -6.17 55.03
C LYS E 168 -38.17 -6.03 56.16
N GLN E 169 -38.79 -7.15 56.54
CA GLN E 169 -39.61 -7.18 57.74
C GLN E 169 -38.78 -7.73 58.89
N SER E 170 -39.37 -7.75 60.09
CA SER E 170 -38.58 -8.06 61.29
C SER E 170 -38.11 -9.51 61.31
N ASN E 171 -38.81 -10.42 60.64
CA ASN E 171 -38.47 -11.83 60.64
C ASN E 171 -37.69 -12.27 59.39
N ASN E 172 -36.96 -11.34 58.77
CA ASN E 172 -36.08 -11.63 57.63
C ASN E 172 -36.87 -12.24 56.46
N LYS E 173 -37.90 -11.51 56.03
CA LYS E 173 -38.68 -11.87 54.85
C LYS E 173 -39.00 -10.59 54.11
N TYR E 174 -39.55 -10.72 52.90
CA TYR E 174 -39.79 -9.58 52.03
C TYR E 174 -41.24 -9.57 51.55
N ALA E 175 -41.71 -8.38 51.20
CA ALA E 175 -43.08 -8.17 50.76
C ALA E 175 -43.10 -7.04 49.73
N ALA E 176 -44.09 -7.08 48.83
CA ALA E 176 -44.19 -6.09 47.77
C ALA E 176 -45.65 -5.67 47.58
N SER E 177 -45.83 -4.53 46.92
CA SER E 177 -47.14 -3.96 46.67
C SER E 177 -47.20 -3.39 45.25
N SER E 178 -48.39 -3.49 44.64
CA SER E 178 -48.63 -2.94 43.31
C SER E 178 -49.97 -2.23 43.30
N TYR E 179 -50.04 -1.11 42.58
CA TYR E 179 -51.23 -0.28 42.53
C TYR E 179 -51.58 0.03 41.08
N LEU E 180 -52.87 -0.08 40.76
CA LEU E 180 -53.40 0.25 39.43
C LEU E 180 -54.51 1.27 39.62
N SER E 181 -54.35 2.44 39.00
CA SER E 181 -55.28 3.56 39.16
C SER E 181 -55.99 3.87 37.85
N LEU E 182 -57.26 4.26 37.96
CA LEU E 182 -58.06 4.61 36.80
C LEU E 182 -59.26 5.43 37.27
N THR E 183 -59.91 6.10 36.31
CA THR E 183 -61.06 6.94 36.62
C THR E 183 -62.29 6.09 36.91
N PRO E 184 -63.23 6.60 37.71
CA PRO E 184 -64.42 5.80 38.04
C PRO E 184 -65.31 5.47 36.85
N GLU E 185 -65.28 6.28 35.78
CA GLU E 185 -66.08 5.97 34.60
C GLU E 185 -65.49 4.80 33.82
N GLN E 186 -64.17 4.62 33.89
CA GLN E 186 -63.54 3.45 33.31
C GLN E 186 -63.82 2.20 34.14
N TRP E 187 -64.05 2.37 35.44
CA TRP E 187 -64.36 1.23 36.30
C TRP E 187 -65.67 0.57 35.91
N LYS E 188 -66.71 1.38 35.68
CA LYS E 188 -67.99 0.80 35.26
C LYS E 188 -67.95 0.28 33.83
N SER E 189 -66.95 0.67 33.05
CA SER E 189 -66.80 0.19 31.70
C SER E 189 -66.09 -1.16 31.74
N HIS E 190 -65.56 -1.61 30.60
CA HIS E 190 -64.87 -2.89 30.53
C HIS E 190 -65.75 -4.00 31.09
N ARG E 191 -65.32 -4.63 32.19
CA ARG E 191 -66.09 -5.67 32.85
C ARG E 191 -65.40 -6.16 34.12
N SER E 192 -64.11 -6.49 34.02
CA SER E 192 -63.34 -6.99 35.15
C SER E 192 -61.88 -6.62 34.95
N TYR E 193 -61.10 -6.75 36.02
CA TYR E 193 -59.67 -6.47 36.00
C TYR E 193 -58.93 -7.62 36.67
N SER E 194 -57.61 -7.68 36.47
CA SER E 194 -56.82 -8.81 36.91
C SER E 194 -55.41 -8.40 37.29
N CYS E 195 -54.92 -8.98 38.39
CA CYS E 195 -53.53 -8.82 38.84
C CYS E 195 -52.80 -10.14 38.63
N GLN E 196 -51.82 -10.15 37.74
CA GLN E 196 -51.06 -11.35 37.39
C GLN E 196 -49.66 -11.24 37.98
N VAL E 197 -49.32 -12.19 38.86
CA VAL E 197 -48.02 -12.23 39.53
C VAL E 197 -47.25 -13.45 39.04
N THR E 198 -46.07 -13.22 38.48
CA THR E 198 -45.20 -14.29 37.99
C THR E 198 -44.01 -14.42 38.93
N HIS E 199 -43.67 -15.65 39.30
CA HIS E 199 -42.59 -15.90 40.25
C HIS E 199 -41.90 -17.22 39.94
N GLU E 200 -40.62 -17.13 39.56
CA GLU E 200 -39.77 -18.31 39.32
C GLU E 200 -40.39 -19.26 38.30
N GLY E 201 -41.02 -18.70 37.27
CA GLY E 201 -41.59 -19.49 36.21
C GLY E 201 -43.09 -19.71 36.34
N SER E 202 -43.51 -20.22 37.50
CA SER E 202 -44.93 -20.44 37.74
C SER E 202 -45.64 -19.10 37.92
N THR E 203 -46.94 -19.10 37.59
CA THR E 203 -47.74 -17.89 37.62
C THR E 203 -48.96 -18.08 38.53
N VAL E 204 -49.34 -17.00 39.20
CA VAL E 204 -50.54 -16.96 40.03
C VAL E 204 -51.33 -15.72 39.62
N GLU E 205 -52.61 -15.93 39.31
CA GLU E 205 -53.45 -14.85 38.78
C GLU E 205 -54.76 -14.81 39.55
N LYS E 206 -55.15 -13.61 39.97
CA LYS E 206 -56.43 -13.37 40.61
C LYS E 206 -57.14 -12.22 39.90
N THR E 207 -58.46 -12.20 40.04
CA THR E 207 -59.32 -11.28 39.31
C THR E 207 -60.25 -10.57 40.29
N VAL E 208 -60.89 -9.51 39.81
CA VAL E 208 -61.79 -8.70 40.62
C VAL E 208 -63.09 -8.51 39.86
N ALA E 209 -64.20 -8.47 40.61
CA ALA E 209 -65.54 -8.34 40.07
C ALA E 209 -66.31 -7.28 40.85
N PRO E 210 -67.12 -6.47 40.16
CA PRO E 210 -67.94 -5.47 40.86
C PRO E 210 -68.97 -6.14 41.76
N THR E 211 -68.87 -5.87 43.06
CA THR E 211 -69.74 -6.45 44.09
C THR E 211 -69.65 -7.98 44.09
N GLN F 3 -10.24 -18.94 15.99
CA GLN F 3 -9.93 -20.37 16.13
C GLN F 3 -8.83 -20.81 15.16
N PRO F 4 -7.58 -20.35 15.40
CA PRO F 4 -6.45 -20.80 14.57
C PRO F 4 -5.96 -22.18 14.98
N THR F 5 -6.80 -23.19 14.72
CA THR F 5 -6.58 -24.57 15.16
C THR F 5 -6.36 -24.62 16.67
N GLU F 6 -7.42 -24.29 17.41
CA GLU F 6 -7.39 -24.34 18.86
C GLU F 6 -8.28 -25.44 19.42
N SER F 7 -8.70 -26.39 18.58
CA SER F 7 -9.27 -27.64 19.11
C SER F 7 -8.29 -28.31 20.06
N ILE F 8 -7.03 -28.38 19.66
CA ILE F 8 -5.90 -28.55 20.57
C ILE F 8 -4.87 -27.51 20.16
N VAL F 9 -4.12 -27.00 21.13
CA VAL F 9 -3.33 -25.78 20.92
C VAL F 9 -2.35 -25.98 19.77
N ARG F 10 -2.45 -25.12 18.75
CA ARG F 10 -1.54 -25.19 17.61
C ARG F 10 -1.50 -23.79 16.98
N PHE F 11 -0.46 -23.05 17.28
CA PHE F 11 -0.22 -21.71 16.78
C PHE F 11 1.17 -21.68 16.14
N PRO F 12 1.45 -20.68 15.30
CA PRO F 12 2.78 -20.63 14.66
C PRO F 12 3.89 -20.64 15.70
N ASN F 13 4.97 -21.35 15.39
CA ASN F 13 6.09 -21.53 16.30
C ASN F 13 7.13 -20.42 16.19
N ILE F 14 6.74 -19.24 15.70
CA ILE F 14 7.69 -18.14 15.59
C ILE F 14 7.84 -17.44 16.94
N THR F 15 8.95 -16.74 17.10
CA THR F 15 9.29 -16.10 18.36
C THR F 15 9.57 -14.60 18.25
N ASN F 16 9.79 -14.07 17.05
CA ASN F 16 10.11 -12.65 16.91
C ASN F 16 8.90 -11.79 17.18
N LEU F 17 9.11 -10.72 17.95
CA LEU F 17 8.02 -9.84 18.37
C LEU F 17 7.74 -8.78 17.31
N CYS F 18 6.46 -8.39 17.21
CA CYS F 18 6.08 -7.35 16.27
C CYS F 18 6.58 -6.00 16.79
N PRO F 19 7.07 -5.14 15.90
CA PRO F 19 7.66 -3.84 16.33
C PRO F 19 6.65 -2.71 16.47
N PHE F 20 5.75 -2.84 17.46
CA PHE F 20 4.82 -1.76 17.74
C PHE F 20 5.53 -0.51 18.26
N GLY F 21 6.68 -0.69 18.91
CA GLY F 21 7.40 0.45 19.46
C GLY F 21 7.84 1.44 18.41
N GLU F 22 8.24 0.94 17.23
CA GLU F 22 8.68 1.86 16.17
C GLU F 22 7.56 2.78 15.70
N VAL F 23 6.31 2.43 15.97
CA VAL F 23 5.17 3.28 15.65
C VAL F 23 4.74 4.11 16.85
N PHE F 24 4.53 3.45 18.00
CA PHE F 24 4.05 4.16 19.18
C PHE F 24 5.12 5.07 19.77
N ASN F 25 6.35 4.56 19.92
CA ASN F 25 7.44 5.31 20.52
C ASN F 25 8.32 6.02 19.50
N ALA F 26 7.76 6.42 18.36
CA ALA F 26 8.54 7.17 17.37
C ALA F 26 8.79 8.60 17.86
N THR F 27 10.03 9.08 17.67
CA THR F 27 10.33 10.43 18.12
C THR F 27 9.56 11.47 17.33
N ARG F 28 9.31 11.23 16.05
CA ARG F 28 8.59 12.15 15.20
C ARG F 28 7.42 11.43 14.54
N PHE F 29 6.29 12.13 14.46
CA PHE F 29 5.09 11.65 13.79
C PHE F 29 4.83 12.47 12.53
N ALA F 30 3.94 11.96 11.70
CA ALA F 30 3.63 12.59 10.43
C ALA F 30 2.42 13.50 10.56
N SER F 31 2.36 14.49 9.67
CA SER F 31 1.16 15.30 9.56
C SER F 31 -0.03 14.41 9.21
N VAL F 32 -1.23 14.85 9.61
CA VAL F 32 -2.40 14.02 9.35
C VAL F 32 -2.57 13.83 7.85
N TYR F 33 -2.31 14.88 7.07
CA TYR F 33 -2.15 14.68 5.64
C TYR F 33 -0.83 13.94 5.46
N ALA F 34 -0.78 13.02 4.51
CA ALA F 34 0.42 12.20 4.30
C ALA F 34 0.77 11.38 5.54
N TRP F 35 -0.25 10.79 6.16
CA TRP F 35 -0.07 9.95 7.34
C TRP F 35 0.72 8.70 7.00
N ASN F 36 1.53 8.22 7.96
CA ASN F 36 2.37 7.06 7.73
C ASN F 36 1.64 5.76 8.07
N ARG F 37 2.08 4.68 7.43
CA ARG F 37 1.52 3.35 7.67
C ARG F 37 2.65 2.35 7.84
N LYS F 38 2.49 1.46 8.83
CA LYS F 38 3.41 0.35 9.04
C LYS F 38 2.64 -0.95 8.87
N ARG F 39 3.17 -1.85 8.05
CA ARG F 39 2.58 -3.16 7.88
C ARG F 39 3.20 -4.11 8.91
N ILE F 40 2.35 -4.77 9.69
CA ILE F 40 2.79 -5.73 10.70
C ILE F 40 2.42 -7.13 10.22
N SER F 41 3.44 -7.98 10.04
CA SER F 41 3.23 -9.33 9.56
C SER F 41 4.40 -10.22 10.00
N ASN F 42 4.14 -11.52 10.00
CA ASN F 42 5.15 -12.54 10.32
C ASN F 42 5.87 -12.22 11.62
N CYS F 43 5.10 -12.18 12.69
CA CYS F 43 5.63 -11.86 14.02
C CYS F 43 4.56 -12.18 15.05
N VAL F 44 4.99 -12.33 16.29
CA VAL F 44 4.10 -12.55 17.42
C VAL F 44 3.78 -11.20 18.03
N ALA F 45 2.49 -10.89 18.15
CA ALA F 45 2.05 -9.59 18.64
C ALA F 45 1.57 -9.75 20.07
N ASP F 46 2.37 -9.27 21.01
CA ASP F 46 1.96 -9.24 22.42
C ASP F 46 1.23 -7.92 22.64
N TYR F 47 -0.11 -7.97 22.58
CA TYR F 47 -0.91 -6.77 22.73
C TYR F 47 -1.00 -6.30 24.18
N SER F 48 -0.58 -7.13 25.14
CA SER F 48 -0.59 -6.68 26.53
C SER F 48 0.32 -5.48 26.74
N VAL F 49 1.40 -5.39 25.96
CA VAL F 49 2.29 -4.23 26.01
C VAL F 49 1.65 -2.99 25.44
N LEU F 50 0.44 -3.12 24.86
CA LEU F 50 -0.27 -1.98 24.27
C LEU F 50 -1.21 -1.32 25.27
N TYR F 51 -2.23 -2.05 25.73
CA TYR F 51 -3.25 -1.40 26.56
C TYR F 51 -2.64 -0.90 27.88
N ASN F 52 -1.58 -1.54 28.35
CA ASN F 52 -0.89 -1.09 29.55
C ASN F 52 0.44 -0.42 29.16
N SER F 53 1.32 -0.27 30.15
CA SER F 53 2.67 0.27 29.97
C SER F 53 2.70 1.74 29.55
N ALA F 54 1.56 2.30 29.17
CA ALA F 54 1.47 3.68 28.74
C ALA F 54 0.19 4.28 29.29
N SER F 55 -0.09 5.53 28.90
CA SER F 55 -1.31 6.23 29.32
C SER F 55 -1.97 6.81 28.09
N PHE F 56 -3.12 6.25 27.71
CA PHE F 56 -3.87 6.67 26.55
C PHE F 56 -5.12 7.46 26.95
N SER F 57 -5.49 8.43 26.12
CA SER F 57 -6.70 9.19 26.33
C SER F 57 -7.92 8.56 25.66
N THR F 58 -7.71 7.87 24.54
CA THR F 58 -8.79 7.25 23.78
C THR F 58 -8.34 5.88 23.32
N PHE F 59 -9.19 4.86 23.56
CA PHE F 59 -8.90 3.49 23.12
C PHE F 59 -10.24 2.89 22.65
N LYS F 60 -10.59 3.16 21.39
CA LYS F 60 -11.88 2.76 20.84
C LYS F 60 -11.68 1.75 19.72
N CYS F 61 -12.14 0.53 19.94
CA CYS F 61 -12.05 -0.55 18.98
C CYS F 61 -13.42 -0.80 18.35
N TYR F 62 -13.43 -0.97 17.03
CA TYR F 62 -14.66 -1.17 16.27
C TYR F 62 -14.60 -2.56 15.65
N GLY F 63 -15.63 -3.37 15.91
CA GLY F 63 -15.72 -4.70 15.34
C GLY F 63 -14.96 -5.79 16.07
N VAL F 64 -14.18 -5.46 17.09
CA VAL F 64 -13.39 -6.44 17.83
C VAL F 64 -13.12 -5.89 19.22
N SER F 65 -13.11 -6.78 20.22
CA SER F 65 -12.78 -6.40 21.59
C SER F 65 -11.26 -6.41 21.78
N PRO F 66 -10.67 -5.36 22.37
CA PRO F 66 -9.22 -5.36 22.57
C PRO F 66 -8.74 -6.43 23.53
N THR F 67 -9.61 -6.93 24.42
CA THR F 67 -9.22 -7.97 25.35
C THR F 67 -9.17 -9.35 24.71
N LYS F 68 -9.55 -9.48 23.44
CA LYS F 68 -9.50 -10.74 22.70
C LYS F 68 -8.37 -10.79 21.68
N LEU F 69 -7.53 -9.76 21.63
CA LEU F 69 -6.51 -9.71 20.59
C LEU F 69 -5.45 -10.78 20.78
N ASN F 70 -5.06 -11.05 22.03
CA ASN F 70 -4.07 -12.09 22.28
C ASN F 70 -4.57 -13.49 21.95
N ASP F 71 -5.83 -13.66 21.57
CA ASP F 71 -6.37 -14.98 21.26
C ASP F 71 -6.74 -15.15 19.79
N LEU F 72 -6.58 -14.12 18.97
CA LEU F 72 -6.95 -14.19 17.57
C LEU F 72 -5.72 -14.00 16.68
N CYS F 73 -5.85 -14.42 15.43
CA CYS F 73 -4.79 -14.30 14.43
C CYS F 73 -5.34 -13.58 13.21
N PHE F 74 -4.47 -12.83 12.55
CA PHE F 74 -4.83 -12.07 11.35
C PHE F 74 -3.75 -12.26 10.30
N THR F 75 -4.16 -12.13 9.04
CA THR F 75 -3.19 -12.24 7.95
C THR F 75 -2.31 -10.99 7.88
N ASN F 76 -2.84 -9.84 8.28
CA ASN F 76 -2.08 -8.60 8.27
C ASN F 76 -2.62 -7.69 9.36
N VAL F 77 -1.76 -6.79 9.82
CA VAL F 77 -2.15 -5.72 10.73
C VAL F 77 -1.47 -4.45 10.27
N TYR F 78 -2.24 -3.39 10.10
CA TYR F 78 -1.71 -2.11 9.65
C TYR F 78 -1.81 -1.11 10.79
N ALA F 79 -0.80 -0.26 10.91
CA ALA F 79 -0.75 0.78 11.94
C ALA F 79 -0.55 2.12 11.25
N ASP F 80 -1.60 2.93 11.20
CA ASP F 80 -1.54 4.26 10.64
C ASP F 80 -1.38 5.28 11.76
N SER F 81 -0.37 6.12 11.65
CA SER F 81 -0.04 7.09 12.70
C SER F 81 0.00 8.50 12.13
N PHE F 82 -0.48 9.46 12.92
CA PHE F 82 -0.51 10.88 12.54
C PHE F 82 -0.77 11.68 13.81
N VAL F 83 -0.90 13.00 13.64
CA VAL F 83 -1.09 13.92 14.76
C VAL F 83 -2.18 14.92 14.39
N ILE F 84 -3.13 15.12 15.30
CA ILE F 84 -4.19 16.10 15.14
C ILE F 84 -4.45 16.78 16.48
N ARG F 85 -5.43 17.68 16.49
CA ARG F 85 -5.88 18.34 17.70
C ARG F 85 -6.73 17.39 18.54
N GLY F 86 -6.77 17.66 19.84
CA GLY F 86 -7.55 16.81 20.75
C GLY F 86 -9.02 16.77 20.40
N ASP F 87 -9.60 17.93 20.09
CA ASP F 87 -11.01 17.97 19.72
C ASP F 87 -11.29 17.22 18.42
N GLU F 88 -10.30 17.13 17.54
CA GLU F 88 -10.47 16.46 16.25
C GLU F 88 -10.35 14.93 16.35
N VAL F 89 -9.96 14.40 17.50
CA VAL F 89 -9.82 12.95 17.63
C VAL F 89 -11.17 12.26 17.45
N ARG F 90 -12.25 12.91 17.86
CA ARG F 90 -13.58 12.32 17.67
C ARG F 90 -13.89 12.05 16.20
N GLN F 91 -13.18 12.71 15.27
CA GLN F 91 -13.42 12.49 13.85
C GLN F 91 -12.80 11.21 13.32
N ILE F 92 -11.86 10.60 14.05
CA ILE F 92 -11.20 9.36 13.67
C ILE F 92 -12.08 8.19 14.09
N ALA F 93 -13.22 8.04 13.43
CA ALA F 93 -14.19 6.99 13.72
C ALA F 93 -15.05 6.80 12.49
N PRO F 94 -15.65 5.62 12.31
CA PRO F 94 -16.50 5.39 11.13
C PRO F 94 -17.67 6.36 11.08
N GLY F 95 -18.01 6.79 9.86
CA GLY F 95 -19.17 7.64 9.66
C GLY F 95 -19.03 9.07 10.12
N GLN F 96 -17.83 9.54 10.41
CA GLN F 96 -17.62 10.88 10.94
C GLN F 96 -17.45 11.91 9.82
N THR F 97 -17.67 13.18 10.18
CA THR F 97 -17.54 14.31 9.27
C THR F 97 -16.59 15.32 9.89
N GLY F 98 -16.19 16.31 9.10
CA GLY F 98 -15.22 17.30 9.50
C GLY F 98 -14.03 17.34 8.56
N LYS F 99 -13.23 18.40 8.73
CA LYS F 99 -12.09 18.59 7.84
C LYS F 99 -11.05 17.49 7.97
N ILE F 100 -10.97 16.85 9.13
CA ILE F 100 -10.05 15.73 9.30
C ILE F 100 -10.63 14.45 8.69
N ALA F 101 -11.89 14.15 8.99
CA ALA F 101 -12.52 12.94 8.46
C ALA F 101 -12.66 13.00 6.95
N ASP F 102 -12.99 14.19 6.42
CA ASP F 102 -13.32 14.31 5.00
C ASP F 102 -12.09 14.54 4.13
N TYR F 103 -11.13 15.33 4.62
CA TYR F 103 -10.03 15.79 3.78
C TYR F 103 -8.68 15.20 4.16
N ASN F 104 -8.59 14.41 5.24
CA ASN F 104 -7.26 14.01 5.69
C ASN F 104 -7.14 12.52 5.97
N TYR F 105 -8.08 11.97 6.73
CA TYR F 105 -8.04 10.55 7.09
C TYR F 105 -9.46 10.07 7.32
N LYS F 106 -9.92 9.14 6.49
CA LYS F 106 -11.27 8.62 6.59
C LYS F 106 -11.23 7.13 6.86
N LEU F 107 -11.97 6.69 7.90
CA LEU F 107 -12.18 5.29 8.17
C LEU F 107 -13.43 4.79 7.45
N PRO F 108 -13.42 3.53 7.02
CA PRO F 108 -14.61 2.98 6.37
C PRO F 108 -15.70 2.64 7.38
N ASP F 109 -16.92 2.50 6.85
CA ASP F 109 -18.05 2.14 7.71
C ASP F 109 -17.90 0.74 8.28
N ASP F 110 -17.32 -0.18 7.50
CA ASP F 110 -17.08 -1.55 7.95
C ASP F 110 -15.71 -1.69 8.62
N PHE F 111 -15.28 -0.67 9.36
CA PHE F 111 -13.96 -0.68 9.95
C PHE F 111 -13.85 -1.75 11.03
N THR F 112 -12.74 -2.47 11.02
CA THR F 112 -12.44 -3.49 12.04
C THR F 112 -11.04 -3.20 12.60
N GLY F 113 -11.00 -2.42 13.68
CA GLY F 113 -9.73 -2.07 14.28
C GLY F 113 -9.93 -1.21 15.51
N CYS F 114 -8.85 -0.52 15.89
CA CYS F 114 -8.85 0.27 17.12
C CYS F 114 -8.24 1.63 16.88
N VAL F 115 -8.86 2.65 17.44
CA VAL F 115 -8.32 4.01 17.42
C VAL F 115 -7.70 4.30 18.78
N ILE F 116 -6.40 4.59 18.78
CA ILE F 116 -5.65 4.87 19.99
C ILE F 116 -5.04 6.25 19.86
N ALA F 117 -5.19 7.06 20.92
CA ALA F 117 -4.69 8.43 20.91
C ALA F 117 -4.30 8.85 22.31
N TRP F 118 -3.32 9.74 22.39
CA TRP F 118 -2.86 10.25 23.67
C TRP F 118 -2.31 11.67 23.48
N ASN F 119 -2.38 12.46 24.55
CA ASN F 119 -1.88 13.83 24.51
C ASN F 119 -0.37 13.84 24.26
N SER F 120 0.06 14.68 23.32
CA SER F 120 1.47 14.75 22.96
C SER F 120 2.00 16.18 23.03
N ASN F 121 1.42 16.99 23.92
CA ASN F 121 1.81 18.39 24.01
C ASN F 121 3.27 18.53 24.44
N ASN F 122 3.77 17.60 25.24
CA ASN F 122 5.14 17.68 25.75
C ASN F 122 6.19 17.33 24.70
N LEU F 123 5.79 16.79 23.55
CA LEU F 123 6.72 16.40 22.51
C LEU F 123 6.47 17.06 21.17
N ASP F 124 5.22 17.35 20.83
CA ASP F 124 4.87 17.91 19.53
C ASP F 124 4.59 19.41 19.58
N SER F 125 5.13 20.11 20.58
CA SER F 125 4.89 21.53 20.69
C SER F 125 6.15 22.24 21.16
N LYS F 126 6.40 23.41 20.57
CA LYS F 126 7.55 24.23 20.88
C LYS F 126 7.09 25.60 21.37
N VAL F 127 8.03 26.32 21.99
CA VAL F 127 7.69 27.61 22.61
C VAL F 127 7.11 28.58 21.59
N GLY F 128 7.84 28.81 20.50
CA GLY F 128 7.34 29.67 19.45
C GLY F 128 6.23 29.07 18.62
N GLY F 129 5.87 27.81 18.86
CA GLY F 129 4.86 27.13 18.06
C GLY F 129 5.46 26.16 17.06
N ASN F 130 4.97 24.92 17.08
CA ASN F 130 5.45 23.89 16.16
C ASN F 130 4.63 23.98 14.87
N TYR F 131 5.27 24.44 13.80
CA TYR F 131 4.60 24.59 12.52
C TYR F 131 4.93 23.48 11.54
N ASN F 132 5.51 22.38 12.01
CA ASN F 132 5.85 21.27 11.11
C ASN F 132 4.69 20.32 10.88
N TYR F 133 3.70 20.30 11.76
CA TYR F 133 2.53 19.45 11.61
C TYR F 133 1.46 20.22 10.84
N LEU F 134 1.00 19.66 9.73
CA LEU F 134 0.03 20.32 8.86
C LEU F 134 -1.24 19.50 8.76
N TYR F 135 -2.25 20.10 8.10
CA TYR F 135 -3.50 19.42 7.83
C TYR F 135 -4.10 20.01 6.57
N ARG F 136 -4.92 19.23 5.87
CA ARG F 136 -5.56 19.69 4.65
C ARG F 136 -6.83 20.44 5.01
N LEU F 137 -6.92 21.70 4.58
CA LEU F 137 -8.08 22.54 4.87
C LEU F 137 -9.11 22.54 3.76
N PHE F 138 -8.69 22.38 2.50
CA PHE F 138 -9.59 22.45 1.37
C PHE F 138 -9.41 21.23 0.46
N ARG F 139 -10.51 20.76 -0.11
CA ARG F 139 -10.53 19.67 -1.07
C ARG F 139 -11.85 19.70 -1.82
N LYS F 140 -11.79 19.33 -3.10
CA LYS F 140 -12.96 19.41 -3.96
C LYS F 140 -13.98 18.33 -3.65
N SER F 141 -13.58 17.25 -2.96
CA SER F 141 -14.50 16.17 -2.61
C SER F 141 -13.94 15.45 -1.39
N ASN F 142 -14.76 14.57 -0.81
CA ASN F 142 -14.32 13.80 0.34
C ASN F 142 -13.41 12.67 -0.08
N LEU F 143 -12.51 12.28 0.83
CA LEU F 143 -11.63 11.14 0.60
C LEU F 143 -12.39 9.83 0.69
N LYS F 144 -11.93 8.85 -0.08
CA LYS F 144 -12.36 7.47 0.11
C LYS F 144 -11.63 6.86 1.31
N PRO F 145 -12.21 5.83 1.93
CA PRO F 145 -11.57 5.22 3.10
C PRO F 145 -10.11 4.82 2.85
N PHE F 146 -9.24 5.26 3.73
CA PHE F 146 -7.80 5.00 3.70
C PHE F 146 -7.10 5.67 2.53
N GLU F 147 -7.70 6.68 1.92
CA GLU F 147 -6.98 7.45 0.92
C GLU F 147 -5.94 8.33 1.59
N ARG F 148 -4.91 8.71 0.83
CA ARG F 148 -3.84 9.57 1.34
C ARG F 148 -3.48 10.57 0.25
N ASP F 149 -3.97 11.80 0.41
CA ASP F 149 -3.72 12.88 -0.54
C ASP F 149 -2.56 13.74 -0.05
N ILE F 150 -1.54 13.87 -0.88
CA ILE F 150 -0.36 14.67 -0.59
C ILE F 150 -0.15 15.80 -1.61
N SER F 151 -1.15 16.07 -2.43
CA SER F 151 -1.03 17.08 -3.46
C SER F 151 -1.12 18.48 -2.87
N THR F 152 -0.52 19.43 -3.57
CA THR F 152 -0.52 20.85 -3.19
C THR F 152 -1.09 21.72 -4.30
N GLU F 153 -2.13 21.23 -4.98
CA GLU F 153 -2.79 22.03 -6.01
C GLU F 153 -3.55 23.18 -5.36
N ILE F 154 -3.44 24.37 -5.96
CA ILE F 154 -4.08 25.56 -5.40
C ILE F 154 -5.60 25.39 -5.47
N TYR F 155 -6.26 25.59 -4.33
CA TYR F 155 -7.70 25.39 -4.24
C TYR F 155 -8.44 26.64 -4.71
N GLN F 156 -9.36 26.46 -5.65
CA GLN F 156 -10.17 27.55 -6.17
C GLN F 156 -11.42 27.69 -5.31
N ALA F 157 -11.45 28.72 -4.47
CA ALA F 157 -12.57 28.98 -3.59
C ALA F 157 -13.56 30.00 -4.17
N GLY F 158 -13.16 30.74 -5.21
CA GLY F 158 -14.00 31.75 -5.81
C GLY F 158 -14.39 31.41 -7.23
N SER F 159 -15.01 32.40 -7.88
CA SER F 159 -15.48 32.21 -9.25
C SER F 159 -14.34 32.29 -10.26
N THR F 160 -13.32 33.08 -9.99
CA THR F 160 -12.23 33.25 -10.95
C THR F 160 -11.25 32.08 -10.83
N PRO F 161 -10.71 31.60 -11.95
CA PRO F 161 -9.73 30.53 -11.90
C PRO F 161 -8.40 31.02 -11.35
N CYS F 162 -7.71 30.12 -10.64
CA CYS F 162 -6.46 30.46 -9.97
C CYS F 162 -5.23 30.37 -10.87
N ASN F 163 -5.22 29.40 -11.80
CA ASN F 163 -4.06 29.15 -12.66
C ASN F 163 -2.82 28.76 -11.86
N GLY F 164 -3.02 28.21 -10.65
CA GLY F 164 -1.90 27.75 -9.86
C GLY F 164 -1.11 28.81 -9.14
N VAL F 165 -1.69 29.98 -8.89
CA VAL F 165 -1.06 31.01 -8.09
C VAL F 165 -1.99 31.37 -6.94
N GLU F 166 -1.43 31.52 -5.75
CA GLU F 166 -2.21 31.83 -4.56
C GLU F 166 -2.64 33.29 -4.54
N GLY F 167 -3.87 33.52 -4.10
CA GLY F 167 -4.43 34.87 -4.05
C GLY F 167 -5.82 34.91 -3.45
N PHE F 168 -6.62 35.92 -3.83
CA PHE F 168 -7.97 36.06 -3.29
C PHE F 168 -8.83 34.90 -3.75
N ASN F 169 -9.39 34.16 -2.78
CA ASN F 169 -10.19 32.97 -3.05
C ASN F 169 -9.39 31.91 -3.82
N CYS F 170 -8.07 31.88 -3.59
CA CYS F 170 -7.17 30.88 -4.17
C CYS F 170 -6.18 30.53 -3.08
N TYR F 171 -6.43 29.43 -2.37
CA TYR F 171 -5.68 29.12 -1.17
C TYR F 171 -4.75 27.93 -1.39
N PHE F 172 -3.62 27.98 -0.70
CA PHE F 172 -2.79 26.80 -0.55
C PHE F 172 -3.56 25.79 0.28
N PRO F 173 -3.77 24.56 -0.21
CA PRO F 173 -4.72 23.66 0.46
C PRO F 173 -4.26 23.18 1.81
N LEU F 174 -2.98 23.23 2.12
CA LEU F 174 -2.48 22.77 3.41
C LEU F 174 -2.32 23.97 4.34
N GLN F 175 -2.50 23.72 5.63
CA GLN F 175 -2.33 24.74 6.65
C GLN F 175 -1.63 24.15 7.86
N SER F 176 -0.92 25.01 8.58
CA SER F 176 -0.10 24.59 9.70
C SER F 176 -0.86 24.73 11.01
N TYR F 177 -0.78 23.71 11.85
CA TYR F 177 -1.23 23.83 13.23
C TYR F 177 -0.34 24.80 13.99
N GLY F 178 -0.90 25.41 15.03
CA GLY F 178 -0.10 26.25 15.90
C GLY F 178 0.78 25.42 16.82
N PHE F 179 0.14 24.62 17.68
CA PHE F 179 0.81 23.74 18.63
C PHE F 179 1.84 24.50 19.47
N GLN F 180 1.30 25.32 20.37
CA GLN F 180 2.06 25.98 21.42
C GLN F 180 1.71 25.33 22.76
N PRO F 181 2.66 25.19 23.68
CA PRO F 181 2.36 24.50 24.94
C PRO F 181 1.30 25.19 25.80
N THR F 182 1.07 26.47 25.57
CA THR F 182 0.06 27.25 26.29
C THR F 182 -1.24 27.39 25.50
N ASN F 183 -1.42 26.59 24.45
CA ASN F 183 -2.63 26.67 23.63
C ASN F 183 -3.89 26.34 24.42
N GLY F 184 -4.10 25.06 24.70
CA GLY F 184 -5.28 24.61 25.40
C GLY F 184 -5.54 23.16 25.07
N VAL F 185 -6.08 22.39 26.02
CA VAL F 185 -6.13 20.94 25.87
C VAL F 185 -6.91 20.55 24.61
N GLY F 186 -7.96 21.29 24.26
CA GLY F 186 -8.70 20.98 23.05
C GLY F 186 -7.91 21.23 21.78
N TYR F 187 -6.94 22.14 21.83
CA TYR F 187 -6.09 22.45 20.68
C TYR F 187 -4.68 21.88 20.80
N GLN F 188 -4.41 21.06 21.82
CA GLN F 188 -3.08 20.50 21.99
C GLN F 188 -2.90 19.28 21.08
N PRO F 189 -1.66 18.98 20.71
CA PRO F 189 -1.43 17.86 19.78
C PRO F 189 -1.65 16.51 20.46
N TYR F 190 -2.40 15.64 19.79
CA TYR F 190 -2.61 14.26 20.22
C TYR F 190 -2.03 13.33 19.15
N ARG F 191 -1.16 12.42 19.58
CA ARG F 191 -0.63 11.41 18.67
C ARG F 191 -1.65 10.28 18.55
N VAL F 192 -2.04 9.98 17.32
CA VAL F 192 -3.05 8.97 17.03
C VAL F 192 -2.40 7.83 16.26
N VAL F 193 -2.81 6.61 16.59
CA VAL F 193 -2.45 5.42 15.82
C VAL F 193 -3.71 4.61 15.61
N VAL F 194 -3.93 4.18 14.37
CA VAL F 194 -5.11 3.41 14.02
C VAL F 194 -4.64 2.03 13.57
N LEU F 195 -5.09 1.00 14.28
CA LEU F 195 -4.76 -0.38 13.95
C LEU F 195 -5.87 -0.99 13.12
N SER F 196 -5.51 -1.55 11.98
CA SER F 196 -6.44 -2.29 11.14
C SER F 196 -6.07 -3.76 11.17
N PHE F 197 -7.04 -4.61 11.47
CA PHE F 197 -6.84 -6.05 11.57
C PHE F 197 -7.45 -6.69 10.32
N GLU F 198 -6.60 -7.04 9.36
CA GLU F 198 -7.03 -7.58 8.08
C GLU F 198 -6.88 -9.10 8.08
N LEU F 199 -7.97 -9.80 7.76
CA LEU F 199 -7.94 -11.24 7.61
C LEU F 199 -8.43 -11.60 6.22
N LEU F 200 -7.58 -12.23 5.43
CA LEU F 200 -7.91 -12.70 4.10
C LEU F 200 -7.93 -14.22 4.11
N HIS F 201 -8.32 -14.80 2.97
CA HIS F 201 -8.22 -16.24 2.80
C HIS F 201 -6.76 -16.54 2.44
N ALA F 202 -5.94 -16.58 3.48
CA ALA F 202 -4.50 -16.77 3.36
C ALA F 202 -3.96 -17.14 4.73
N PRO F 203 -2.83 -17.85 4.80
CA PRO F 203 -2.28 -18.21 6.12
C PRO F 203 -2.02 -16.99 6.98
N ALA F 204 -2.36 -17.11 8.25
CA ALA F 204 -2.20 -16.00 9.19
C ALA F 204 -0.72 -15.73 9.46
N THR F 205 -0.40 -14.45 9.69
CA THR F 205 0.97 -14.03 9.93
C THR F 205 1.19 -13.34 11.27
N VAL F 206 0.14 -12.90 11.95
CA VAL F 206 0.25 -12.20 13.23
C VAL F 206 -0.64 -12.91 14.24
N CYS F 207 -0.05 -13.37 15.34
CA CYS F 207 -0.77 -14.10 16.38
C CYS F 207 -0.26 -13.71 17.76
N GLY F 208 -0.98 -14.16 18.78
CA GLY F 208 -0.56 -14.02 20.16
C GLY F 208 0.34 -15.14 20.62
N PRO F 209 0.96 -14.98 21.79
CA PRO F 209 1.86 -16.01 22.33
C PRO F 209 1.07 -17.23 22.81
N LYS F 210 1.34 -18.38 22.20
CA LYS F 210 0.65 -19.62 22.54
C LYS F 210 1.64 -20.77 22.66
N LYS F 211 1.13 -21.90 23.15
CA LYS F 211 1.89 -23.14 23.28
C LYS F 211 1.60 -24.08 22.12
N SER F 212 1.68 -25.39 22.34
CA SER F 212 1.42 -26.32 21.23
C SER F 212 1.11 -27.70 21.75
N THR F 213 0.41 -28.46 20.92
CA THR F 213 0.10 -29.86 21.14
C THR F 213 -0.23 -30.48 19.78
N ASN F 214 -0.61 -31.75 19.80
CA ASN F 214 -1.05 -32.41 18.57
C ASN F 214 -1.82 -33.67 18.93
N LEU F 215 -2.85 -33.94 18.14
CA LEU F 215 -3.56 -35.22 18.24
C LEU F 215 -4.12 -35.54 16.86
N VAL F 216 -3.91 -36.77 16.41
CA VAL F 216 -4.42 -37.19 15.11
C VAL F 216 -5.26 -38.43 15.34
N LYS F 217 -6.20 -38.66 14.43
CA LYS F 217 -7.11 -39.80 14.49
C LYS F 217 -7.69 -39.98 15.90
N ASN F 218 -8.14 -38.85 16.49
CA ASN F 218 -8.73 -38.87 17.82
C ASN F 218 -9.91 -37.92 17.94
N LYS F 219 -9.81 -36.95 18.84
CA LYS F 219 -10.89 -35.98 19.04
C LYS F 219 -10.34 -34.57 19.26
C1 NAG G . 19.05 -11.24 -1.43
C2 NAG G . 19.90 -9.96 -1.26
C3 NAG G . 20.98 -9.88 -2.34
C4 NAG G . 21.80 -11.17 -2.36
C5 NAG G . 20.87 -12.37 -2.52
C6 NAG G . 21.60 -13.70 -2.50
C7 NAG G . 18.34 -8.13 -2.08
C8 NAG G . 18.20 -8.80 -3.42
N2 NAG G . 19.13 -8.72 -1.16
O3 NAG G . 21.82 -8.76 -2.12
O4 NAG G . 22.73 -11.15 -3.44
O5 NAG G . 19.90 -12.40 -1.46
O6 NAG G . 21.78 -14.17 -1.18
O7 NAG G . 17.76 -7.08 -1.83
C1 NAG H . 7.42 2.40 24.49
C2 NAG H . 6.92 0.96 24.38
C3 NAG H . 6.50 0.43 25.76
C4 NAG H . 7.63 0.61 26.76
C5 NAG H . 8.07 2.07 26.80
C6 NAG H . 9.25 2.30 27.70
C7 NAG H . 5.50 -0.26 22.78
C8 NAG H . 4.33 -0.17 21.85
N2 NAG H . 5.82 0.86 23.44
O3 NAG H . 6.15 -0.94 25.66
O4 NAG H . 7.20 0.20 28.06
O5 NAG H . 8.47 2.48 25.49
O6 NAG H . 10.08 3.36 27.24
O7 NAG H . 6.14 -1.30 22.93
#